data_2OFQ
#
_entry.id   2OFQ
#
loop_
_entity.id
_entity.type
_entity.pdbx_description
1 polymer TraO
2 polymer TraN
#
loop_
_entity_poly.entity_id
_entity_poly.type
_entity_poly.pdbx_seq_one_letter_code
_entity_poly.pdbx_strand_id
1 'polypeptide(L)'
;AGAKNYQYVMSEQPEMRSIQPVHVWDNYRFTRFEFPANAELPQVYMISASGKETLPNSHVVGENRNIIEVETVAKEWRIR
LGDKVVGVRNNNFAP
;
A
2 'polypeptide(L)' PPPEPDWSNTVPVNKTIPVDTQ B
#
# COMPACT_ATOMS: atom_id res chain seq x y z
N ALA A 1 21.86 1.74 -2.48
CA ALA A 1 21.13 2.03 -3.74
C ALA A 1 21.34 0.92 -4.76
N GLY A 2 20.25 0.23 -5.10
CA GLY A 2 20.33 -0.86 -6.06
C GLY A 2 19.02 -1.09 -6.78
N ALA A 3 18.80 -2.32 -7.22
CA ALA A 3 17.58 -2.68 -7.93
C ALA A 3 16.53 -3.22 -6.98
N LYS A 4 15.44 -2.48 -6.80
CA LYS A 4 14.36 -2.89 -5.91
C LYS A 4 13.19 -3.47 -6.71
N ASN A 5 12.28 -4.15 -6.01
CA ASN A 5 11.13 -4.75 -6.66
C ASN A 5 9.84 -4.41 -5.90
N TYR A 6 8.99 -3.62 -6.54
CA TYR A 6 7.73 -3.23 -5.94
C TYR A 6 6.55 -3.69 -6.80
N GLN A 7 6.00 -4.84 -6.45
CA GLN A 7 4.87 -5.39 -7.17
C GLN A 7 3.65 -5.44 -6.25
N TYR A 8 2.72 -4.52 -6.46
CA TYR A 8 1.51 -4.44 -5.64
C TYR A 8 0.26 -4.39 -6.51
N VAL A 9 -0.85 -4.84 -5.93
CA VAL A 9 -2.14 -4.85 -6.61
C VAL A 9 -3.26 -4.51 -5.64
N MET A 10 -4.07 -3.52 -6.01
CA MET A 10 -5.17 -3.10 -5.15
C MET A 10 -6.51 -3.21 -5.86
N SER A 11 -7.55 -3.53 -5.10
CA SER A 11 -8.89 -3.68 -5.65
C SER A 11 -9.30 -2.41 -6.40
N GLU A 12 -9.82 -2.57 -7.62
CA GLU A 12 -10.24 -1.43 -8.41
C GLU A 12 -11.71 -1.07 -8.16
N GLN A 13 -11.93 -0.20 -7.19
CA GLN A 13 -13.28 0.24 -6.85
C GLN A 13 -13.34 1.78 -6.84
N PRO A 14 -14.26 2.37 -7.63
CA PRO A 14 -14.41 3.82 -7.70
C PRO A 14 -15.00 4.42 -6.42
N GLU A 15 -15.49 3.55 -5.54
CA GLU A 15 -16.09 3.99 -4.28
C GLU A 15 -15.02 4.24 -3.22
N MET A 16 -13.98 3.42 -3.21
CA MET A 16 -12.91 3.55 -2.23
C MET A 16 -11.69 4.27 -2.82
N ARG A 17 -11.91 4.96 -3.94
CA ARG A 17 -10.84 5.69 -4.61
C ARG A 17 -10.32 6.82 -3.72
N SER A 18 -11.18 7.31 -2.84
CA SER A 18 -10.81 8.40 -1.93
C SER A 18 -9.52 8.08 -1.18
N ILE A 19 -9.47 6.93 -0.54
CA ILE A 19 -8.29 6.53 0.22
C ILE A 19 -7.38 5.62 -0.61
N GLN A 20 -7.66 5.53 -1.91
CA GLN A 20 -6.86 4.69 -2.80
C GLN A 20 -5.41 5.15 -2.81
N PRO A 21 -4.46 4.29 -2.42
CA PRO A 21 -3.03 4.62 -2.40
C PRO A 21 -2.48 4.88 -3.80
N VAL A 22 -1.85 6.03 -3.98
CA VAL A 22 -1.27 6.40 -5.27
C VAL A 22 -0.34 5.30 -5.77
N HIS A 23 0.79 5.13 -5.08
CA HIS A 23 1.76 4.11 -5.45
C HIS A 23 2.42 3.53 -4.20
N VAL A 24 2.96 2.32 -4.32
CA VAL A 24 3.61 1.66 -3.19
C VAL A 24 4.87 0.91 -3.62
N TRP A 25 5.92 1.03 -2.81
CA TRP A 25 7.19 0.36 -3.09
C TRP A 25 7.85 -0.05 -1.78
N ASP A 26 8.41 -1.26 -1.76
CA ASP A 26 9.07 -1.76 -0.55
C ASP A 26 10.57 -1.90 -0.76
N ASN A 27 11.27 -2.22 0.33
CA ASN A 27 12.71 -2.39 0.30
C ASN A 27 13.14 -3.48 1.28
N TYR A 28 14.36 -3.99 1.11
CA TYR A 28 14.89 -5.04 1.98
C TYR A 28 14.83 -4.63 3.45
N ARG A 29 14.81 -3.32 3.70
CA ARG A 29 14.77 -2.81 5.06
C ARG A 29 13.35 -2.42 5.48
N PHE A 30 12.83 -1.35 4.88
CA PHE A 30 11.48 -0.88 5.20
C PHE A 30 10.64 -0.69 3.95
N THR A 31 9.35 -0.44 4.14
CA THR A 31 8.43 -0.24 3.04
C THR A 31 7.77 1.13 3.12
N ARG A 32 7.56 1.78 1.98
CA ARG A 32 6.95 3.10 1.95
C ARG A 32 5.67 3.11 1.12
N PHE A 33 4.71 3.91 1.55
CA PHE A 33 3.43 4.02 0.86
C PHE A 33 3.17 5.48 0.48
N GLU A 34 2.93 5.72 -0.81
CA GLU A 34 2.68 7.09 -1.28
C GLU A 34 1.19 7.36 -1.44
N PHE A 35 0.70 8.37 -0.72
CA PHE A 35 -0.71 8.74 -0.77
C PHE A 35 -0.86 10.18 -1.29
N PRO A 36 -2.08 10.53 -1.76
CA PRO A 36 -2.35 11.88 -2.29
C PRO A 36 -2.11 12.96 -1.24
N ALA A 37 -1.81 14.17 -1.70
CA ALA A 37 -1.56 15.29 -0.79
C ALA A 37 -2.86 15.94 -0.35
N ASN A 38 -3.90 15.83 -1.19
CA ASN A 38 -5.20 16.40 -0.88
C ASN A 38 -6.03 15.45 -0.05
N ALA A 39 -5.61 14.20 -0.02
CA ALA A 39 -6.32 13.17 0.74
C ALA A 39 -5.66 12.93 2.10
N GLU A 40 -6.36 12.19 2.96
CA GLU A 40 -5.85 11.89 4.29
C GLU A 40 -5.07 10.57 4.29
N LEU A 41 -4.17 10.42 5.25
CA LEU A 41 -3.36 9.21 5.36
C LEU A 41 -4.03 8.18 6.26
N PRO A 42 -4.47 7.04 5.67
CA PRO A 42 -5.12 5.97 6.43
C PRO A 42 -4.12 5.06 7.14
N GLN A 43 -4.64 4.07 7.85
CA GLN A 43 -3.81 3.12 8.58
C GLN A 43 -3.68 1.82 7.81
N VAL A 44 -2.45 1.39 7.56
CA VAL A 44 -2.21 0.16 6.83
C VAL A 44 -1.93 -1.02 7.75
N TYR A 45 -2.78 -2.04 7.66
CA TYR A 45 -2.64 -3.24 8.49
C TYR A 45 -1.84 -4.31 7.74
N MET A 46 -1.61 -5.42 8.41
CA MET A 46 -0.87 -6.53 7.82
C MET A 46 -1.38 -7.86 8.36
N ILE A 47 -1.50 -8.84 7.49
CA ILE A 47 -1.98 -10.16 7.87
C ILE A 47 -0.88 -11.00 8.51
N SER A 48 -0.95 -11.13 9.84
CA SER A 48 0.04 -11.89 10.59
C SER A 48 0.00 -13.37 10.19
N ALA A 49 0.90 -14.16 10.77
CA ALA A 49 0.97 -15.58 10.48
C ALA A 49 -0.22 -16.32 11.09
N SER A 50 -1.02 -15.60 11.88
CA SER A 50 -2.18 -16.19 12.52
C SER A 50 -3.37 -16.25 11.57
N GLY A 51 -3.78 -15.09 11.07
CA GLY A 51 -4.91 -15.02 10.15
C GLY A 51 -5.72 -13.76 10.32
N LYS A 52 -5.40 -12.98 11.35
CA LYS A 52 -6.12 -11.73 11.62
C LYS A 52 -5.30 -10.52 11.17
N GLU A 53 -5.89 -9.34 11.27
CA GLU A 53 -5.22 -8.11 10.87
C GLU A 53 -4.50 -7.47 12.05
N THR A 54 -3.28 -7.01 11.80
CA THR A 54 -2.48 -6.36 12.82
C THR A 54 -1.92 -5.04 12.30
N LEU A 55 -1.94 -4.01 13.12
CA LEU A 55 -1.45 -2.70 12.70
C LEU A 55 0.04 -2.54 13.07
N PRO A 56 0.93 -2.61 12.07
CA PRO A 56 2.37 -2.46 12.28
C PRO A 56 2.79 -1.00 12.51
N ASN A 57 3.96 -0.82 13.11
CA ASN A 57 4.47 0.52 13.38
C ASN A 57 4.67 1.29 12.08
N SER A 58 3.87 2.33 11.88
CA SER A 58 3.94 3.14 10.67
C SER A 58 4.70 4.44 10.92
N HIS A 59 5.22 5.02 9.85
CA HIS A 59 5.97 6.28 9.93
C HIS A 59 5.48 7.26 8.88
N VAL A 60 5.88 8.51 9.01
CA VAL A 60 5.47 9.55 8.06
C VAL A 60 6.68 10.27 7.46
N VAL A 61 6.72 10.35 6.14
CA VAL A 61 7.81 11.03 5.44
C VAL A 61 7.30 11.75 4.19
N GLY A 62 8.22 12.38 3.48
CA GLY A 62 7.85 13.11 2.27
C GLY A 62 7.89 14.62 2.46
N GLU A 63 7.82 15.35 1.35
CA GLU A 63 7.85 16.81 1.40
C GLU A 63 6.55 17.35 1.99
N ASN A 64 5.51 16.52 2.00
CA ASN A 64 4.22 16.93 2.52
C ASN A 64 3.73 15.93 3.57
N ARG A 65 4.61 15.02 3.99
CA ARG A 65 4.27 14.02 4.99
C ARG A 65 3.09 13.18 4.53
N ASN A 66 2.93 13.04 3.21
CA ASN A 66 1.83 12.27 2.65
C ASN A 66 2.25 10.82 2.42
N ILE A 67 3.39 10.44 2.98
CA ILE A 67 3.89 9.07 2.84
C ILE A 67 3.77 8.30 4.15
N ILE A 68 3.69 6.97 4.04
CA ILE A 68 3.57 6.11 5.22
C ILE A 68 4.54 4.95 5.13
N GLU A 69 5.64 5.03 5.87
CA GLU A 69 6.64 3.97 5.86
C GLU A 69 6.38 2.97 6.99
N VAL A 70 5.97 1.77 6.63
CA VAL A 70 5.69 0.73 7.60
C VAL A 70 6.95 -0.09 7.89
N GLU A 71 7.14 -0.45 9.16
CA GLU A 71 8.32 -1.22 9.57
C GLU A 71 8.07 -2.72 9.48
N THR A 72 7.84 -3.21 8.26
CA THR A 72 7.61 -4.63 8.01
C THR A 72 7.22 -4.88 6.56
N VAL A 73 7.49 -6.08 6.08
CA VAL A 73 7.15 -6.46 4.71
C VAL A 73 6.30 -7.73 4.68
N ALA A 74 5.14 -7.65 4.05
CA ALA A 74 4.23 -8.78 3.95
C ALA A 74 3.73 -8.96 2.52
N LYS A 75 2.80 -9.89 2.34
CA LYS A 75 2.23 -10.16 1.03
C LYS A 75 0.80 -9.67 0.93
N GLU A 76 0.25 -9.23 2.06
CA GLU A 76 -1.11 -8.73 2.10
C GLU A 76 -1.22 -7.50 3.00
N TRP A 77 -1.72 -6.40 2.43
CA TRP A 77 -1.88 -5.16 3.17
C TRP A 77 -3.33 -4.71 3.16
N ARG A 78 -3.85 -4.35 4.33
CA ARG A 78 -5.24 -3.90 4.43
C ARG A 78 -5.31 -2.44 4.89
N ILE A 79 -5.62 -1.55 3.96
CA ILE A 79 -5.72 -0.13 4.27
C ILE A 79 -7.14 0.23 4.70
N ARG A 80 -7.29 0.64 5.96
CA ARG A 80 -8.60 1.00 6.48
C ARG A 80 -8.59 2.42 7.06
N LEU A 81 -9.69 3.13 6.86
CA LEU A 81 -9.84 4.49 7.37
C LEU A 81 -11.29 4.95 7.26
N GLY A 82 -11.84 5.40 8.38
CA GLY A 82 -13.21 5.86 8.38
C GLY A 82 -14.20 4.75 8.08
N ASP A 83 -14.90 4.88 6.95
CA ASP A 83 -15.87 3.88 6.53
C ASP A 83 -15.50 3.26 5.19
N LYS A 84 -14.23 3.41 4.81
CA LYS A 84 -13.75 2.86 3.53
C LYS A 84 -12.51 2.00 3.73
N VAL A 85 -12.35 1.00 2.86
CA VAL A 85 -11.20 0.10 2.92
C VAL A 85 -10.69 -0.22 1.51
N VAL A 86 -9.39 -0.40 1.40
CA VAL A 86 -8.77 -0.72 0.12
C VAL A 86 -7.82 -1.90 0.27
N GLY A 87 -8.18 -3.02 -0.34
CA GLY A 87 -7.35 -4.22 -0.26
C GLY A 87 -6.16 -4.18 -1.19
N VAL A 88 -4.98 -4.37 -0.62
CA VAL A 88 -3.74 -4.38 -1.38
C VAL A 88 -2.99 -5.69 -1.18
N ARG A 89 -2.30 -6.14 -2.22
CA ARG A 89 -1.56 -7.40 -2.14
C ARG A 89 -0.23 -7.29 -2.88
N ASN A 90 0.85 -7.73 -2.23
CA ASN A 90 2.18 -7.68 -2.82
C ASN A 90 2.51 -8.99 -3.54
N ASN A 91 2.69 -8.91 -4.85
CA ASN A 91 3.01 -10.08 -5.65
C ASN A 91 4.48 -10.07 -6.06
N ASN A 92 5.34 -10.49 -5.15
CA ASN A 92 6.78 -10.53 -5.40
C ASN A 92 7.54 -10.95 -4.16
N PHE A 93 7.45 -10.14 -3.11
CA PHE A 93 8.12 -10.43 -1.86
C PHE A 93 9.63 -10.53 -2.05
N ALA A 94 10.34 -9.44 -1.77
CA ALA A 94 11.79 -9.41 -1.91
C ALA A 94 12.50 -10.05 -0.72
N PRO A 95 12.15 -9.65 0.52
CA PRO A 95 12.77 -10.19 1.72
C PRO A 95 12.42 -11.65 1.96
N PRO B 1 -21.56 3.30 2.93
CA PRO B 1 -21.84 1.86 2.68
C PRO B 1 -20.57 1.02 2.83
N PRO B 2 -20.72 -0.27 3.18
CA PRO B 2 -19.58 -1.17 3.36
C PRO B 2 -18.68 -1.22 2.12
N PRO B 3 -17.41 -0.80 2.26
CA PRO B 3 -16.46 -0.80 1.14
C PRO B 3 -16.10 -2.21 0.68
N GLU B 4 -15.20 -2.86 1.43
CA GLU B 4 -14.76 -4.21 1.11
C GLU B 4 -14.08 -4.26 -0.26
N PRO B 5 -12.83 -4.74 -0.33
CA PRO B 5 -12.09 -4.82 -1.58
C PRO B 5 -12.54 -6.02 -2.41
N ASP B 6 -13.31 -5.75 -3.46
CA ASP B 6 -13.82 -6.80 -4.33
C ASP B 6 -12.81 -7.18 -5.40
N TRP B 7 -11.70 -6.44 -5.48
CA TRP B 7 -10.67 -6.70 -6.48
C TRP B 7 -11.30 -6.77 -7.86
N SER B 8 -12.40 -6.04 -8.02
CA SER B 8 -13.13 -5.99 -9.29
C SER B 8 -12.21 -6.10 -10.50
N ASN B 9 -11.38 -5.09 -10.71
CA ASN B 9 -10.47 -5.09 -11.84
C ASN B 9 -9.01 -5.22 -11.40
N THR B 10 -8.81 -5.29 -10.09
CA THR B 10 -7.47 -5.43 -9.52
C THR B 10 -6.47 -4.53 -10.26
N VAL B 11 -6.34 -3.29 -9.80
CA VAL B 11 -5.43 -2.34 -10.42
C VAL B 11 -4.15 -2.18 -9.59
N PRO B 12 -2.99 -2.48 -10.18
CA PRO B 12 -1.70 -2.37 -9.50
C PRO B 12 -1.48 -1.03 -8.82
N VAL B 13 -0.43 -0.97 -8.01
CA VAL B 13 -0.10 0.24 -7.28
C VAL B 13 1.22 0.83 -7.80
N ASN B 14 1.69 0.28 -8.93
CA ASN B 14 2.93 0.75 -9.52
C ASN B 14 2.73 1.08 -11.00
N LYS B 15 2.68 2.36 -11.31
CA LYS B 15 2.48 2.81 -12.69
C LYS B 15 3.58 3.78 -13.12
N THR B 16 3.98 4.65 -12.19
CA THR B 16 5.02 5.63 -12.46
C THR B 16 6.41 5.03 -12.33
N ILE B 17 6.58 4.21 -11.29
CA ILE B 17 7.86 3.55 -11.04
C ILE B 17 8.96 4.58 -10.75
N PRO B 18 9.43 4.66 -9.50
CA PRO B 18 10.48 5.61 -9.11
C PRO B 18 11.87 5.13 -9.52
N VAL B 19 12.34 5.63 -10.65
CA VAL B 19 13.66 5.28 -11.17
C VAL B 19 14.48 6.52 -11.48
N ASP B 20 13.80 7.62 -11.76
CA ASP B 20 14.46 8.88 -12.08
C ASP B 20 15.32 8.75 -13.34
N THR B 21 14.81 9.23 -14.46
CA THR B 21 15.53 9.17 -15.72
C THR B 21 16.76 10.08 -15.71
N GLN B 22 17.86 9.60 -16.28
CA GLN B 22 19.09 10.37 -16.32
C GLN B 22 19.53 10.60 -17.76
N ALA A 1 24.85 -0.98 -7.36
CA ALA A 1 24.22 -2.21 -7.91
C ALA A 1 23.03 -2.64 -7.04
N GLY A 2 22.02 -3.21 -7.69
CA GLY A 2 20.84 -3.66 -6.97
C GLY A 2 19.61 -3.70 -7.85
N ALA A 3 18.72 -4.66 -7.58
CA ALA A 3 17.50 -4.82 -8.35
C ALA A 3 16.34 -5.28 -7.47
N LYS A 4 15.24 -4.53 -7.51
CA LYS A 4 14.07 -4.87 -6.71
C LYS A 4 12.78 -4.52 -7.47
N ASN A 5 11.83 -5.45 -7.46
CA ASN A 5 10.56 -5.25 -8.14
C ASN A 5 9.40 -5.18 -7.15
N TYR A 6 8.79 -4.01 -7.05
CA TYR A 6 7.68 -3.81 -6.15
C TYR A 6 6.39 -4.32 -6.78
N GLN A 7 6.03 -5.56 -6.46
CA GLN A 7 4.82 -6.16 -6.99
C GLN A 7 3.64 -5.94 -6.05
N TYR A 8 2.81 -4.94 -6.38
CA TYR A 8 1.65 -4.61 -5.57
C TYR A 8 0.38 -4.58 -6.41
N VAL A 9 -0.72 -5.04 -5.82
CA VAL A 9 -2.00 -5.06 -6.50
C VAL A 9 -3.12 -4.73 -5.52
N MET A 10 -4.02 -3.84 -5.94
CA MET A 10 -5.14 -3.44 -5.09
C MET A 10 -6.47 -3.64 -5.79
N SER A 11 -7.54 -3.77 -5.02
CA SER A 11 -8.87 -3.98 -5.57
C SER A 11 -9.34 -2.74 -6.33
N GLU A 12 -9.75 -2.92 -7.59
CA GLU A 12 -10.21 -1.81 -8.40
C GLU A 12 -11.63 -1.42 -8.02
N GLN A 13 -11.76 -0.35 -7.25
CA GLN A 13 -13.07 0.13 -6.81
C GLN A 13 -13.10 1.65 -6.74
N PRO A 14 -13.96 2.30 -7.55
CA PRO A 14 -14.08 3.76 -7.58
C PRO A 14 -14.73 4.32 -6.32
N GLU A 15 -15.28 3.42 -5.50
CA GLU A 15 -15.94 3.82 -4.27
C GLU A 15 -14.92 4.08 -3.16
N MET A 16 -13.77 3.42 -3.26
CA MET A 16 -12.71 3.56 -2.27
C MET A 16 -11.51 4.30 -2.85
N ARG A 17 -11.74 5.05 -3.93
CA ARG A 17 -10.67 5.81 -4.58
C ARG A 17 -10.18 6.94 -3.67
N SER A 18 -11.07 7.41 -2.80
CA SER A 18 -10.73 8.50 -1.89
C SER A 18 -9.46 8.19 -1.10
N ILE A 19 -9.43 7.03 -0.47
CA ILE A 19 -8.26 6.61 0.32
C ILE A 19 -7.35 5.69 -0.48
N GLN A 20 -7.63 5.57 -1.77
CA GLN A 20 -6.83 4.72 -2.65
C GLN A 20 -5.37 5.17 -2.66
N PRO A 21 -4.42 4.25 -2.41
CA PRO A 21 -2.99 4.57 -2.40
C PRO A 21 -2.45 4.82 -3.80
N VAL A 22 -1.84 5.98 -4.01
CA VAL A 22 -1.28 6.33 -5.31
C VAL A 22 -0.37 5.21 -5.81
N HIS A 23 0.76 5.02 -5.14
CA HIS A 23 1.70 3.98 -5.51
C HIS A 23 2.36 3.40 -4.27
N VAL A 24 2.86 2.17 -4.38
CA VAL A 24 3.52 1.51 -3.25
C VAL A 24 4.74 0.73 -3.70
N TRP A 25 5.82 0.85 -2.92
CA TRP A 25 7.06 0.15 -3.21
C TRP A 25 7.79 -0.18 -1.91
N ASP A 26 8.33 -1.40 -1.83
CA ASP A 26 9.03 -1.83 -0.63
C ASP A 26 10.52 -2.03 -0.89
N ASN A 27 11.29 -2.16 0.18
CA ASN A 27 12.72 -2.37 0.09
C ASN A 27 13.17 -3.45 1.08
N TYR A 28 14.46 -3.74 1.09
CA TYR A 28 15.00 -4.75 1.97
C TYR A 28 14.98 -4.28 3.42
N ARG A 29 14.97 -2.96 3.61
CA ARG A 29 14.96 -2.38 4.95
C ARG A 29 13.55 -1.99 5.38
N PHE A 30 12.98 -0.97 4.74
CA PHE A 30 11.65 -0.50 5.07
C PHE A 30 10.77 -0.39 3.82
N THR A 31 9.48 -0.15 4.05
CA THR A 31 8.52 -0.01 2.94
C THR A 31 7.85 1.35 2.99
N ARG A 32 7.64 1.95 1.82
CA ARG A 32 7.01 3.27 1.75
C ARG A 32 5.73 3.24 0.91
N PHE A 33 4.74 4.01 1.35
CA PHE A 33 3.45 4.11 0.66
C PHE A 33 3.18 5.56 0.27
N GLU A 34 2.95 5.81 -1.01
CA GLU A 34 2.69 7.16 -1.48
C GLU A 34 1.20 7.44 -1.60
N PHE A 35 0.73 8.47 -0.90
CA PHE A 35 -0.67 8.86 -0.92
C PHE A 35 -0.83 10.30 -1.40
N PRO A 36 -2.03 10.68 -1.87
CA PRO A 36 -2.30 12.03 -2.35
C PRO A 36 -2.10 13.08 -1.25
N ALA A 37 -1.83 14.32 -1.66
CA ALA A 37 -1.61 15.40 -0.71
C ALA A 37 -2.91 15.80 -0.03
N ASN A 38 -4.03 15.51 -0.68
CA ASN A 38 -5.35 15.85 -0.14
C ASN A 38 -5.85 14.75 0.78
N ALA A 39 -5.20 13.60 0.69
CA ALA A 39 -5.58 12.45 1.52
C ALA A 39 -5.21 12.66 2.98
N GLU A 40 -5.94 11.99 3.87
CA GLU A 40 -5.71 12.11 5.30
C GLU A 40 -4.76 11.01 5.78
N LEU A 41 -4.31 10.19 4.84
CA LEU A 41 -3.40 9.09 5.14
C LEU A 41 -4.04 8.08 6.10
N PRO A 42 -4.49 6.93 5.56
CA PRO A 42 -5.13 5.88 6.35
C PRO A 42 -4.12 5.00 7.08
N GLN A 43 -4.62 4.04 7.85
CA GLN A 43 -3.77 3.12 8.60
C GLN A 43 -3.60 1.81 7.84
N VAL A 44 -2.36 1.48 7.51
CA VAL A 44 -2.06 0.25 6.76
C VAL A 44 -1.76 -0.91 7.70
N TYR A 45 -2.61 -1.93 7.65
CA TYR A 45 -2.45 -3.12 8.47
C TYR A 45 -1.75 -4.22 7.69
N MET A 46 -1.48 -5.34 8.35
CA MET A 46 -0.82 -6.47 7.72
C MET A 46 -1.37 -7.80 8.24
N ILE A 47 -1.55 -8.75 7.34
CA ILE A 47 -2.08 -10.06 7.70
C ILE A 47 -0.96 -10.99 8.18
N SER A 48 -1.28 -11.84 9.14
CA SER A 48 -0.29 -12.78 9.68
C SER A 48 -0.79 -14.21 9.62
N ALA A 49 -0.64 -14.83 8.45
CA ALA A 49 -1.05 -16.22 8.23
C ALA A 49 -2.53 -16.43 8.53
N SER A 50 -2.86 -16.60 9.80
CA SER A 50 -4.25 -16.83 10.22
C SER A 50 -5.21 -15.90 9.48
N GLY A 51 -5.02 -14.60 9.63
CA GLY A 51 -5.88 -13.64 8.96
C GLY A 51 -6.10 -12.39 9.79
N LYS A 52 -5.62 -12.41 11.03
CA LYS A 52 -5.76 -11.26 11.92
C LYS A 52 -5.05 -10.04 11.34
N GLU A 53 -5.68 -8.87 11.48
CA GLU A 53 -5.11 -7.63 10.99
C GLU A 53 -4.36 -6.89 12.09
N THR A 54 -3.05 -6.76 11.92
CA THR A 54 -2.22 -6.06 12.89
C THR A 54 -1.62 -4.80 12.30
N LEU A 55 -1.66 -3.71 13.06
CA LEU A 55 -1.13 -2.43 12.59
C LEU A 55 0.33 -2.28 13.00
N PRO A 56 1.26 -2.33 12.02
CA PRO A 56 2.69 -2.19 12.27
C PRO A 56 3.11 -0.74 12.53
N ASN A 57 4.30 -0.57 13.10
CA ASN A 57 4.81 0.76 13.39
C ASN A 57 4.93 1.59 12.11
N SER A 58 3.96 2.49 11.91
CA SER A 58 3.95 3.33 10.72
C SER A 58 4.53 4.70 11.01
N HIS A 59 4.99 5.36 9.94
CA HIS A 59 5.59 6.69 10.06
C HIS A 59 5.16 7.56 8.89
N VAL A 60 5.39 8.87 9.00
CA VAL A 60 5.02 9.80 7.94
C VAL A 60 6.24 10.56 7.42
N VAL A 61 6.36 10.63 6.10
CA VAL A 61 7.47 11.32 5.47
C VAL A 61 7.01 12.08 4.22
N GLY A 62 7.93 12.79 3.60
CA GLY A 62 7.61 13.56 2.40
C GLY A 62 7.54 15.05 2.67
N GLU A 63 7.60 15.84 1.60
CA GLU A 63 7.56 17.30 1.72
C GLU A 63 6.23 17.74 2.31
N ASN A 64 5.18 16.96 2.07
CA ASN A 64 3.86 17.28 2.59
C ASN A 64 3.39 16.23 3.59
N ARG A 65 4.30 15.34 3.97
CA ARG A 65 3.99 14.28 4.93
C ARG A 65 2.83 13.43 4.43
N ASN A 66 2.68 13.34 3.11
CA ASN A 66 1.61 12.55 2.51
C ASN A 66 2.05 11.12 2.24
N ILE A 67 3.16 10.72 2.86
CA ILE A 67 3.68 9.37 2.68
C ILE A 67 3.56 8.56 3.96
N ILE A 68 3.55 7.24 3.82
CA ILE A 68 3.44 6.33 4.97
C ILE A 68 4.46 5.20 4.87
N GLU A 69 5.52 5.29 5.65
CA GLU A 69 6.56 4.26 5.65
C GLU A 69 6.38 3.29 6.81
N VAL A 70 6.02 2.06 6.50
CA VAL A 70 5.82 1.03 7.51
C VAL A 70 7.13 0.29 7.78
N GLU A 71 7.47 0.12 9.06
CA GLU A 71 8.70 -0.56 9.45
C GLU A 71 8.53 -2.08 9.40
N THR A 72 7.83 -2.56 8.37
CA THR A 72 7.60 -4.00 8.22
C THR A 72 7.26 -4.35 6.77
N VAL A 73 7.58 -5.58 6.38
CA VAL A 73 7.30 -6.05 5.03
C VAL A 73 6.45 -7.33 5.07
N ALA A 74 5.40 -7.36 4.26
CA ALA A 74 4.51 -8.52 4.22
C ALA A 74 4.01 -8.78 2.80
N LYS A 75 3.10 -9.73 2.67
CA LYS A 75 2.53 -10.08 1.37
C LYS A 75 1.09 -9.62 1.26
N GLU A 76 0.56 -9.10 2.35
CA GLU A 76 -0.82 -8.61 2.39
C GLU A 76 -0.94 -7.37 3.26
N TRP A 77 -1.45 -6.29 2.67
CA TRP A 77 -1.61 -5.03 3.39
C TRP A 77 -3.06 -4.55 3.30
N ARG A 78 -3.73 -4.52 4.44
CA ARG A 78 -5.12 -4.07 4.49
C ARG A 78 -5.20 -2.61 4.92
N ILE A 79 -5.50 -1.73 3.97
CA ILE A 79 -5.60 -0.31 4.27
C ILE A 79 -7.01 0.05 4.74
N ARG A 80 -7.14 0.47 5.99
CA ARG A 80 -8.45 0.82 6.54
C ARG A 80 -8.41 2.19 7.22
N LEU A 81 -9.51 2.93 7.06
CA LEU A 81 -9.63 4.25 7.66
C LEU A 81 -11.08 4.72 7.63
N GLY A 82 -11.65 4.94 8.80
CA GLY A 82 -13.04 5.38 8.88
C GLY A 82 -14.01 4.29 8.48
N ASP A 83 -14.72 4.50 7.38
CA ASP A 83 -15.69 3.53 6.89
C ASP A 83 -15.32 3.05 5.49
N LYS A 84 -14.04 3.19 5.13
CA LYS A 84 -13.57 2.77 3.82
C LYS A 84 -12.35 1.86 3.95
N VAL A 85 -12.21 0.92 3.01
CA VAL A 85 -11.09 -0.01 3.01
C VAL A 85 -10.59 -0.29 1.59
N VAL A 86 -9.28 -0.50 1.48
CA VAL A 86 -8.68 -0.80 0.19
C VAL A 86 -7.73 -1.98 0.31
N GLY A 87 -8.10 -3.10 -0.28
CA GLY A 87 -7.29 -4.29 -0.20
C GLY A 87 -6.05 -4.23 -1.08
N VAL A 88 -4.89 -4.47 -0.48
CA VAL A 88 -3.63 -4.45 -1.20
C VAL A 88 -2.86 -5.74 -0.93
N ARG A 89 -2.20 -6.26 -1.96
CA ARG A 89 -1.44 -7.50 -1.82
C ARG A 89 -0.09 -7.42 -2.54
N ASN A 90 0.95 -7.83 -1.84
CA ASN A 90 2.31 -7.81 -2.41
C ASN A 90 2.71 -9.20 -2.89
N ASN A 91 2.84 -9.35 -4.20
CA ASN A 91 3.23 -10.64 -4.78
C ASN A 91 4.70 -10.63 -5.19
N ASN A 92 5.57 -10.86 -4.20
CA ASN A 92 7.01 -10.88 -4.44
C ASN A 92 7.76 -11.12 -3.15
N PHE A 93 7.73 -10.14 -2.27
CA PHE A 93 8.41 -10.24 -0.98
C PHE A 93 9.90 -10.49 -1.17
N ALA A 94 10.69 -9.43 -1.11
CA ALA A 94 12.13 -9.52 -1.27
C ALA A 94 12.83 -9.98 0.02
N PRO A 95 12.49 -9.35 1.16
CA PRO A 95 13.09 -9.71 2.46
C PRO A 95 12.91 -11.18 2.80
N PRO B 1 -23.40 1.21 1.75
CA PRO B 1 -22.89 -0.14 2.07
C PRO B 1 -21.39 -0.13 2.33
N PRO B 2 -20.88 -1.08 3.13
CA PRO B 2 -19.45 -1.16 3.46
C PRO B 2 -18.58 -1.25 2.21
N PRO B 3 -17.30 -0.87 2.33
CA PRO B 3 -16.36 -0.90 1.20
C PRO B 3 -16.00 -2.32 0.78
N GLU B 4 -15.10 -2.95 1.53
CA GLU B 4 -14.67 -4.31 1.25
C GLU B 4 -14.00 -4.41 -0.12
N PRO B 5 -12.75 -4.88 -0.18
CA PRO B 5 -12.01 -5.01 -1.44
C PRO B 5 -12.42 -6.27 -2.18
N ASP B 6 -13.17 -6.10 -3.26
CA ASP B 6 -13.64 -7.23 -4.06
C ASP B 6 -12.60 -7.66 -5.10
N TRP B 7 -11.53 -6.88 -5.22
CA TRP B 7 -10.48 -7.18 -6.19
C TRP B 7 -11.08 -7.37 -7.58
N SER B 8 -12.21 -6.71 -7.80
CA SER B 8 -12.94 -6.78 -9.06
C SER B 8 -12.01 -6.89 -10.26
N ASN B 9 -11.20 -5.85 -10.49
CA ASN B 9 -10.28 -5.85 -11.62
C ASN B 9 -8.83 -5.92 -11.17
N THR B 10 -8.62 -5.86 -9.87
CA THR B 10 -7.28 -5.91 -9.30
C THR B 10 -6.30 -5.03 -10.09
N VAL B 11 -6.22 -3.76 -9.70
CA VAL B 11 -5.33 -2.82 -10.37
C VAL B 11 -4.08 -2.58 -9.54
N PRO B 12 -2.89 -2.86 -10.13
CA PRO B 12 -1.60 -2.67 -9.45
C PRO B 12 -1.45 -1.31 -8.80
N VAL B 13 -0.39 -1.17 -8.00
CA VAL B 13 -0.10 0.06 -7.30
C VAL B 13 1.22 0.66 -7.78
N ASN B 14 1.69 0.16 -8.91
CA ASN B 14 2.94 0.64 -9.50
C ASN B 14 2.94 0.50 -11.01
N LYS B 15 2.72 1.62 -11.70
CA LYS B 15 2.70 1.63 -13.16
C LYS B 15 4.05 2.03 -13.73
N THR B 16 4.62 3.09 -13.17
CA THR B 16 5.92 3.59 -13.61
C THR B 16 7.04 3.16 -12.68
N ILE B 17 7.63 2.00 -12.97
CA ILE B 17 8.72 1.48 -12.16
C ILE B 17 10.01 2.28 -12.38
N PRO B 18 10.67 2.71 -11.28
CA PRO B 18 11.91 3.48 -11.37
C PRO B 18 13.12 2.59 -11.62
N VAL B 19 13.54 2.52 -12.88
CA VAL B 19 14.69 1.71 -13.25
C VAL B 19 15.98 2.50 -13.10
N ASP B 20 15.86 3.82 -13.12
CA ASP B 20 17.02 4.69 -12.99
C ASP B 20 17.99 4.44 -14.15
N THR B 21 17.72 5.09 -15.28
CA THR B 21 18.56 4.93 -16.47
C THR B 21 20.00 5.28 -16.16
N GLN B 22 20.92 4.74 -16.97
CA GLN B 22 22.34 4.99 -16.79
C GLN B 22 22.78 6.23 -17.56
N ALA A 1 23.61 -7.71 -6.69
CA ALA A 1 23.75 -6.23 -6.72
C ALA A 1 22.80 -5.57 -5.73
N GLY A 2 21.50 -5.69 -6.00
CA GLY A 2 20.49 -5.09 -5.13
C GLY A 2 19.31 -4.54 -5.89
N ALA A 3 18.77 -5.35 -6.81
CA ALA A 3 17.63 -4.94 -7.60
C ALA A 3 16.33 -5.13 -6.83
N LYS A 4 15.64 -4.02 -6.56
CA LYS A 4 14.38 -4.06 -5.82
C LYS A 4 13.20 -3.96 -6.78
N ASN A 5 12.23 -4.85 -6.61
CA ASN A 5 11.04 -4.87 -7.45
C ASN A 5 9.77 -4.76 -6.62
N TYR A 6 9.08 -3.65 -6.76
CA TYR A 6 7.84 -3.42 -6.02
C TYR A 6 6.64 -3.93 -6.80
N GLN A 7 6.23 -5.16 -6.51
CA GLN A 7 5.08 -5.76 -7.17
C GLN A 7 3.86 -5.68 -6.28
N TYR A 8 3.02 -4.67 -6.52
CA TYR A 8 1.81 -4.47 -5.72
C TYR A 8 0.57 -4.50 -6.59
N VAL A 9 -0.49 -5.09 -6.05
CA VAL A 9 -1.77 -5.17 -6.75
C VAL A 9 -2.92 -4.99 -5.76
N MET A 10 -3.79 -4.03 -6.05
CA MET A 10 -4.92 -3.76 -5.17
C MET A 10 -6.25 -4.00 -5.88
N SER A 11 -7.35 -3.72 -5.18
CA SER A 11 -8.68 -3.90 -5.74
C SER A 11 -9.07 -2.70 -6.60
N GLU A 12 -9.88 -2.94 -7.62
CA GLU A 12 -10.31 -1.87 -8.53
C GLU A 12 -11.70 -1.36 -8.16
N GLN A 13 -11.75 -0.18 -7.55
CA GLN A 13 -13.00 0.44 -7.15
C GLN A 13 -12.91 1.96 -7.20
N PRO A 14 -13.59 2.61 -8.17
CA PRO A 14 -13.57 4.07 -8.30
C PRO A 14 -14.25 4.75 -7.11
N GLU A 15 -15.00 3.99 -6.35
CA GLU A 15 -15.69 4.51 -5.17
C GLU A 15 -14.76 4.53 -3.97
N MET A 16 -13.65 3.81 -4.07
CA MET A 16 -12.68 3.74 -2.98
C MET A 16 -11.43 4.55 -3.31
N ARG A 17 -11.45 5.24 -4.43
CA ARG A 17 -10.31 6.04 -4.87
C ARG A 17 -9.98 7.12 -3.85
N SER A 18 -10.98 7.52 -3.06
CA SER A 18 -10.81 8.55 -2.04
C SER A 18 -9.58 8.30 -1.19
N ILE A 19 -9.47 7.09 -0.62
CA ILE A 19 -8.34 6.74 0.22
C ILE A 19 -7.41 5.76 -0.47
N GLN A 20 -7.74 5.40 -1.71
CA GLN A 20 -6.93 4.46 -2.48
C GLN A 20 -5.50 4.98 -2.63
N PRO A 21 -4.49 4.13 -2.38
CA PRO A 21 -3.08 4.52 -2.49
C PRO A 21 -2.66 4.77 -3.93
N VAL A 22 -2.11 5.95 -4.19
CA VAL A 22 -1.66 6.30 -5.54
C VAL A 22 -0.63 5.27 -6.03
N HIS A 23 0.46 5.13 -5.29
CA HIS A 23 1.50 4.18 -5.64
C HIS A 23 2.13 3.59 -4.38
N VAL A 24 2.73 2.41 -4.50
CA VAL A 24 3.36 1.76 -3.35
C VAL A 24 4.62 1.00 -3.77
N TRP A 25 5.68 1.13 -2.97
CA TRP A 25 6.95 0.46 -3.23
C TRP A 25 7.63 0.09 -1.92
N ASP A 26 8.26 -1.09 -1.90
CA ASP A 26 8.94 -1.57 -0.71
C ASP A 26 10.44 -1.69 -0.91
N ASN A 27 11.15 -1.99 0.18
CA ASN A 27 12.60 -2.14 0.13
C ASN A 27 13.03 -3.23 1.12
N TYR A 28 14.20 -3.81 0.88
CA TYR A 28 14.72 -4.86 1.74
C TYR A 28 14.74 -4.42 3.20
N ARG A 29 14.77 -3.11 3.43
CA ARG A 29 14.79 -2.57 4.78
C ARG A 29 13.40 -2.16 5.24
N PHE A 30 12.85 -1.11 4.64
CA PHE A 30 11.53 -0.61 4.99
C PHE A 30 10.64 -0.49 3.76
N THR A 31 9.36 -0.22 3.99
CA THR A 31 8.39 -0.08 2.91
C THR A 31 7.67 1.27 2.99
N ARG A 32 7.46 1.89 1.84
CA ARG A 32 6.79 3.19 1.78
C ARG A 32 5.49 3.11 1.00
N PHE A 33 4.55 3.99 1.33
CA PHE A 33 3.25 4.04 0.67
C PHE A 33 2.91 5.46 0.27
N GLU A 34 2.64 5.68 -1.01
CA GLU A 34 2.31 7.02 -1.50
C GLU A 34 0.81 7.24 -1.57
N PHE A 35 0.33 8.22 -0.81
CA PHE A 35 -1.09 8.56 -0.77
C PHE A 35 -1.30 10.01 -1.19
N PRO A 36 -2.52 10.37 -1.63
CA PRO A 36 -2.84 11.74 -2.04
C PRO A 36 -2.53 12.76 -0.95
N ALA A 37 -2.00 13.90 -1.35
CA ALA A 37 -1.66 14.95 -0.39
C ALA A 37 -2.90 15.53 0.27
N ASN A 38 -4.05 15.32 -0.35
CA ASN A 38 -5.32 15.82 0.17
C ASN A 38 -5.92 14.83 1.17
N ALA A 39 -5.40 13.61 1.16
CA ALA A 39 -5.87 12.56 2.05
C ALA A 39 -5.31 12.73 3.45
N GLU A 40 -6.01 12.20 4.44
CA GLU A 40 -5.59 12.28 5.83
C GLU A 40 -4.66 11.12 6.17
N LEU A 41 -4.33 10.32 5.16
CA LEU A 41 -3.44 9.17 5.33
C LEU A 41 -4.07 8.12 6.24
N PRO A 42 -4.45 6.96 5.67
CA PRO A 42 -5.06 5.86 6.42
C PRO A 42 -4.04 4.98 7.13
N GLN A 43 -4.52 3.94 7.79
CA GLN A 43 -3.65 3.02 8.51
C GLN A 43 -3.54 1.69 7.75
N VAL A 44 -2.32 1.32 7.40
CA VAL A 44 -2.08 0.09 6.66
C VAL A 44 -1.76 -1.07 7.59
N TYR A 45 -2.65 -2.06 7.60
CA TYR A 45 -2.48 -3.24 8.44
C TYR A 45 -1.73 -4.33 7.69
N MET A 46 -1.46 -5.43 8.37
CA MET A 46 -0.75 -6.56 7.77
C MET A 46 -1.29 -7.88 8.29
N ILE A 47 -1.52 -8.82 7.37
CA ILE A 47 -2.04 -10.13 7.73
C ILE A 47 -0.93 -11.04 8.24
N SER A 48 -1.08 -11.52 9.47
CA SER A 48 -0.10 -12.41 10.08
C SER A 48 -0.44 -13.87 9.81
N ALA A 49 0.44 -14.77 10.24
CA ALA A 49 0.23 -16.20 10.04
C ALA A 49 -1.04 -16.67 10.75
N SER A 50 -1.47 -15.90 11.75
CA SER A 50 -2.67 -16.24 12.51
C SER A 50 -3.93 -16.00 11.68
N GLY A 51 -3.85 -15.02 10.78
CA GLY A 51 -4.99 -14.70 9.94
C GLY A 51 -5.74 -13.48 10.42
N LYS A 52 -5.12 -12.70 11.30
CA LYS A 52 -5.73 -11.49 11.84
C LYS A 52 -5.01 -10.25 11.34
N GLU A 53 -5.72 -9.12 11.36
CA GLU A 53 -5.14 -7.86 10.91
C GLU A 53 -4.45 -7.12 12.05
N THR A 54 -3.17 -6.84 11.88
CA THR A 54 -2.39 -6.13 12.88
C THR A 54 -1.74 -4.89 12.28
N LEU A 55 -1.81 -3.78 13.00
CA LEU A 55 -1.24 -2.53 12.52
C LEU A 55 0.23 -2.41 12.92
N PRO A 56 1.15 -2.52 11.93
CA PRO A 56 2.59 -2.43 12.17
C PRO A 56 3.04 -1.00 12.39
N ASN A 57 4.24 -0.84 12.94
CA ASN A 57 4.80 0.49 13.19
C ASN A 57 4.78 1.34 11.91
N SER A 58 3.89 2.33 11.87
CA SER A 58 3.76 3.20 10.71
C SER A 58 4.53 4.50 10.90
N HIS A 59 5.05 5.03 9.80
CA HIS A 59 5.81 6.28 9.83
C HIS A 59 5.34 7.21 8.71
N VAL A 60 5.75 8.46 8.78
CA VAL A 60 5.37 9.45 7.78
C VAL A 60 6.58 10.18 7.21
N VAL A 61 6.71 10.14 5.88
CA VAL A 61 7.82 10.81 5.20
C VAL A 61 7.33 11.70 4.08
N GLY A 62 8.21 12.54 3.55
CA GLY A 62 7.84 13.43 2.47
C GLY A 62 7.82 14.89 2.90
N GLU A 63 8.02 15.79 1.95
CA GLU A 63 8.04 17.21 2.23
C GLU A 63 6.65 17.69 2.66
N ASN A 64 5.62 17.10 2.07
CA ASN A 64 4.23 17.46 2.39
C ASN A 64 3.59 16.40 3.27
N ARG A 65 4.39 15.43 3.70
CA ARG A 65 3.89 14.34 4.54
C ARG A 65 2.70 13.67 3.89
N ASN A 66 2.97 12.83 2.90
CA ASN A 66 1.92 12.12 2.18
C ASN A 66 2.22 10.64 2.09
N ILE A 67 3.42 10.26 2.51
CA ILE A 67 3.84 8.86 2.45
C ILE A 67 3.76 8.20 3.81
N ILE A 68 3.53 6.89 3.81
CA ILE A 68 3.45 6.11 5.03
C ILE A 68 4.46 4.97 4.98
N GLU A 69 5.54 5.10 5.74
CA GLU A 69 6.59 4.08 5.76
C GLU A 69 6.38 3.10 6.90
N VAL A 70 6.06 1.86 6.55
CA VAL A 70 5.85 0.82 7.55
C VAL A 70 7.15 0.06 7.81
N GLU A 71 7.47 -0.16 9.08
CA GLU A 71 8.69 -0.86 9.46
C GLU A 71 8.50 -2.37 9.36
N THR A 72 7.81 -2.82 8.31
CA THR A 72 7.57 -4.24 8.12
C THR A 72 7.19 -4.54 6.67
N VAL A 73 7.46 -5.77 6.24
CA VAL A 73 7.15 -6.20 4.89
C VAL A 73 6.30 -7.47 4.89
N ALA A 74 5.21 -7.47 4.12
CA ALA A 74 4.32 -8.61 4.06
C ALA A 74 3.83 -8.85 2.64
N LYS A 75 2.91 -9.80 2.48
CA LYS A 75 2.36 -10.14 1.17
C LYS A 75 0.94 -9.58 1.01
N GLU A 76 0.32 -9.22 2.13
CA GLU A 76 -1.03 -8.68 2.12
C GLU A 76 -1.13 -7.45 3.01
N TRP A 77 -1.56 -6.34 2.43
CA TRP A 77 -1.71 -5.09 3.16
C TRP A 77 -3.16 -4.61 3.13
N ARG A 78 -3.75 -4.45 4.31
CA ARG A 78 -5.13 -4.00 4.41
C ARG A 78 -5.21 -2.54 4.86
N ILE A 79 -5.52 -1.65 3.93
CA ILE A 79 -5.63 -0.23 4.23
C ILE A 79 -7.03 0.13 4.70
N ARG A 80 -7.14 0.55 5.96
CA ARG A 80 -8.45 0.90 6.52
C ARG A 80 -8.41 2.29 7.15
N LEU A 81 -9.51 3.02 6.99
CA LEU A 81 -9.64 4.36 7.54
C LEU A 81 -11.09 4.83 7.49
N GLY A 82 -11.66 5.13 8.64
CA GLY A 82 -13.03 5.58 8.70
C GLY A 82 -14.01 4.46 8.37
N ASP A 83 -14.76 4.63 7.29
CA ASP A 83 -15.73 3.63 6.87
C ASP A 83 -15.40 3.09 5.48
N LYS A 84 -14.15 3.26 5.07
CA LYS A 84 -13.71 2.80 3.75
C LYS A 84 -12.44 1.96 3.86
N VAL A 85 -12.35 0.92 3.04
CA VAL A 85 -11.18 0.04 3.04
C VAL A 85 -10.71 -0.26 1.63
N VAL A 86 -9.41 -0.42 1.48
CA VAL A 86 -8.82 -0.73 0.18
C VAL A 86 -7.89 -1.94 0.30
N GLY A 87 -8.22 -3.00 -0.43
CA GLY A 87 -7.42 -4.21 -0.37
C GLY A 87 -6.18 -4.17 -1.24
N VAL A 88 -5.03 -4.31 -0.59
CA VAL A 88 -3.75 -4.31 -1.30
C VAL A 88 -3.02 -5.61 -1.04
N ARG A 89 -2.33 -6.13 -2.05
CA ARG A 89 -1.61 -7.38 -1.91
C ARG A 89 -0.31 -7.37 -2.73
N ASN A 90 0.81 -7.52 -2.03
CA ASN A 90 2.12 -7.53 -2.68
C ASN A 90 2.42 -8.90 -3.27
N ASN A 91 2.61 -8.95 -4.59
CA ASN A 91 2.91 -10.20 -5.26
C ASN A 91 4.38 -10.29 -5.63
N ASN A 92 5.21 -10.66 -4.65
CA ASN A 92 6.65 -10.78 -4.85
C ASN A 92 7.35 -11.07 -3.54
N PHE A 93 6.91 -10.41 -2.48
CA PHE A 93 7.48 -10.59 -1.16
C PHE A 93 8.97 -10.31 -1.16
N ALA A 94 9.35 -9.08 -0.80
CA ALA A 94 10.74 -8.68 -0.77
C ALA A 94 11.11 -8.07 0.60
N PRO A 95 11.35 -8.92 1.60
CA PRO A 95 11.72 -8.47 2.95
C PRO A 95 13.06 -7.75 2.97
N PRO B 1 -22.97 -0.57 5.46
CA PRO B 1 -22.31 -1.81 5.04
C PRO B 1 -20.81 -1.58 4.79
N PRO B 2 -19.99 -2.63 4.93
CA PRO B 2 -18.53 -2.53 4.71
C PRO B 2 -18.19 -2.30 3.24
N PRO B 3 -16.99 -1.75 2.97
CA PRO B 3 -16.54 -1.49 1.60
C PRO B 3 -16.17 -2.77 0.86
N GLU B 4 -15.35 -3.60 1.50
CA GLU B 4 -14.92 -4.86 0.91
C GLU B 4 -14.17 -4.63 -0.41
N PRO B 5 -12.86 -4.92 -0.44
CA PRO B 5 -12.05 -4.73 -1.65
C PRO B 5 -12.39 -5.73 -2.73
N ASP B 6 -13.23 -5.31 -3.68
CA ASP B 6 -13.63 -6.18 -4.78
C ASP B 6 -12.42 -6.62 -5.59
N TRP B 7 -11.81 -7.73 -5.17
CA TRP B 7 -10.64 -8.27 -5.85
C TRP B 7 -10.97 -8.73 -7.27
N SER B 8 -12.27 -8.83 -7.57
CA SER B 8 -12.73 -9.26 -8.89
C SER B 8 -11.89 -8.61 -9.99
N ASN B 9 -11.48 -7.37 -9.74
CA ASN B 9 -10.66 -6.63 -10.68
C ASN B 9 -9.44 -6.05 -9.95
N THR B 10 -8.29 -6.71 -10.12
CA THR B 10 -7.07 -6.27 -9.47
C THR B 10 -6.32 -5.24 -10.30
N VAL B 11 -6.18 -4.04 -9.75
CA VAL B 11 -5.46 -2.97 -10.42
C VAL B 11 -4.19 -2.63 -9.66
N PRO B 12 -3.01 -2.86 -10.28
CA PRO B 12 -1.71 -2.60 -9.65
C PRO B 12 -1.60 -1.24 -9.02
N VAL B 13 -0.56 -1.06 -8.22
CA VAL B 13 -0.31 0.20 -7.53
C VAL B 13 0.90 0.90 -8.13
N ASN B 14 1.58 0.22 -9.04
CA ASN B 14 2.76 0.77 -9.68
C ASN B 14 2.60 0.80 -11.20
N LYS B 15 2.21 1.96 -11.73
CA LYS B 15 2.01 2.11 -13.16
C LYS B 15 3.34 2.39 -13.86
N THR B 16 4.28 2.98 -13.12
CA THR B 16 5.60 3.30 -13.67
C THR B 16 6.69 3.00 -12.65
N ILE B 17 7.35 1.85 -12.81
CA ILE B 17 8.42 1.45 -11.91
C ILE B 17 9.76 1.99 -12.38
N PRO B 18 10.50 2.68 -11.50
CA PRO B 18 11.81 3.25 -11.83
C PRO B 18 12.93 2.22 -11.75
N VAL B 19 13.29 1.66 -12.91
CA VAL B 19 14.34 0.66 -12.98
C VAL B 19 15.70 1.30 -13.20
N ASP B 20 15.69 2.53 -13.72
CA ASP B 20 16.92 3.26 -13.99
C ASP B 20 17.80 2.51 -14.98
N THR B 21 17.73 2.91 -16.25
CA THR B 21 18.52 2.28 -17.30
C THR B 21 19.68 3.17 -17.73
N GLN B 22 19.36 4.33 -18.30
CA GLN B 22 20.38 5.27 -18.75
C GLN B 22 21.33 4.61 -19.74
N ALA A 1 25.44 -6.56 -8.39
CA ALA A 1 24.06 -7.05 -8.16
C ALA A 1 23.30 -6.12 -7.22
N GLY A 2 22.02 -5.93 -7.51
CA GLY A 2 21.19 -5.07 -6.67
C GLY A 2 20.03 -4.47 -7.44
N ALA A 3 18.85 -5.05 -7.26
CA ALA A 3 17.65 -4.57 -7.94
C ALA A 3 16.41 -4.77 -7.08
N LYS A 4 15.57 -3.73 -7.01
CA LYS A 4 14.35 -3.79 -6.21
C LYS A 4 13.14 -4.01 -7.10
N ASN A 5 12.21 -4.85 -6.64
CA ASN A 5 10.99 -5.14 -7.39
C ASN A 5 9.77 -4.97 -6.49
N TYR A 6 8.96 -3.97 -6.80
CA TYR A 6 7.76 -3.71 -6.04
C TYR A 6 6.53 -4.23 -6.77
N GLN A 7 6.12 -5.44 -6.42
CA GLN A 7 4.94 -6.06 -7.03
C GLN A 7 3.73 -5.89 -6.12
N TYR A 8 2.85 -4.95 -6.48
CA TYR A 8 1.66 -4.69 -5.69
C TYR A 8 0.40 -4.68 -6.55
N VAL A 9 -0.72 -5.02 -5.93
CA VAL A 9 -2.01 -5.04 -6.61
C VAL A 9 -3.13 -4.67 -5.65
N MET A 10 -3.97 -3.73 -6.05
CA MET A 10 -5.09 -3.28 -5.20
C MET A 10 -6.42 -3.43 -5.91
N SER A 11 -7.47 -3.69 -5.13
CA SER A 11 -8.81 -3.86 -5.68
C SER A 11 -9.25 -2.62 -6.45
N GLU A 12 -9.71 -2.82 -7.68
CA GLU A 12 -10.16 -1.72 -8.52
C GLU A 12 -11.59 -1.32 -8.15
N GLN A 13 -11.72 -0.25 -7.37
CA GLN A 13 -13.03 0.24 -6.95
C GLN A 13 -13.04 1.76 -6.84
N PRO A 14 -13.88 2.44 -7.63
CA PRO A 14 -13.98 3.91 -7.61
C PRO A 14 -14.64 4.43 -6.35
N GLU A 15 -15.22 3.53 -5.56
CA GLU A 15 -15.89 3.90 -4.32
C GLU A 15 -14.88 4.11 -3.20
N MET A 16 -13.72 3.48 -3.33
CA MET A 16 -12.67 3.59 -2.31
C MET A 16 -11.46 4.33 -2.84
N ARG A 17 -11.65 5.09 -3.92
CA ARG A 17 -10.57 5.85 -4.53
C ARG A 17 -10.12 6.99 -3.61
N SER A 18 -11.04 7.46 -2.76
CA SER A 18 -10.74 8.54 -1.83
C SER A 18 -9.51 8.23 -0.99
N ILE A 19 -9.51 7.06 -0.35
CA ILE A 19 -8.38 6.65 0.48
C ILE A 19 -7.45 5.70 -0.26
N GLN A 20 -7.72 5.50 -1.55
CA GLN A 20 -6.90 4.61 -2.37
C GLN A 20 -5.45 5.10 -2.42
N PRO A 21 -4.48 4.19 -2.21
CA PRO A 21 -3.06 4.55 -2.23
C PRO A 21 -2.55 4.82 -3.64
N VAL A 22 -1.87 5.94 -3.82
CA VAL A 22 -1.33 6.30 -5.13
C VAL A 22 -0.41 5.21 -5.65
N HIS A 23 0.72 5.02 -4.99
CA HIS A 23 1.68 3.99 -5.38
C HIS A 23 2.37 3.41 -4.15
N VAL A 24 2.90 2.19 -4.29
CA VAL A 24 3.58 1.53 -3.18
C VAL A 24 4.81 0.77 -3.65
N TRP A 25 5.88 0.85 -2.88
CA TRP A 25 7.13 0.17 -3.20
C TRP A 25 7.84 -0.26 -1.92
N ASP A 26 8.33 -1.50 -1.89
CA ASP A 26 9.01 -2.02 -0.71
C ASP A 26 10.49 -2.28 -1.00
N ASN A 27 11.29 -2.27 0.06
CA ASN A 27 12.72 -2.51 -0.05
C ASN A 27 13.12 -3.66 0.85
N TYR A 28 14.38 -4.07 0.76
CA TYR A 28 14.88 -5.16 1.58
C TYR A 28 14.92 -4.76 3.05
N ARG A 29 14.99 -3.45 3.29
CA ARG A 29 15.03 -2.92 4.65
C ARG A 29 13.62 -2.63 5.17
N PHE A 30 12.97 -1.63 4.58
CA PHE A 30 11.62 -1.25 5.00
C PHE A 30 10.73 -0.99 3.79
N THR A 31 9.43 -0.84 4.05
CA THR A 31 8.46 -0.58 2.99
C THR A 31 7.93 0.86 3.09
N ARG A 32 7.53 1.41 1.95
CA ARG A 32 7.00 2.77 1.91
C ARG A 32 5.71 2.86 1.10
N PHE A 33 4.82 3.77 1.51
CA PHE A 33 3.56 3.96 0.82
C PHE A 33 3.37 5.43 0.45
N GLU A 34 3.03 5.69 -0.81
CA GLU A 34 2.83 7.06 -1.27
C GLU A 34 1.35 7.40 -1.41
N PHE A 35 0.92 8.41 -0.65
CA PHE A 35 -0.48 8.86 -0.68
C PHE A 35 -0.58 10.30 -1.15
N PRO A 36 -1.77 10.74 -1.59
CA PRO A 36 -1.99 12.11 -2.07
C PRO A 36 -1.73 13.14 -0.97
N ALA A 37 -1.57 14.40 -1.37
CA ALA A 37 -1.32 15.46 -0.41
C ALA A 37 -2.62 16.11 0.07
N ASN A 38 -3.63 16.12 -0.81
CA ASN A 38 -4.91 16.70 -0.48
C ASN A 38 -5.81 15.69 0.21
N ALA A 39 -5.42 14.43 0.14
CA ALA A 39 -6.18 13.35 0.76
C ALA A 39 -5.68 13.05 2.17
N GLU A 40 -6.42 12.22 2.89
CA GLU A 40 -6.05 11.86 4.25
C GLU A 40 -5.22 10.57 4.26
N LEU A 41 -4.34 10.45 5.25
CA LEU A 41 -3.47 9.28 5.37
C LEU A 41 -4.13 8.21 6.25
N PRO A 42 -4.50 7.06 5.65
CA PRO A 42 -5.13 5.95 6.37
C PRO A 42 -4.13 5.09 7.12
N GLN A 43 -4.62 4.06 7.80
CA GLN A 43 -3.77 3.15 8.55
C GLN A 43 -3.62 1.82 7.80
N VAL A 44 -2.40 1.53 7.36
CA VAL A 44 -2.13 0.31 6.61
C VAL A 44 -1.86 -0.85 7.56
N TYR A 45 -2.65 -1.92 7.42
CA TYR A 45 -2.51 -3.10 8.26
C TYR A 45 -1.82 -4.23 7.49
N MET A 46 -1.57 -5.33 8.18
CA MET A 46 -0.93 -6.48 7.59
C MET A 46 -1.51 -7.78 8.17
N ILE A 47 -1.69 -8.77 7.31
CA ILE A 47 -2.24 -10.05 7.73
C ILE A 47 -1.18 -10.93 8.38
N SER A 48 -1.27 -11.07 9.70
CA SER A 48 -0.33 -11.88 10.46
C SER A 48 -0.44 -13.35 10.06
N ALA A 49 0.42 -14.18 10.65
CA ALA A 49 0.41 -15.61 10.36
C ALA A 49 -0.77 -16.30 11.02
N SER A 50 -1.53 -15.53 11.79
CA SER A 50 -2.70 -16.07 12.49
C SER A 50 -3.94 -16.01 11.61
N GLY A 51 -4.03 -14.96 10.79
CA GLY A 51 -5.16 -14.81 9.89
C GLY A 51 -5.90 -13.50 10.13
N LYS A 52 -5.53 -12.80 11.21
CA LYS A 52 -6.16 -11.53 11.54
C LYS A 52 -5.31 -10.36 11.07
N GLU A 53 -5.84 -9.15 11.23
CA GLU A 53 -5.11 -7.94 10.82
C GLU A 53 -4.33 -7.35 11.98
N THR A 54 -3.18 -6.76 11.66
CA THR A 54 -2.33 -6.14 12.66
C THR A 54 -1.69 -4.88 12.09
N LEU A 55 -1.61 -3.83 12.89
CA LEU A 55 -1.03 -2.57 12.43
C LEU A 55 0.45 -2.51 12.77
N PRO A 56 1.32 -2.64 11.75
CA PRO A 56 2.79 -2.60 11.93
C PRO A 56 3.31 -1.19 12.15
N ASN A 57 4.54 -1.09 12.65
CA ASN A 57 5.16 0.21 12.90
C ASN A 57 5.11 1.08 11.64
N SER A 58 4.58 2.28 11.78
CA SER A 58 4.46 3.20 10.65
C SER A 58 5.07 4.56 10.96
N HIS A 59 5.39 5.30 9.91
CA HIS A 59 5.98 6.63 10.05
C HIS A 59 5.66 7.50 8.84
N VAL A 60 5.03 8.64 9.08
CA VAL A 60 4.66 9.55 7.99
C VAL A 60 5.81 10.49 7.65
N VAL A 61 6.08 10.62 6.35
CA VAL A 61 7.16 11.49 5.89
C VAL A 61 6.70 12.34 4.70
N GLY A 62 7.57 13.22 4.23
CA GLY A 62 7.25 14.08 3.11
C GLY A 62 7.20 15.54 3.50
N GLU A 63 7.56 16.42 2.56
CA GLU A 63 7.55 17.85 2.80
C GLU A 63 6.15 18.35 3.08
N ASN A 64 5.16 17.59 2.62
CA ASN A 64 3.76 17.96 2.81
C ASN A 64 3.04 16.91 3.65
N ARG A 65 3.80 15.96 4.19
CA ARG A 65 3.23 14.89 5.01
C ARG A 65 2.13 14.17 4.24
N ASN A 66 2.54 13.29 3.32
CA ASN A 66 1.59 12.54 2.50
C ASN A 66 2.10 11.13 2.23
N ILE A 67 3.12 10.73 2.98
CA ILE A 67 3.71 9.40 2.82
C ILE A 67 3.57 8.59 4.11
N ILE A 68 3.60 7.26 3.97
CA ILE A 68 3.49 6.37 5.11
C ILE A 68 4.45 5.20 4.98
N GLU A 69 5.55 5.24 5.71
CA GLU A 69 6.55 4.18 5.65
C GLU A 69 6.31 3.16 6.76
N VAL A 70 6.25 1.89 6.38
CA VAL A 70 6.02 0.82 7.34
C VAL A 70 7.26 -0.06 7.47
N GLU A 71 7.73 -0.24 8.71
CA GLU A 71 8.91 -1.05 8.97
C GLU A 71 8.58 -2.54 9.01
N THR A 72 7.85 -3.00 7.99
CA THR A 72 7.46 -4.40 7.91
C THR A 72 7.15 -4.79 6.46
N VAL A 73 7.49 -6.03 6.11
CA VAL A 73 7.24 -6.54 4.76
C VAL A 73 6.37 -7.79 4.83
N ALA A 74 5.24 -7.76 4.11
CA ALA A 74 4.32 -8.89 4.09
C ALA A 74 3.82 -9.17 2.67
N LYS A 75 2.88 -10.10 2.56
CA LYS A 75 2.31 -10.47 1.26
C LYS A 75 0.89 -9.93 1.11
N GLU A 76 0.37 -9.30 2.16
CA GLU A 76 -0.97 -8.75 2.13
C GLU A 76 -1.07 -7.49 2.99
N TRP A 77 -1.49 -6.40 2.37
CA TRP A 77 -1.64 -5.12 3.06
C TRP A 77 -3.06 -4.59 2.91
N ARG A 78 -3.75 -4.41 4.03
CA ARG A 78 -5.12 -3.90 3.99
C ARG A 78 -5.19 -2.50 4.58
N ILE A 79 -5.58 -1.54 3.75
CA ILE A 79 -5.68 -0.15 4.19
C ILE A 79 -7.09 0.16 4.65
N ARG A 80 -7.21 0.67 5.88
CA ARG A 80 -8.52 0.99 6.44
C ARG A 80 -8.54 2.39 7.04
N LEU A 81 -9.63 3.12 6.79
CA LEU A 81 -9.78 4.48 7.31
C LEU A 81 -11.23 4.93 7.18
N GLY A 82 -11.82 5.35 8.29
CA GLY A 82 -13.19 5.80 8.29
C GLY A 82 -14.16 4.67 8.00
N ASP A 83 -14.83 4.74 6.84
CA ASP A 83 -15.79 3.72 6.46
C ASP A 83 -15.38 3.04 5.15
N LYS A 84 -14.21 3.38 4.65
CA LYS A 84 -13.71 2.80 3.40
C LYS A 84 -12.51 1.90 3.64
N VAL A 85 -12.33 0.93 2.74
CA VAL A 85 -11.20 -0.01 2.84
C VAL A 85 -10.65 -0.32 1.45
N VAL A 86 -9.34 -0.55 1.39
CA VAL A 86 -8.69 -0.88 0.13
C VAL A 86 -7.80 -2.10 0.30
N GLY A 87 -8.22 -3.22 -0.27
CA GLY A 87 -7.46 -4.45 -0.17
C GLY A 87 -6.29 -4.52 -1.11
N VAL A 88 -5.09 -4.56 -0.56
CA VAL A 88 -3.88 -4.64 -1.34
C VAL A 88 -3.14 -5.94 -1.03
N ARG A 89 -2.55 -6.56 -2.04
CA ARG A 89 -1.83 -7.81 -1.85
C ARG A 89 -0.42 -7.73 -2.43
N ASN A 90 0.57 -7.84 -1.56
CA ASN A 90 1.97 -7.79 -1.99
C ASN A 90 2.40 -9.13 -2.58
N ASN A 91 2.94 -9.07 -3.79
CA ASN A 91 3.40 -10.26 -4.48
C ASN A 91 4.89 -10.18 -4.72
N ASN A 92 5.46 -11.28 -5.19
CA ASN A 92 6.89 -11.39 -5.47
C ASN A 92 7.68 -11.55 -4.19
N PHE A 93 7.25 -10.87 -3.14
CA PHE A 93 7.90 -10.95 -1.84
C PHE A 93 9.39 -10.64 -1.96
N ALA A 94 9.76 -9.38 -1.70
CA ALA A 94 11.15 -8.96 -1.78
C ALA A 94 11.65 -8.46 -0.42
N PRO A 95 11.97 -9.40 0.50
CA PRO A 95 12.47 -9.05 1.83
C PRO A 95 13.87 -8.45 1.79
N PRO B 1 -23.48 -1.23 1.05
CA PRO B 1 -22.96 0.07 1.51
C PRO B 1 -21.46 0.00 1.84
N PRO B 2 -21.03 -0.95 2.70
CA PRO B 2 -19.61 -1.08 3.07
C PRO B 2 -18.70 -1.15 1.84
N PRO B 3 -17.41 -0.81 2.01
CA PRO B 3 -16.44 -0.85 0.91
C PRO B 3 -16.10 -2.26 0.49
N GLU B 4 -15.23 -2.92 1.25
CA GLU B 4 -14.82 -4.29 0.97
C GLU B 4 -14.11 -4.36 -0.39
N PRO B 5 -12.87 -4.89 -0.41
CA PRO B 5 -12.10 -5.01 -1.65
C PRO B 5 -12.51 -6.24 -2.44
N ASP B 6 -13.27 -6.01 -3.51
CA ASP B 6 -13.75 -7.10 -4.35
C ASP B 6 -12.72 -7.45 -5.44
N TRP B 7 -11.63 -6.68 -5.49
CA TRP B 7 -10.60 -6.91 -6.49
C TRP B 7 -11.20 -6.99 -7.88
N SER B 8 -12.29 -6.23 -8.07
CA SER B 8 -13.02 -6.18 -9.34
C SER B 8 -12.08 -6.36 -10.54
N ASN B 9 -11.19 -5.39 -10.75
CA ASN B 9 -10.27 -5.46 -11.88
C ASN B 9 -8.83 -5.57 -11.42
N THR B 10 -8.63 -5.61 -10.10
CA THR B 10 -7.30 -5.72 -9.51
C THR B 10 -6.29 -4.86 -10.27
N VAL B 11 -6.15 -3.61 -9.85
CA VAL B 11 -5.23 -2.68 -10.49
C VAL B 11 -3.99 -2.48 -9.63
N PRO B 12 -2.80 -2.74 -10.20
CA PRO B 12 -1.52 -2.58 -9.49
C PRO B 12 -1.36 -1.24 -8.79
N VAL B 13 -0.33 -1.13 -7.98
CA VAL B 13 -0.04 0.07 -7.24
C VAL B 13 1.28 0.68 -7.70
N ASN B 14 1.78 0.20 -8.83
CA ASN B 14 3.04 0.69 -9.38
C ASN B 14 3.08 0.52 -10.89
N LYS B 15 2.83 1.60 -11.62
CA LYS B 15 2.83 1.57 -13.07
C LYS B 15 4.21 1.92 -13.62
N THR B 16 4.93 2.76 -12.90
CA THR B 16 6.27 3.18 -13.32
C THR B 16 7.33 2.61 -12.39
N ILE B 17 7.90 1.47 -12.77
CA ILE B 17 8.93 0.82 -11.98
C ILE B 17 10.32 1.12 -12.55
N PRO B 18 11.27 1.55 -11.70
CA PRO B 18 12.63 1.87 -12.13
C PRO B 18 13.49 0.61 -12.31
N VAL B 19 13.60 0.16 -13.54
CA VAL B 19 14.38 -1.03 -13.86
C VAL B 19 15.71 -0.66 -14.52
N ASP B 20 15.71 0.50 -15.19
CA ASP B 20 16.91 0.99 -15.88
C ASP B 20 17.30 0.06 -17.03
N THR B 21 17.94 0.63 -18.05
CA THR B 21 18.36 -0.14 -19.21
C THR B 21 19.51 -1.09 -18.86
N GLN B 22 19.50 -2.28 -19.45
CA GLN B 22 20.53 -3.27 -19.21
C GLN B 22 20.79 -4.11 -20.45
N ALA A 1 19.44 -9.45 -7.02
CA ALA A 1 18.96 -8.71 -8.22
C ALA A 1 19.29 -7.22 -8.12
N GLY A 2 19.86 -6.68 -9.20
CA GLY A 2 20.23 -5.28 -9.20
C GLY A 2 19.02 -4.37 -9.22
N ALA A 3 18.04 -4.71 -10.06
CA ALA A 3 16.81 -3.92 -10.17
C ALA A 3 15.68 -4.53 -9.33
N LYS A 4 15.17 -3.74 -8.40
CA LYS A 4 14.08 -4.20 -7.53
C LYS A 4 12.73 -3.89 -8.16
N ASN A 5 11.81 -4.84 -8.07
CA ASN A 5 10.46 -4.68 -8.62
C ASN A 5 9.41 -4.72 -7.53
N TYR A 6 8.74 -3.60 -7.30
CA TYR A 6 7.71 -3.52 -6.29
C TYR A 6 6.39 -4.05 -6.84
N GLN A 7 6.12 -5.33 -6.59
CA GLN A 7 4.89 -5.95 -7.06
C GLN A 7 3.72 -5.60 -6.15
N TYR A 8 2.85 -4.71 -6.63
CA TYR A 8 1.70 -4.28 -5.84
C TYR A 8 0.44 -4.24 -6.71
N VAL A 9 -0.68 -4.62 -6.10
CA VAL A 9 -1.97 -4.60 -6.78
C VAL A 9 -3.07 -4.21 -5.82
N MET A 10 -3.82 -3.17 -6.17
CA MET A 10 -4.90 -2.70 -5.31
C MET A 10 -6.25 -2.83 -6.00
N SER A 11 -7.26 -3.25 -5.24
CA SER A 11 -8.60 -3.42 -5.77
C SER A 11 -9.09 -2.10 -6.39
N GLU A 12 -9.61 -2.18 -7.60
CA GLU A 12 -10.10 -1.00 -8.30
C GLU A 12 -11.59 -0.80 -8.09
N GLN A 13 -11.94 0.13 -7.20
CA GLN A 13 -13.33 0.44 -6.90
C GLN A 13 -13.52 1.95 -6.76
N PRO A 14 -14.38 2.56 -7.60
CA PRO A 14 -14.64 4.01 -7.55
C PRO A 14 -15.22 4.46 -6.21
N GLU A 15 -15.62 3.49 -5.39
CA GLU A 15 -16.19 3.79 -4.09
C GLU A 15 -15.10 4.03 -3.05
N MET A 16 -13.93 3.45 -3.28
CA MET A 16 -12.80 3.59 -2.36
C MET A 16 -11.66 4.38 -3.00
N ARG A 17 -11.98 5.16 -4.02
CA ARG A 17 -10.98 5.95 -4.72
C ARG A 17 -10.46 7.08 -3.83
N SER A 18 -11.30 7.51 -2.88
CA SER A 18 -10.93 8.59 -1.96
C SER A 18 -9.60 8.31 -1.28
N ILE A 19 -9.49 7.12 -0.67
CA ILE A 19 -8.26 6.74 0.03
C ILE A 19 -7.36 5.88 -0.86
N GLN A 20 -7.69 5.83 -2.15
CA GLN A 20 -6.91 5.05 -3.10
C GLN A 20 -5.46 5.52 -3.13
N PRO A 21 -4.50 4.66 -2.73
CA PRO A 21 -3.08 5.01 -2.72
C PRO A 21 -2.53 5.26 -4.12
N VAL A 22 -1.91 6.42 -4.30
CA VAL A 22 -1.34 6.77 -5.61
C VAL A 22 -0.40 5.67 -6.10
N HIS A 23 0.70 5.47 -5.37
CA HIS A 23 1.66 4.44 -5.72
C HIS A 23 2.30 3.85 -4.46
N VAL A 24 2.82 2.64 -4.58
CA VAL A 24 3.45 1.97 -3.45
C VAL A 24 4.66 1.15 -3.88
N TRP A 25 5.71 1.18 -3.05
CA TRP A 25 6.93 0.45 -3.32
C TRP A 25 7.55 -0.03 -1.99
N ASP A 26 8.20 -1.18 -2.02
CA ASP A 26 8.81 -1.74 -0.82
C ASP A 26 10.33 -1.76 -0.91
N ASN A 27 10.97 -2.12 0.20
CA ASN A 27 12.42 -2.21 0.27
C ASN A 27 12.82 -3.51 0.94
N TYR A 28 14.11 -3.71 1.15
CA TYR A 28 14.61 -4.92 1.78
C TYR A 28 14.23 -4.96 3.26
N ARG A 29 14.03 -3.79 3.86
CA ARG A 29 13.68 -3.70 5.26
C ARG A 29 12.32 -3.02 5.47
N PHE A 30 12.26 -1.73 5.19
CA PHE A 30 11.02 -0.96 5.35
C PHE A 30 10.21 -0.92 4.05
N THR A 31 8.98 -0.40 4.16
CA THR A 31 8.10 -0.30 3.01
C THR A 31 7.41 1.07 2.98
N ARG A 32 7.53 1.78 1.87
CA ARG A 32 6.94 3.11 1.75
C ARG A 32 5.65 3.09 0.94
N PHE A 33 4.72 3.97 1.33
CA PHE A 33 3.43 4.09 0.67
C PHE A 33 3.18 5.55 0.30
N GLU A 34 2.92 5.80 -0.99
CA GLU A 34 2.67 7.16 -1.45
C GLU A 34 1.19 7.45 -1.60
N PHE A 35 0.73 8.48 -0.88
CA PHE A 35 -0.67 8.89 -0.92
C PHE A 35 -0.81 10.34 -1.39
N PRO A 36 -2.01 10.74 -1.86
CA PRO A 36 -2.25 12.11 -2.33
C PRO A 36 -2.06 13.13 -1.21
N ALA A 37 -1.61 14.33 -1.57
CA ALA A 37 -1.39 15.39 -0.60
C ALA A 37 -2.71 16.02 -0.17
N ASN A 38 -3.70 15.96 -1.05
CA ASN A 38 -5.01 16.54 -0.77
C ASN A 38 -5.89 15.55 -0.03
N ALA A 39 -5.48 14.30 -0.05
CA ALA A 39 -6.23 13.23 0.62
C ALA A 39 -5.66 12.94 2.00
N GLU A 40 -6.36 12.08 2.75
CA GLU A 40 -5.92 11.71 4.09
C GLU A 40 -5.11 10.42 4.06
N LEU A 41 -4.23 10.26 5.04
CA LEU A 41 -3.39 9.07 5.13
C LEU A 41 -4.04 8.00 6.01
N PRO A 42 -4.47 6.88 5.40
CA PRO A 42 -5.11 5.78 6.12
C PRO A 42 -4.10 4.87 6.83
N GLN A 43 -4.63 3.90 7.57
CA GLN A 43 -3.79 2.96 8.30
C GLN A 43 -3.56 1.70 7.46
N VAL A 44 -2.36 1.14 7.54
CA VAL A 44 -2.04 -0.06 6.78
C VAL A 44 -1.77 -1.26 7.69
N TYR A 45 -2.66 -2.24 7.64
CA TYR A 45 -2.53 -3.45 8.46
C TYR A 45 -1.77 -4.52 7.69
N MET A 46 -1.51 -5.64 8.34
CA MET A 46 -0.81 -6.75 7.72
C MET A 46 -1.34 -8.09 8.24
N ILE A 47 -1.49 -9.04 7.33
CA ILE A 47 -2.00 -10.36 7.69
C ILE A 47 -0.90 -11.24 8.28
N SER A 48 -1.02 -11.55 9.56
CA SER A 48 -0.04 -12.37 10.25
C SER A 48 -0.62 -13.74 10.60
N ALA A 49 0.07 -14.47 11.47
CA ALA A 49 -0.38 -15.79 11.89
C ALA A 49 -1.77 -15.74 12.50
N SER A 50 -2.40 -16.91 12.62
CA SER A 50 -3.75 -17.00 13.19
C SER A 50 -4.76 -16.23 12.36
N GLY A 51 -4.33 -15.78 11.18
CA GLY A 51 -5.20 -15.03 10.30
C GLY A 51 -5.81 -13.82 10.98
N LYS A 52 -4.95 -12.91 11.43
CA LYS A 52 -5.40 -11.70 12.10
C LYS A 52 -4.69 -10.46 11.55
N GLU A 53 -5.44 -9.37 11.42
CA GLU A 53 -4.88 -8.12 10.90
C GLU A 53 -4.21 -7.32 12.01
N THR A 54 -2.89 -7.24 11.96
CA THR A 54 -2.13 -6.48 12.95
C THR A 54 -1.62 -5.18 12.34
N LEU A 55 -1.66 -4.11 13.12
CA LEU A 55 -1.20 -2.81 12.64
C LEU A 55 0.26 -2.57 13.01
N PRO A 56 1.16 -2.65 12.02
CA PRO A 56 2.60 -2.44 12.22
C PRO A 56 2.96 -0.97 12.39
N ASN A 57 4.16 -0.71 12.91
CA ASN A 57 4.62 0.66 13.11
C ASN A 57 4.66 1.40 11.78
N SER A 58 4.25 2.66 11.79
CA SER A 58 4.25 3.46 10.58
C SER A 58 4.73 4.88 10.84
N HIS A 59 5.36 5.48 9.83
CA HIS A 59 5.87 6.84 9.93
C HIS A 59 5.37 7.69 8.77
N VAL A 60 5.54 9.00 8.87
CA VAL A 60 5.10 9.90 7.82
C VAL A 60 6.25 10.73 7.26
N VAL A 61 6.39 10.72 5.93
CA VAL A 61 7.46 11.47 5.28
C VAL A 61 6.95 12.11 3.99
N GLY A 62 7.86 12.76 3.27
CA GLY A 62 7.50 13.41 2.02
C GLY A 62 7.47 14.93 2.15
N GLU A 63 7.92 15.43 3.30
CA GLU A 63 7.95 16.86 3.55
C GLU A 63 6.54 17.46 3.54
N ASN A 64 5.55 16.60 3.34
CA ASN A 64 4.15 17.05 3.30
C ASN A 64 3.25 16.06 4.04
N ARG A 65 3.87 15.06 4.67
CA ARG A 65 3.13 14.05 5.42
C ARG A 65 2.12 13.35 4.51
N ASN A 66 2.58 12.96 3.32
CA ASN A 66 1.71 12.27 2.37
C ASN A 66 2.19 10.84 2.13
N ILE A 67 3.26 10.45 2.83
CA ILE A 67 3.81 9.10 2.69
C ILE A 67 3.70 8.33 4.00
N ILE A 68 3.71 7.01 3.91
CA ILE A 68 3.61 6.16 5.09
C ILE A 68 4.66 5.05 5.06
N GLU A 69 5.72 5.22 5.85
CA GLU A 69 6.80 4.23 5.92
C GLU A 69 6.53 3.22 7.04
N VAL A 70 6.18 2.00 6.65
CA VAL A 70 5.91 0.94 7.62
C VAL A 70 7.17 0.12 7.89
N GLU A 71 7.28 -0.38 9.12
CA GLU A 71 8.45 -1.16 9.52
C GLU A 71 8.20 -2.66 9.38
N THR A 72 7.39 -3.05 8.40
CA THR A 72 7.08 -4.47 8.18
C THR A 72 6.90 -4.78 6.71
N VAL A 73 7.15 -6.04 6.34
CA VAL A 73 7.01 -6.49 4.96
C VAL A 73 6.19 -7.78 4.91
N ALA A 74 5.12 -7.77 4.13
CA ALA A 74 4.26 -8.94 4.00
C ALA A 74 3.76 -9.11 2.57
N LYS A 75 2.87 -10.09 2.38
CA LYS A 75 2.32 -10.36 1.06
C LYS A 75 0.93 -9.75 0.90
N GLU A 76 0.25 -9.53 2.03
CA GLU A 76 -1.09 -8.94 2.02
C GLU A 76 -1.15 -7.71 2.93
N TRP A 77 -1.55 -6.59 2.34
CA TRP A 77 -1.68 -5.33 3.07
C TRP A 77 -3.10 -4.82 3.03
N ARG A 78 -3.71 -4.65 4.20
CA ARG A 78 -5.09 -4.16 4.28
C ARG A 78 -5.12 -2.71 4.75
N ILE A 79 -5.42 -1.80 3.84
CA ILE A 79 -5.48 -0.38 4.16
C ILE A 79 -6.89 0.00 4.61
N ARG A 80 -7.04 0.39 5.86
CA ARG A 80 -8.34 0.77 6.39
C ARG A 80 -8.30 2.13 7.08
N LEU A 81 -9.36 2.90 6.91
CA LEU A 81 -9.47 4.23 7.52
C LEU A 81 -10.92 4.69 7.53
N GLY A 82 -11.45 4.94 8.73
CA GLY A 82 -12.83 5.38 8.85
C GLY A 82 -13.81 4.31 8.41
N ASP A 83 -14.50 4.56 7.31
CA ASP A 83 -15.47 3.61 6.77
C ASP A 83 -15.08 3.16 5.37
N LYS A 84 -13.80 3.27 5.04
CA LYS A 84 -13.31 2.89 3.71
C LYS A 84 -12.13 1.94 3.82
N VAL A 85 -12.02 1.01 2.87
CA VAL A 85 -10.92 0.05 2.85
C VAL A 85 -10.45 -0.23 1.43
N VAL A 86 -9.15 -0.48 1.29
CA VAL A 86 -8.57 -0.78 -0.01
C VAL A 86 -7.68 -2.02 0.08
N GLY A 87 -7.98 -3.03 -0.72
CA GLY A 87 -7.21 -4.26 -0.69
C GLY A 87 -5.93 -4.17 -1.52
N VAL A 88 -4.80 -4.07 -0.84
CA VAL A 88 -3.50 -3.99 -1.51
C VAL A 88 -2.68 -5.24 -1.20
N ARG A 89 -2.38 -6.02 -2.24
CA ARG A 89 -1.62 -7.25 -2.07
C ARG A 89 -0.27 -7.15 -2.78
N ASN A 90 0.80 -7.43 -2.05
CA ASN A 90 2.15 -7.39 -2.60
C ASN A 90 2.65 -8.79 -2.93
N ASN A 91 2.85 -9.05 -4.22
CA ASN A 91 3.33 -10.35 -4.66
C ASN A 91 4.82 -10.31 -4.96
N ASN A 92 5.64 -10.40 -3.92
CA ASN A 92 7.10 -10.36 -4.06
C ASN A 92 7.76 -10.37 -2.68
N PHE A 93 8.89 -11.06 -2.58
CA PHE A 93 9.62 -11.14 -1.32
C PHE A 93 11.12 -10.95 -1.55
N ALA A 94 11.66 -9.87 -0.99
CA ALA A 94 13.08 -9.58 -1.12
C ALA A 94 13.64 -8.98 0.16
N PRO A 95 13.86 -9.83 1.20
CA PRO A 95 14.40 -9.39 2.48
C PRO A 95 15.84 -8.90 2.37
N PRO B 1 -21.92 2.84 3.77
CA PRO B 1 -21.93 1.43 3.31
C PRO B 1 -20.54 0.80 3.43
N PRO B 2 -20.47 -0.53 3.60
CA PRO B 2 -19.20 -1.24 3.72
C PRO B 2 -18.41 -1.28 2.42
N PRO B 3 -17.15 -0.79 2.43
CA PRO B 3 -16.31 -0.77 1.22
C PRO B 3 -15.95 -2.18 0.74
N GLU B 4 -14.99 -2.79 1.42
CA GLU B 4 -14.54 -4.13 1.08
C GLU B 4 -13.95 -4.18 -0.33
N PRO B 5 -12.74 -4.72 -0.48
CA PRO B 5 -12.09 -4.82 -1.77
C PRO B 5 -12.57 -6.04 -2.54
N ASP B 6 -13.39 -5.80 -3.55
CA ASP B 6 -13.95 -6.88 -4.37
C ASP B 6 -12.89 -7.52 -5.26
N TRP B 7 -11.76 -6.83 -5.44
CA TRP B 7 -10.68 -7.35 -6.28
C TRP B 7 -11.15 -7.50 -7.73
N SER B 8 -12.37 -7.05 -8.00
CA SER B 8 -12.94 -7.13 -9.35
C SER B 8 -11.90 -6.80 -10.40
N ASN B 9 -11.27 -5.64 -10.27
CA ASN B 9 -10.24 -5.21 -11.21
C ASN B 9 -8.95 -4.90 -10.46
N THR B 10 -8.08 -5.90 -10.35
CA THR B 10 -6.81 -5.72 -9.65
C THR B 10 -5.98 -4.65 -10.34
N VAL B 11 -6.11 -3.42 -9.88
CA VAL B 11 -5.36 -2.31 -10.46
C VAL B 11 -4.06 -2.08 -9.68
N PRO B 12 -2.91 -2.33 -10.32
CA PRO B 12 -1.59 -2.16 -9.69
C PRO B 12 -1.41 -0.81 -9.01
N VAL B 13 -0.33 -0.71 -8.25
CA VAL B 13 -0.02 0.52 -7.53
C VAL B 13 1.33 1.07 -7.97
N ASN B 14 1.87 0.51 -9.05
CA ASN B 14 3.16 0.95 -9.57
C ASN B 14 3.04 1.38 -11.03
N LYS B 15 2.23 0.65 -11.80
CA LYS B 15 2.03 0.95 -13.22
C LYS B 15 3.34 0.79 -13.99
N THR B 16 4.19 1.82 -13.92
CA THR B 16 5.48 1.78 -14.61
C THR B 16 6.63 1.91 -13.62
N ILE B 17 7.58 1.00 -13.72
CA ILE B 17 8.75 1.00 -12.83
C ILE B 17 9.64 2.22 -13.11
N PRO B 18 10.00 2.99 -12.06
CA PRO B 18 10.86 4.16 -12.21
C PRO B 18 12.33 3.79 -12.28
N VAL B 19 12.85 3.74 -13.51
CA VAL B 19 14.26 3.41 -13.72
C VAL B 19 15.02 4.59 -14.32
N ASP B 20 14.29 5.45 -15.03
CA ASP B 20 14.89 6.63 -15.65
C ASP B 20 15.99 6.22 -16.65
N THR B 21 15.62 6.18 -17.92
CA THR B 21 16.57 5.81 -18.98
C THR B 21 16.90 7.01 -19.86
N GLN B 22 18.14 7.06 -20.34
CA GLN B 22 18.59 8.15 -21.21
C GLN B 22 18.38 9.49 -20.53
N ALA A 1 25.08 -2.14 -6.51
CA ALA A 1 23.94 -1.62 -7.31
C ALA A 1 22.95 -2.73 -7.66
N GLY A 2 21.67 -2.46 -7.43
CA GLY A 2 20.64 -3.45 -7.72
C GLY A 2 19.28 -2.82 -7.94
N ALA A 3 18.41 -3.54 -8.64
CA ALA A 3 17.07 -3.04 -8.93
C ALA A 3 16.05 -3.66 -7.99
N LYS A 4 15.30 -2.80 -7.29
CA LYS A 4 14.28 -3.25 -6.35
C LYS A 4 13.01 -3.67 -7.09
N ASN A 5 12.27 -4.60 -6.50
CA ASN A 5 11.03 -5.09 -7.10
C ASN A 5 9.85 -4.85 -6.19
N TYR A 6 8.95 -3.97 -6.62
CA TYR A 6 7.76 -3.66 -5.86
C TYR A 6 6.50 -4.11 -6.60
N GLN A 7 6.04 -5.30 -6.27
CA GLN A 7 4.84 -5.86 -6.88
C GLN A 7 3.63 -5.69 -5.98
N TYR A 8 2.81 -4.69 -6.28
CA TYR A 8 1.62 -4.42 -5.48
C TYR A 8 0.37 -4.33 -6.35
N VAL A 9 -0.75 -4.82 -5.80
CA VAL A 9 -2.02 -4.78 -6.51
C VAL A 9 -3.12 -4.29 -5.57
N MET A 10 -3.83 -3.26 -5.99
CA MET A 10 -4.89 -2.68 -5.17
C MET A 10 -6.24 -2.80 -5.86
N SER A 11 -7.27 -3.16 -5.08
CA SER A 11 -8.61 -3.30 -5.60
C SER A 11 -9.08 -1.98 -6.21
N GLU A 12 -9.68 -2.05 -7.40
CA GLU A 12 -10.14 -0.84 -8.08
C GLU A 12 -11.65 -0.68 -7.99
N GLN A 13 -12.08 0.21 -7.11
CA GLN A 13 -13.50 0.49 -6.93
C GLN A 13 -13.73 2.00 -6.78
N PRO A 14 -14.78 2.54 -7.44
CA PRO A 14 -15.09 3.98 -7.37
C PRO A 14 -15.35 4.45 -5.95
N GLU A 15 -15.78 3.54 -5.09
CA GLU A 15 -16.07 3.87 -3.70
C GLU A 15 -14.80 3.86 -2.86
N MET A 16 -13.65 3.67 -3.50
CA MET A 16 -12.38 3.63 -2.79
C MET A 16 -11.33 4.51 -3.45
N ARG A 17 -11.76 5.37 -4.36
CA ARG A 17 -10.85 6.26 -5.06
C ARG A 17 -10.35 7.37 -4.14
N SER A 18 -11.14 7.70 -3.13
CA SER A 18 -10.78 8.75 -2.18
C SER A 18 -9.48 8.43 -1.44
N ILE A 19 -9.42 7.24 -0.85
CA ILE A 19 -8.23 6.83 -0.11
C ILE A 19 -7.35 5.90 -0.95
N GLN A 20 -7.62 5.85 -2.24
CA GLN A 20 -6.84 5.01 -3.15
C GLN A 20 -5.37 5.42 -3.15
N PRO A 21 -4.47 4.53 -2.70
CA PRO A 21 -3.03 4.82 -2.67
C PRO A 21 -2.45 5.04 -4.06
N VAL A 22 -1.77 6.17 -4.24
CA VAL A 22 -1.17 6.51 -5.52
C VAL A 22 -0.25 5.38 -5.99
N HIS A 23 0.88 5.22 -5.31
CA HIS A 23 1.84 4.17 -5.64
C HIS A 23 2.45 3.58 -4.37
N VAL A 24 2.95 2.35 -4.47
CA VAL A 24 3.56 1.68 -3.33
C VAL A 24 4.77 0.86 -3.75
N TRP A 25 5.87 1.01 -3.01
CA TRP A 25 7.10 0.27 -3.28
C TRP A 25 7.78 -0.12 -1.98
N ASP A 26 8.37 -1.32 -1.95
CA ASP A 26 9.05 -1.80 -0.76
C ASP A 26 10.55 -1.93 -0.98
N ASN A 27 11.27 -2.24 0.08
CA ASN A 27 12.71 -2.38 0.02
C ASN A 27 13.13 -3.67 0.73
N TYR A 28 14.44 -3.87 0.86
CA TYR A 28 14.96 -5.06 1.52
C TYR A 28 14.71 -5.01 3.03
N ARG A 29 14.55 -3.82 3.57
CA ARG A 29 14.32 -3.65 5.00
C ARG A 29 12.97 -2.99 5.29
N PHE A 30 12.85 -1.72 4.95
CA PHE A 30 11.62 -0.98 5.19
C PHE A 30 10.75 -0.88 3.93
N THR A 31 9.53 -0.38 4.11
CA THR A 31 8.60 -0.23 3.00
C THR A 31 8.00 1.18 2.99
N ARG A 32 7.72 1.71 1.81
CA ARG A 32 7.16 3.05 1.70
C ARG A 32 5.85 3.05 0.92
N PHE A 33 4.93 3.93 1.33
CA PHE A 33 3.64 4.06 0.69
C PHE A 33 3.39 5.51 0.30
N GLU A 34 3.10 5.75 -0.98
CA GLU A 34 2.86 7.11 -1.46
C GLU A 34 1.37 7.38 -1.59
N PHE A 35 0.87 8.33 -0.81
CA PHE A 35 -0.54 8.70 -0.84
C PHE A 35 -0.71 10.14 -1.34
N PRO A 36 -1.93 10.49 -1.83
CA PRO A 36 -2.21 11.83 -2.33
C PRO A 36 -2.01 12.90 -1.25
N ALA A 37 -2.02 14.16 -1.66
CA ALA A 37 -1.83 15.27 -0.73
C ALA A 37 -3.17 15.85 -0.29
N ASN A 38 -4.18 15.69 -1.14
CA ASN A 38 -5.52 16.20 -0.83
C ASN A 38 -6.31 15.19 -0.02
N ALA A 39 -5.82 13.97 0.01
CA ALA A 39 -6.49 12.89 0.74
C ALA A 39 -5.82 12.66 2.10
N GLU A 40 -6.58 12.07 3.03
CA GLU A 40 -6.07 11.79 4.36
C GLU A 40 -5.28 10.49 4.37
N LEU A 41 -4.35 10.36 5.32
CA LEU A 41 -3.53 9.16 5.43
C LEU A 41 -4.22 8.09 6.27
N PRO A 42 -4.59 6.95 5.65
CA PRO A 42 -5.26 5.86 6.35
C PRO A 42 -4.29 4.97 7.14
N GLN A 43 -4.85 4.06 7.93
CA GLN A 43 -4.04 3.14 8.73
C GLN A 43 -3.84 1.83 8.00
N VAL A 44 -2.59 1.50 7.71
CA VAL A 44 -2.26 0.26 7.01
C VAL A 44 -2.01 -0.89 7.98
N TYR A 45 -2.64 -2.02 7.71
CA TYR A 45 -2.49 -3.21 8.56
C TYR A 45 -1.76 -4.31 7.80
N MET A 46 -1.51 -5.42 8.48
CA MET A 46 -0.83 -6.56 7.87
C MET A 46 -1.38 -7.88 8.40
N ILE A 47 -1.40 -8.89 7.53
CA ILE A 47 -1.91 -10.20 7.91
C ILE A 47 -0.81 -11.11 8.42
N SER A 48 -0.94 -11.54 9.68
CA SER A 48 0.05 -12.41 10.29
C SER A 48 -0.60 -13.42 11.22
N ALA A 49 -0.02 -14.61 11.31
CA ALA A 49 -0.56 -15.67 12.17
C ALA A 49 -1.98 -16.03 11.78
N SER A 50 -2.13 -17.11 11.01
CA SER A 50 -3.44 -17.58 10.57
C SER A 50 -4.12 -16.53 9.69
N GLY A 51 -4.77 -15.56 10.32
CA GLY A 51 -5.46 -14.52 9.58
C GLY A 51 -5.95 -13.40 10.48
N LYS A 52 -5.01 -12.58 10.96
CA LYS A 52 -5.35 -11.46 11.84
C LYS A 52 -4.72 -10.17 11.33
N GLU A 53 -5.47 -9.08 11.45
CA GLU A 53 -4.99 -7.77 11.00
C GLU A 53 -4.41 -6.97 12.16
N THR A 54 -3.14 -6.58 12.03
CA THR A 54 -2.48 -5.79 13.06
C THR A 54 -1.70 -4.65 12.42
N LEU A 55 -1.79 -3.48 13.02
CA LEU A 55 -1.11 -2.30 12.50
C LEU A 55 0.39 -2.34 12.86
N PRO A 56 1.25 -2.55 11.86
CA PRO A 56 2.71 -2.61 12.07
C PRO A 56 3.32 -1.22 12.27
N ASN A 57 4.54 -1.18 12.80
CA ASN A 57 5.23 0.09 13.03
C ASN A 57 5.21 0.95 11.78
N SER A 58 4.36 1.97 11.79
CA SER A 58 4.24 2.88 10.64
C SER A 58 4.76 4.27 10.99
N HIS A 59 5.14 5.01 9.94
CA HIS A 59 5.65 6.36 10.12
C HIS A 59 5.17 7.26 8.99
N VAL A 60 5.34 8.57 9.15
CA VAL A 60 4.91 9.53 8.14
C VAL A 60 6.07 10.39 7.66
N VAL A 61 6.21 10.52 6.34
CA VAL A 61 7.28 11.32 5.75
C VAL A 61 6.78 12.09 4.53
N GLY A 62 7.67 12.89 3.95
CA GLY A 62 7.31 13.68 2.79
C GLY A 62 7.42 15.17 3.03
N GLU A 63 7.44 15.94 1.95
CA GLU A 63 7.54 17.40 2.05
C GLU A 63 6.18 18.02 2.30
N ASN A 64 5.14 17.19 2.29
CA ASN A 64 3.78 17.67 2.52
C ASN A 64 3.02 16.70 3.41
N ARG A 65 3.73 15.77 4.02
CA ARG A 65 3.12 14.77 4.88
C ARG A 65 2.03 14.01 4.15
N ASN A 66 2.43 13.12 3.25
CA ASN A 66 1.50 12.33 2.47
C ASN A 66 2.04 10.93 2.21
N ILE A 67 3.12 10.59 2.89
CA ILE A 67 3.75 9.28 2.72
C ILE A 67 3.66 8.46 4.00
N ILE A 68 3.74 7.14 3.86
CA ILE A 68 3.66 6.24 5.00
C ILE A 68 4.67 5.10 4.88
N GLU A 69 5.73 5.18 5.68
CA GLU A 69 6.77 4.14 5.67
C GLU A 69 6.46 3.07 6.71
N VAL A 70 6.05 1.90 6.25
CA VAL A 70 5.73 0.80 7.14
C VAL A 70 6.88 -0.19 7.24
N GLU A 71 7.29 -0.49 8.47
CA GLU A 71 8.36 -1.45 8.69
C GLU A 71 7.84 -2.86 8.47
N THR A 72 8.73 -3.80 8.23
CA THR A 72 8.34 -5.19 7.99
C THR A 72 7.58 -5.32 6.68
N VAL A 73 7.95 -6.33 5.88
CA VAL A 73 7.29 -6.57 4.60
C VAL A 73 6.31 -7.72 4.70
N ALA A 74 5.09 -7.51 4.21
CA ALA A 74 4.05 -8.53 4.25
C ALA A 74 3.53 -8.84 2.85
N LYS A 75 2.83 -9.97 2.72
CA LYS A 75 2.28 -10.39 1.45
C LYS A 75 0.89 -9.80 1.23
N GLU A 76 0.20 -9.48 2.32
CA GLU A 76 -1.13 -8.90 2.24
C GLU A 76 -1.23 -7.65 3.11
N TRP A 77 -1.61 -6.54 2.49
CA TRP A 77 -1.76 -5.27 3.18
C TRP A 77 -3.21 -4.80 3.17
N ARG A 78 -3.74 -4.48 4.34
CA ARG A 78 -5.13 -4.02 4.44
C ARG A 78 -5.18 -2.56 4.89
N ILE A 79 -5.48 -1.67 3.96
CA ILE A 79 -5.56 -0.24 4.26
C ILE A 79 -6.98 0.12 4.69
N ARG A 80 -7.14 0.53 5.95
CA ARG A 80 -8.44 0.89 6.47
C ARG A 80 -8.41 2.25 7.17
N LEU A 81 -9.50 3.01 7.00
CA LEU A 81 -9.62 4.32 7.61
C LEU A 81 -11.07 4.79 7.56
N GLY A 82 -11.66 4.99 8.74
CA GLY A 82 -13.04 5.43 8.81
C GLY A 82 -14.01 4.35 8.37
N ASP A 83 -14.70 4.58 7.26
CA ASP A 83 -15.66 3.63 6.73
C ASP A 83 -15.27 3.18 5.32
N LYS A 84 -13.98 3.32 4.99
CA LYS A 84 -13.49 2.94 3.68
C LYS A 84 -12.23 2.07 3.79
N VAL A 85 -12.17 1.02 2.98
CA VAL A 85 -11.03 0.11 2.98
C VAL A 85 -10.55 -0.20 1.57
N VAL A 86 -9.25 -0.39 1.42
CA VAL A 86 -8.66 -0.70 0.13
C VAL A 86 -7.77 -1.93 0.23
N GLY A 87 -8.09 -2.96 -0.56
CA GLY A 87 -7.31 -4.18 -0.52
C GLY A 87 -6.06 -4.13 -1.37
N VAL A 88 -4.90 -4.12 -0.71
CA VAL A 88 -3.62 -4.09 -1.41
C VAL A 88 -2.79 -5.31 -1.08
N ARG A 89 -2.51 -6.14 -2.07
CA ARG A 89 -1.74 -7.35 -1.87
C ARG A 89 -0.37 -7.25 -2.53
N ASN A 90 0.67 -7.58 -1.77
CA ASN A 90 2.04 -7.53 -2.27
C ASN A 90 2.47 -8.91 -2.78
N ASN A 91 2.66 -9.02 -4.10
CA ASN A 91 3.08 -10.28 -4.69
C ASN A 91 4.57 -10.25 -5.03
N ASN A 92 5.40 -10.48 -4.02
CA ASN A 92 6.85 -10.47 -4.20
C ASN A 92 7.55 -10.61 -2.85
N PHE A 93 8.64 -11.37 -2.82
CA PHE A 93 9.40 -11.59 -1.60
C PHE A 93 10.90 -11.54 -1.86
N ALA A 94 11.52 -10.41 -1.53
CA ALA A 94 12.95 -10.24 -1.73
C ALA A 94 13.60 -9.63 -0.49
N PRO A 95 13.85 -10.45 0.54
CA PRO A 95 14.48 -9.99 1.78
C PRO A 95 15.93 -9.57 1.57
N PRO B 1 -23.30 -0.73 2.49
CA PRO B 1 -22.59 0.46 3.01
C PRO B 1 -21.08 0.21 3.16
N PRO B 2 -20.67 -0.86 3.88
CA PRO B 2 -19.25 -1.17 4.07
C PRO B 2 -18.48 -1.21 2.75
N PRO B 3 -17.19 -0.81 2.76
CA PRO B 3 -16.36 -0.81 1.55
C PRO B 3 -16.03 -2.21 1.08
N GLU B 4 -15.07 -2.86 1.76
CA GLU B 4 -14.65 -4.21 1.41
C GLU B 4 -14.10 -4.26 -0.02
N PRO B 5 -12.82 -4.63 -0.19
CA PRO B 5 -12.21 -4.70 -1.50
C PRO B 5 -12.66 -5.94 -2.26
N ASP B 6 -13.48 -5.73 -3.28
CA ASP B 6 -14.00 -6.83 -4.08
C ASP B 6 -12.94 -7.41 -5.01
N TRP B 7 -11.82 -6.70 -5.16
CA TRP B 7 -10.73 -7.15 -6.02
C TRP B 7 -11.22 -7.33 -7.45
N SER B 8 -12.46 -6.91 -7.71
CA SER B 8 -13.05 -7.03 -9.04
C SER B 8 -12.05 -6.64 -10.12
N ASN B 9 -11.62 -5.39 -10.10
CA ASN B 9 -10.64 -4.90 -11.07
C ASN B 9 -9.28 -4.74 -10.41
N THR B 10 -8.58 -5.85 -10.24
CA THR B 10 -7.26 -5.81 -9.62
C THR B 10 -6.36 -4.80 -10.33
N VAL B 11 -6.26 -3.62 -9.78
CA VAL B 11 -5.46 -2.55 -10.35
C VAL B 11 -4.17 -2.34 -9.57
N PRO B 12 -3.02 -2.62 -10.20
CA PRO B 12 -1.70 -2.47 -9.55
C PRO B 12 -1.51 -1.10 -8.91
N VAL B 13 -0.45 -0.99 -8.13
CA VAL B 13 -0.13 0.26 -7.44
C VAL B 13 1.13 0.88 -8.03
N ASN B 14 1.67 0.23 -9.05
CA ASN B 14 2.89 0.71 -9.71
C ASN B 14 2.73 0.69 -11.23
N LYS B 15 2.44 1.85 -11.80
CA LYS B 15 2.27 1.97 -13.25
C LYS B 15 3.61 2.04 -13.96
N THR B 16 4.36 3.11 -13.67
CA THR B 16 5.68 3.30 -14.28
C THR B 16 6.78 3.04 -13.27
N ILE B 17 7.43 1.87 -13.40
CA ILE B 17 8.51 1.49 -12.50
C ILE B 17 9.65 2.50 -12.55
N PRO B 18 9.85 3.28 -11.46
CA PRO B 18 10.91 4.29 -11.40
C PRO B 18 12.29 3.67 -11.59
N VAL B 19 12.78 3.74 -12.82
CA VAL B 19 14.10 3.19 -13.16
C VAL B 19 14.87 4.13 -14.08
N ASP B 20 14.14 4.85 -14.93
CA ASP B 20 14.75 5.79 -15.86
C ASP B 20 15.75 5.08 -16.78
N THR B 21 16.48 5.86 -17.56
CA THR B 21 17.48 5.31 -18.48
C THR B 21 18.87 5.83 -18.16
N GLN B 22 19.87 4.97 -18.32
CA GLN B 22 21.24 5.34 -18.04
C GLN B 22 22.12 5.16 -19.29
N ALA A 1 23.91 -9.45 -9.99
CA ALA A 1 23.16 -8.16 -9.97
C ALA A 1 22.42 -7.98 -8.64
N GLY A 2 21.83 -6.81 -8.47
CA GLY A 2 21.10 -6.53 -7.24
C GLY A 2 20.06 -5.44 -7.42
N ALA A 3 18.87 -5.83 -7.82
CA ALA A 3 17.78 -4.88 -8.04
C ALA A 3 16.54 -5.28 -7.25
N LYS A 4 15.51 -4.42 -7.27
CA LYS A 4 14.28 -4.68 -6.57
C LYS A 4 13.07 -4.26 -7.40
N ASN A 5 12.04 -5.10 -7.39
CA ASN A 5 10.81 -4.81 -8.14
C ASN A 5 9.61 -4.73 -7.23
N TYR A 6 9.04 -3.54 -7.11
CA TYR A 6 7.88 -3.33 -6.26
C TYR A 6 6.62 -3.81 -6.98
N GLN A 7 6.22 -5.04 -6.70
CA GLN A 7 5.03 -5.61 -7.30
C GLN A 7 3.83 -5.46 -6.35
N TYR A 8 2.88 -4.61 -6.74
CA TYR A 8 1.69 -4.37 -5.93
C TYR A 8 0.43 -4.33 -6.76
N VAL A 9 -0.69 -4.68 -6.14
CA VAL A 9 -1.98 -4.68 -6.81
C VAL A 9 -3.09 -4.33 -5.82
N MET A 10 -3.98 -3.43 -6.22
CA MET A 10 -5.08 -3.01 -5.36
C MET A 10 -6.42 -3.13 -6.08
N SER A 11 -7.47 -3.45 -5.31
CA SER A 11 -8.80 -3.61 -5.87
C SER A 11 -9.22 -2.37 -6.65
N GLU A 12 -9.69 -2.58 -7.89
CA GLU A 12 -10.12 -1.46 -8.73
C GLU A 12 -11.54 -1.01 -8.39
N GLN A 13 -11.68 -0.31 -7.27
CA GLN A 13 -12.98 0.18 -6.83
C GLN A 13 -13.00 1.71 -6.83
N PRO A 14 -13.70 2.33 -7.81
CA PRO A 14 -13.80 3.79 -7.91
C PRO A 14 -14.53 4.41 -6.73
N GLU A 15 -15.27 3.58 -5.99
CA GLU A 15 -16.02 4.06 -4.84
C GLU A 15 -15.13 4.14 -3.60
N MET A 16 -13.85 3.81 -3.78
CA MET A 16 -12.90 3.83 -2.68
C MET A 16 -11.61 4.54 -3.09
N ARG A 17 -11.67 5.24 -4.21
CA ARG A 17 -10.51 5.97 -4.71
C ARG A 17 -10.07 7.06 -3.74
N SER A 18 -11.01 7.54 -2.94
CA SER A 18 -10.73 8.58 -1.95
C SER A 18 -9.51 8.23 -1.09
N ILE A 19 -9.52 7.04 -0.51
CA ILE A 19 -8.42 6.59 0.33
C ILE A 19 -7.48 5.66 -0.43
N GLN A 20 -7.65 5.60 -1.75
CA GLN A 20 -6.81 4.74 -2.59
C GLN A 20 -5.37 5.26 -2.62
N PRO A 21 -4.38 4.37 -2.42
CA PRO A 21 -2.97 4.75 -2.43
C PRO A 21 -2.46 5.05 -3.83
N VAL A 22 -1.77 6.18 -3.98
CA VAL A 22 -1.23 6.58 -5.28
C VAL A 22 -0.27 5.52 -5.80
N HIS A 23 0.84 5.32 -5.09
CA HIS A 23 1.84 4.32 -5.47
C HIS A 23 2.44 3.68 -4.23
N VAL A 24 3.01 2.49 -4.40
CA VAL A 24 3.62 1.78 -3.28
C VAL A 24 4.88 1.02 -3.70
N TRP A 25 5.90 1.09 -2.86
CA TRP A 25 7.16 0.41 -3.11
C TRP A 25 7.80 -0.04 -1.80
N ASP A 26 8.36 -1.24 -1.77
CA ASP A 26 8.98 -1.77 -0.56
C ASP A 26 10.47 -2.01 -0.75
N ASN A 27 11.18 -2.08 0.37
CA ASN A 27 12.62 -2.32 0.35
C ASN A 27 12.98 -3.36 1.40
N TYR A 28 14.07 -4.08 1.19
CA TYR A 28 14.50 -5.12 2.12
C TYR A 28 14.58 -4.56 3.54
N ARG A 29 14.74 -3.25 3.66
CA ARG A 29 14.83 -2.60 4.97
C ARG A 29 13.45 -2.16 5.47
N PHE A 30 12.86 -1.19 4.78
CA PHE A 30 11.55 -0.67 5.15
C PHE A 30 10.64 -0.53 3.93
N THR A 31 9.37 -0.24 4.18
CA THR A 31 8.39 -0.08 3.10
C THR A 31 7.74 1.30 3.18
N ARG A 32 7.45 1.88 2.03
CA ARG A 32 6.84 3.21 1.98
C ARG A 32 5.58 3.22 1.11
N PHE A 33 4.59 3.99 1.55
CA PHE A 33 3.33 4.11 0.81
C PHE A 33 3.06 5.58 0.46
N GLU A 34 2.87 5.85 -0.83
CA GLU A 34 2.63 7.22 -1.28
C GLU A 34 1.14 7.51 -1.42
N PHE A 35 0.67 8.53 -0.69
CA PHE A 35 -0.73 8.93 -0.73
C PHE A 35 -0.86 10.39 -1.17
N PRO A 36 -2.06 10.80 -1.64
CA PRO A 36 -2.30 12.17 -2.07
C PRO A 36 -2.04 13.18 -0.96
N ALA A 37 -1.75 14.43 -1.34
CA ALA A 37 -1.48 15.48 -0.37
C ALA A 37 -2.76 15.93 0.32
N ASN A 38 -3.88 15.78 -0.37
CA ASN A 38 -5.18 16.17 0.19
C ASN A 38 -5.78 15.06 1.04
N ALA A 39 -5.23 13.87 0.88
CA ALA A 39 -5.69 12.70 1.61
C ALA A 39 -5.44 12.85 3.11
N GLU A 40 -6.06 11.98 3.90
CA GLU A 40 -5.90 12.02 5.34
C GLU A 40 -4.96 10.91 5.81
N LEU A 41 -4.46 10.13 4.85
CA LEU A 41 -3.55 9.03 5.15
C LEU A 41 -4.21 7.97 6.03
N PRO A 42 -4.58 6.83 5.43
CA PRO A 42 -5.23 5.73 6.16
C PRO A 42 -4.23 4.85 6.90
N GLN A 43 -4.75 3.94 7.72
CA GLN A 43 -3.92 3.03 8.48
C GLN A 43 -3.74 1.71 7.74
N VAL A 44 -2.49 1.40 7.37
CA VAL A 44 -2.20 0.17 6.65
C VAL A 44 -1.92 -0.99 7.60
N TYR A 45 -2.82 -1.96 7.62
CA TYR A 45 -2.66 -3.13 8.47
C TYR A 45 -1.91 -4.24 7.73
N MET A 46 -1.65 -5.33 8.43
CA MET A 46 -0.95 -6.47 7.85
C MET A 46 -1.49 -7.79 8.38
N ILE A 47 -1.41 -8.83 7.55
CA ILE A 47 -1.90 -10.14 7.94
C ILE A 47 -0.79 -10.99 8.55
N SER A 48 -1.01 -11.46 9.76
CA SER A 48 -0.02 -12.28 10.46
C SER A 48 -0.12 -13.73 10.01
N ALA A 49 0.72 -14.58 10.61
CA ALA A 49 0.73 -16.01 10.27
C ALA A 49 -0.57 -16.68 10.68
N SER A 50 -1.12 -16.26 11.81
CA SER A 50 -2.37 -16.81 12.31
C SER A 50 -3.54 -16.43 11.41
N GLY A 51 -3.68 -15.15 11.14
CA GLY A 51 -4.76 -14.67 10.29
C GLY A 51 -5.52 -13.51 10.91
N LYS A 52 -4.78 -12.55 11.45
CA LYS A 52 -5.39 -11.39 12.08
C LYS A 52 -4.74 -10.10 11.58
N GLU A 53 -5.56 -9.05 11.42
CA GLU A 53 -5.07 -7.77 10.95
C GLU A 53 -4.54 -6.92 12.11
N THR A 54 -3.27 -6.58 12.05
CA THR A 54 -2.65 -5.77 13.09
C THR A 54 -1.89 -4.60 12.46
N LEU A 55 -2.04 -3.42 13.05
CA LEU A 55 -1.38 -2.23 12.53
C LEU A 55 0.09 -2.18 12.97
N PRO A 56 1.02 -2.35 12.01
CA PRO A 56 2.45 -2.32 12.30
C PRO A 56 2.97 -0.91 12.53
N ASN A 57 4.14 -0.79 13.15
CA ASN A 57 4.74 0.50 13.43
C ASN A 57 4.94 1.30 12.14
N SER A 58 4.03 2.23 11.89
CA SER A 58 4.10 3.06 10.68
C SER A 58 4.79 4.39 10.96
N HIS A 59 5.15 5.09 9.89
CA HIS A 59 5.83 6.37 10.01
C HIS A 59 5.29 7.35 8.96
N VAL A 60 5.56 8.64 9.15
CA VAL A 60 5.10 9.65 8.22
C VAL A 60 6.28 10.44 7.63
N VAL A 61 6.33 10.50 6.30
CA VAL A 61 7.40 11.20 5.62
C VAL A 61 6.88 11.93 4.38
N GLY A 62 7.78 12.61 3.68
CA GLY A 62 7.40 13.33 2.49
C GLY A 62 7.51 14.84 2.66
N GLU A 63 7.82 15.54 1.57
CA GLU A 63 7.96 17.00 1.61
C GLU A 63 6.63 17.65 1.98
N ASN A 64 5.53 17.03 1.59
CA ASN A 64 4.21 17.55 1.87
C ASN A 64 3.52 16.74 2.96
N ARG A 65 4.27 15.82 3.56
CA ARG A 65 3.72 14.97 4.62
C ARG A 65 2.48 14.25 4.13
N ASN A 66 2.68 13.20 3.32
CA ASN A 66 1.57 12.43 2.78
C ASN A 66 1.99 10.99 2.53
N ILE A 67 3.13 10.60 3.08
CA ILE A 67 3.65 9.25 2.90
C ILE A 67 3.55 8.45 4.21
N ILE A 68 3.49 7.12 4.08
CA ILE A 68 3.40 6.25 5.25
C ILE A 68 4.40 5.10 5.14
N GLU A 69 5.49 5.20 5.87
CA GLU A 69 6.52 4.17 5.85
C GLU A 69 6.32 3.15 6.97
N VAL A 70 5.95 1.93 6.60
CA VAL A 70 5.72 0.88 7.57
C VAL A 70 7.03 0.10 7.82
N GLU A 71 7.38 -0.03 9.10
CA GLU A 71 8.60 -0.73 9.48
C GLU A 71 8.42 -2.25 9.43
N THR A 72 7.71 -2.73 8.43
CA THR A 72 7.47 -4.16 8.27
C THR A 72 7.11 -4.51 6.84
N VAL A 73 7.43 -5.75 6.44
CA VAL A 73 7.14 -6.22 5.09
C VAL A 73 6.28 -7.49 5.14
N ALA A 74 5.19 -7.49 4.38
CA ALA A 74 4.29 -8.63 4.34
C ALA A 74 3.84 -8.93 2.92
N LYS A 75 2.92 -9.87 2.78
CA LYS A 75 2.40 -10.25 1.46
C LYS A 75 1.00 -9.71 1.25
N GLU A 76 0.35 -9.31 2.34
CA GLU A 76 -1.00 -8.77 2.28
C GLU A 76 -1.13 -7.53 3.16
N TRP A 77 -1.55 -6.42 2.55
CA TRP A 77 -1.71 -5.16 3.25
C TRP A 77 -3.16 -4.68 3.15
N ARG A 78 -3.81 -4.55 4.30
CA ARG A 78 -5.20 -4.10 4.33
C ARG A 78 -5.29 -2.63 4.77
N ILE A 79 -5.58 -1.75 3.82
CA ILE A 79 -5.68 -0.33 4.10
C ILE A 79 -7.09 0.02 4.56
N ARG A 80 -7.23 0.46 5.81
CA ARG A 80 -8.54 0.81 6.35
C ARG A 80 -8.52 2.22 6.96
N LEU A 81 -9.61 2.95 6.75
CA LEU A 81 -9.75 4.30 7.28
C LEU A 81 -11.20 4.76 7.19
N GLY A 82 -11.76 5.16 8.33
CA GLY A 82 -13.14 5.62 8.35
C GLY A 82 -14.13 4.50 8.08
N ASP A 83 -14.83 4.59 6.96
CA ASP A 83 -15.81 3.58 6.59
C ASP A 83 -15.46 2.92 5.27
N LYS A 84 -14.23 3.15 4.79
CA LYS A 84 -13.78 2.58 3.52
C LYS A 84 -12.53 1.72 3.72
N VAL A 85 -12.35 0.74 2.83
CA VAL A 85 -11.19 -0.13 2.88
C VAL A 85 -10.72 -0.47 1.48
N VAL A 86 -9.40 -0.63 1.33
CA VAL A 86 -8.83 -0.96 0.04
C VAL A 86 -7.91 -2.18 0.16
N GLY A 87 -8.21 -3.21 -0.63
CA GLY A 87 -7.41 -4.42 -0.58
C GLY A 87 -6.16 -4.35 -1.43
N VAL A 88 -5.01 -4.47 -0.79
CA VAL A 88 -3.73 -4.43 -1.49
C VAL A 88 -2.91 -5.65 -1.14
N ARG A 89 -2.62 -6.48 -2.14
CA ARG A 89 -1.83 -7.69 -1.92
C ARG A 89 -0.46 -7.57 -2.58
N ASN A 90 0.58 -7.58 -1.74
CA ASN A 90 1.95 -7.48 -2.24
C ASN A 90 2.38 -8.77 -2.90
N ASN A 91 2.96 -8.66 -4.09
CA ASN A 91 3.42 -9.81 -4.84
C ASN A 91 4.93 -9.74 -5.04
N ASN A 92 5.48 -10.80 -5.57
CA ASN A 92 6.93 -10.88 -5.82
C ASN A 92 7.69 -10.86 -4.50
N PHE A 93 7.02 -11.25 -3.42
CA PHE A 93 7.63 -11.27 -2.10
C PHE A 93 8.89 -12.14 -2.10
N ALA A 94 10.04 -11.47 -2.04
CA ALA A 94 11.32 -12.16 -2.03
C ALA A 94 12.35 -11.40 -1.21
N PRO A 95 12.30 -11.54 0.12
CA PRO A 95 13.24 -10.85 1.03
C PRO A 95 14.68 -11.30 0.82
N PRO B 1 -23.77 -0.15 3.75
CA PRO B 1 -22.98 -1.40 3.58
C PRO B 1 -21.48 -1.11 3.68
N PRO B 2 -20.67 -2.11 4.10
CA PRO B 2 -19.23 -1.95 4.24
C PRO B 2 -18.53 -1.88 2.89
N PRO B 3 -17.30 -1.33 2.85
CA PRO B 3 -16.52 -1.20 1.61
C PRO B 3 -16.15 -2.55 1.03
N GLU B 4 -15.19 -3.22 1.66
CA GLU B 4 -14.72 -4.52 1.20
C GLU B 4 -14.11 -4.43 -0.20
N PRO B 5 -12.86 -4.87 -0.37
CA PRO B 5 -12.19 -4.82 -1.66
C PRO B 5 -12.68 -5.93 -2.59
N ASP B 6 -13.46 -5.54 -3.59
CA ASP B 6 -13.99 -6.51 -4.55
C ASP B 6 -12.88 -7.07 -5.43
N TRP B 7 -11.68 -6.48 -5.33
CA TRP B 7 -10.54 -6.90 -6.12
C TRP B 7 -10.87 -6.88 -7.61
N SER B 8 -11.46 -7.96 -8.10
CA SER B 8 -11.84 -8.07 -9.51
C SER B 8 -10.69 -7.66 -10.43
N ASN B 9 -10.67 -6.38 -10.82
CA ASN B 9 -9.63 -5.87 -11.69
C ASN B 9 -8.48 -5.30 -10.87
N THR B 10 -7.76 -6.18 -10.18
CA THR B 10 -6.63 -5.76 -9.34
C THR B 10 -5.73 -4.78 -10.09
N VAL B 11 -5.97 -3.49 -9.88
CA VAL B 11 -5.20 -2.45 -10.53
C VAL B 11 -3.92 -2.16 -9.73
N PRO B 12 -2.75 -2.44 -10.33
CA PRO B 12 -1.46 -2.25 -9.66
C PRO B 12 -1.30 -0.88 -9.02
N VAL B 13 -0.28 -0.76 -8.19
CA VAL B 13 0.02 0.48 -7.48
C VAL B 13 1.37 1.03 -7.91
N ASN B 14 1.92 0.44 -8.96
CA ASN B 14 3.22 0.85 -9.48
C ASN B 14 3.06 1.94 -10.55
N LYS B 15 2.49 1.55 -11.69
CA LYS B 15 2.26 2.47 -12.80
C LYS B 15 3.58 2.95 -13.40
N THR B 16 4.19 3.97 -12.79
CA THR B 16 5.45 4.52 -13.29
C THR B 16 6.64 4.05 -12.46
N ILE B 17 6.43 3.87 -11.16
CA ILE B 17 7.48 3.43 -10.25
C ILE B 17 8.56 4.51 -10.10
N PRO B 18 8.92 4.85 -8.84
CA PRO B 18 9.93 5.87 -8.57
C PRO B 18 11.35 5.30 -8.60
N VAL B 19 12.04 5.52 -9.72
CA VAL B 19 13.41 5.03 -9.88
C VAL B 19 14.12 5.74 -11.03
N ASP B 20 13.81 7.02 -11.20
CA ASP B 20 14.41 7.81 -12.26
C ASP B 20 15.92 7.65 -12.28
N THR B 21 16.48 7.49 -13.48
CA THR B 21 17.91 7.31 -13.65
C THR B 21 18.66 8.59 -13.32
N GLN B 22 18.09 9.73 -13.71
CA GLN B 22 18.71 11.02 -13.46
C GLN B 22 17.97 11.76 -12.34
N ALA A 1 20.52 -5.81 -5.99
CA ALA A 1 21.63 -5.46 -6.91
C ALA A 1 21.68 -3.96 -7.17
N GLY A 2 20.61 -3.44 -7.76
CA GLY A 2 20.55 -2.02 -8.06
C GLY A 2 19.13 -1.52 -8.22
N ALA A 3 18.31 -2.28 -8.96
CA ALA A 3 16.92 -1.90 -9.18
C ALA A 3 16.01 -2.55 -8.15
N LYS A 4 14.94 -1.84 -7.80
CA LYS A 4 13.98 -2.34 -6.82
C LYS A 4 12.67 -2.77 -7.49
N ASN A 5 12.20 -3.96 -7.15
CA ASN A 5 10.97 -4.48 -7.71
C ASN A 5 9.87 -4.57 -6.66
N TYR A 6 8.85 -3.75 -6.82
CA TYR A 6 7.73 -3.72 -5.90
C TYR A 6 6.43 -4.10 -6.62
N GLN A 7 6.06 -5.36 -6.54
CA GLN A 7 4.84 -5.84 -7.17
C GLN A 7 3.64 -5.70 -6.23
N TYR A 8 2.79 -4.72 -6.50
CA TYR A 8 1.62 -4.48 -5.68
C TYR A 8 0.37 -4.28 -6.53
N VAL A 9 -0.73 -4.89 -6.12
CA VAL A 9 -2.00 -4.78 -6.82
C VAL A 9 -3.11 -4.38 -5.86
N MET A 10 -3.84 -3.33 -6.20
CA MET A 10 -4.92 -2.85 -5.36
C MET A 10 -6.27 -2.96 -6.06
N SER A 11 -7.31 -3.26 -5.28
CA SER A 11 -8.66 -3.40 -5.82
C SER A 11 -9.11 -2.11 -6.48
N GLU A 12 -9.78 -2.22 -7.62
CA GLU A 12 -10.26 -1.04 -8.34
C GLU A 12 -11.74 -0.80 -8.10
N GLN A 13 -12.02 0.10 -7.15
CA GLN A 13 -13.40 0.44 -6.82
C GLN A 13 -13.55 1.95 -6.64
N PRO A 14 -14.46 2.59 -7.39
CA PRO A 14 -14.69 4.04 -7.32
C PRO A 14 -15.22 4.49 -5.96
N GLU A 15 -15.62 3.52 -5.13
CA GLU A 15 -16.16 3.82 -3.81
C GLU A 15 -15.03 4.03 -2.80
N MET A 16 -13.86 3.46 -3.10
CA MET A 16 -12.71 3.57 -2.22
C MET A 16 -11.55 4.30 -2.91
N ARG A 17 -11.87 5.03 -3.98
CA ARG A 17 -10.86 5.78 -4.72
C ARG A 17 -10.33 6.96 -3.90
N SER A 18 -11.17 7.46 -2.98
CA SER A 18 -10.79 8.58 -2.14
C SER A 18 -9.47 8.32 -1.42
N ILE A 19 -9.38 7.17 -0.75
CA ILE A 19 -8.17 6.82 -0.02
C ILE A 19 -7.29 5.88 -0.84
N GLN A 20 -7.56 5.80 -2.14
CA GLN A 20 -6.78 4.95 -3.02
C GLN A 20 -5.32 5.38 -3.07
N PRO A 21 -4.39 4.50 -2.64
CA PRO A 21 -2.96 4.81 -2.63
C PRO A 21 -2.41 5.00 -4.04
N VAL A 22 -1.74 6.13 -4.27
CA VAL A 22 -1.16 6.42 -5.58
C VAL A 22 -0.21 5.31 -6.00
N HIS A 23 0.95 5.23 -5.34
CA HIS A 23 1.94 4.20 -5.65
C HIS A 23 2.57 3.69 -4.36
N VAL A 24 3.01 2.43 -4.38
CA VAL A 24 3.63 1.82 -3.20
C VAL A 24 4.81 0.94 -3.59
N TRP A 25 5.82 0.92 -2.72
CA TRP A 25 7.01 0.11 -2.93
C TRP A 25 7.59 -0.36 -1.61
N ASP A 26 8.50 -1.33 -1.66
CA ASP A 26 9.10 -1.86 -0.44
C ASP A 26 10.60 -2.09 -0.63
N ASN A 27 11.26 -2.44 0.47
CA ASN A 27 12.70 -2.69 0.45
C ASN A 27 13.01 -3.96 1.23
N TYR A 28 14.30 -4.26 1.37
CA TYR A 28 14.73 -5.45 2.09
C TYR A 28 14.49 -5.29 3.59
N ARG A 29 14.43 -4.05 4.06
CA ARG A 29 14.22 -3.76 5.47
C ARG A 29 12.91 -3.04 5.72
N PHE A 30 12.82 -1.78 5.29
CA PHE A 30 11.62 -0.99 5.49
C PHE A 30 10.73 -0.96 4.24
N THR A 31 9.53 -0.42 4.40
CA THR A 31 8.57 -0.32 3.31
C THR A 31 8.02 1.10 3.23
N ARG A 32 7.65 1.54 2.03
CA ARG A 32 7.12 2.90 1.86
C ARG A 32 5.77 2.89 1.13
N PHE A 33 4.97 3.91 1.41
CA PHE A 33 3.66 4.05 0.79
C PHE A 33 3.43 5.51 0.37
N GLU A 34 3.11 5.72 -0.90
CA GLU A 34 2.88 7.07 -1.41
C GLU A 34 1.40 7.34 -1.61
N PHE A 35 0.89 8.34 -0.87
CA PHE A 35 -0.52 8.71 -0.96
C PHE A 35 -0.67 10.13 -1.51
N PRO A 36 -1.87 10.49 -2.01
CA PRO A 36 -2.14 11.82 -2.56
C PRO A 36 -2.01 12.90 -1.49
N ALA A 37 -2.16 14.16 -1.90
CA ALA A 37 -2.06 15.27 -0.98
C ALA A 37 -3.45 15.66 -0.45
N ASN A 38 -4.48 15.27 -1.17
CA ASN A 38 -5.85 15.56 -0.78
C ASN A 38 -6.38 14.49 0.17
N ALA A 39 -5.67 13.39 0.23
CA ALA A 39 -6.04 12.27 1.09
C ALA A 39 -5.91 12.64 2.56
N GLU A 40 -6.10 11.67 3.44
CA GLU A 40 -6.02 11.89 4.88
C GLU A 40 -5.01 10.95 5.52
N LEU A 41 -4.28 10.21 4.67
CA LEU A 41 -3.28 9.25 5.15
C LEU A 41 -3.92 8.20 6.05
N PRO A 42 -4.35 7.07 5.45
CA PRO A 42 -4.99 5.97 6.18
C PRO A 42 -3.99 5.10 6.94
N GLN A 43 -4.50 4.13 7.68
CA GLN A 43 -3.65 3.21 8.45
C GLN A 43 -3.49 1.90 7.69
N VAL A 44 -2.24 1.54 7.42
CA VAL A 44 -1.95 0.31 6.68
C VAL A 44 -1.69 -0.86 7.63
N TYR A 45 -2.59 -1.84 7.63
CA TYR A 45 -2.45 -3.02 8.46
C TYR A 45 -1.70 -4.11 7.73
N MET A 46 -1.45 -5.22 8.41
CA MET A 46 -0.75 -6.34 7.81
C MET A 46 -1.28 -7.67 8.34
N ILE A 47 -1.31 -8.68 7.49
CA ILE A 47 -1.80 -9.99 7.87
C ILE A 47 -0.71 -10.83 8.51
N SER A 48 -1.03 -11.44 9.65
CA SER A 48 -0.07 -12.27 10.37
C SER A 48 -0.62 -13.69 10.55
N ALA A 49 0.01 -14.45 11.44
CA ALA A 49 -0.41 -15.83 11.70
C ALA A 49 -1.87 -15.88 12.11
N SER A 50 -2.51 -17.02 11.85
CA SER A 50 -3.92 -17.22 12.19
C SER A 50 -4.80 -16.22 11.43
N GLY A 51 -4.22 -15.53 10.47
CA GLY A 51 -4.97 -14.56 9.69
C GLY A 51 -5.54 -13.44 10.55
N LYS A 52 -4.70 -12.48 10.91
CA LYS A 52 -5.13 -11.35 11.73
C LYS A 52 -4.53 -10.04 11.22
N GLU A 53 -5.31 -8.98 11.30
CA GLU A 53 -4.86 -7.66 10.84
C GLU A 53 -4.35 -6.83 12.00
N THR A 54 -3.07 -6.45 11.95
CA THR A 54 -2.47 -5.63 12.98
C THR A 54 -1.73 -4.46 12.37
N LEU A 55 -1.78 -3.31 13.03
CA LEU A 55 -1.12 -2.11 12.53
C LEU A 55 0.35 -2.11 12.94
N PRO A 56 1.26 -2.31 11.96
CA PRO A 56 2.71 -2.33 12.22
C PRO A 56 3.27 -0.94 12.49
N ASN A 57 4.46 -0.90 13.07
CA ASN A 57 5.12 0.38 13.38
C ASN A 57 5.38 1.18 12.12
N SER A 58 4.52 2.15 11.85
CA SER A 58 4.65 3.00 10.66
C SER A 58 5.25 4.35 11.05
N HIS A 59 5.37 5.23 10.07
CA HIS A 59 5.93 6.56 10.29
C HIS A 59 5.60 7.49 9.12
N VAL A 60 5.05 8.66 9.45
CA VAL A 60 4.68 9.63 8.42
C VAL A 60 5.92 10.25 7.79
N VAL A 61 5.86 10.48 6.48
CA VAL A 61 6.97 11.07 5.75
C VAL A 61 6.50 11.91 4.58
N GLY A 62 7.43 12.60 3.93
CA GLY A 62 7.09 13.44 2.79
C GLY A 62 6.98 14.90 3.17
N GLU A 63 7.29 15.77 2.22
CA GLU A 63 7.22 17.21 2.46
C GLU A 63 5.79 17.65 2.76
N ASN A 64 4.83 16.83 2.35
CA ASN A 64 3.42 17.11 2.59
C ASN A 64 2.79 16.07 3.50
N ARG A 65 3.64 15.23 4.10
CA ARG A 65 3.17 14.17 4.99
C ARG A 65 2.20 13.24 4.29
N ASN A 66 2.37 13.09 2.98
CA ASN A 66 1.50 12.24 2.17
C ASN A 66 2.11 10.85 2.00
N ILE A 67 3.17 10.56 2.76
CA ILE A 67 3.84 9.27 2.67
C ILE A 67 3.76 8.51 3.99
N ILE A 68 3.83 7.17 3.91
CA ILE A 68 3.77 6.33 5.09
C ILE A 68 4.78 5.18 4.99
N GLU A 69 5.83 5.25 5.80
CA GLU A 69 6.86 4.21 5.79
C GLU A 69 6.58 3.16 6.86
N VAL A 70 6.18 1.98 6.44
CA VAL A 70 5.89 0.88 7.35
C VAL A 70 7.15 0.05 7.60
N GLU A 71 7.39 -0.30 8.87
CA GLU A 71 8.57 -1.08 9.23
C GLU A 71 8.26 -2.59 9.25
N THR A 72 8.04 -3.15 8.07
CA THR A 72 7.76 -4.58 7.93
C THR A 72 7.34 -4.91 6.50
N VAL A 73 7.59 -6.15 6.08
CA VAL A 73 7.24 -6.59 4.73
C VAL A 73 6.37 -7.85 4.78
N ALA A 74 5.21 -7.78 4.14
CA ALA A 74 4.28 -8.91 4.11
C ALA A 74 3.83 -9.19 2.69
N LYS A 75 2.94 -10.17 2.54
CA LYS A 75 2.42 -10.55 1.22
C LYS A 75 1.02 -9.98 1.02
N GLU A 76 0.38 -9.58 2.11
CA GLU A 76 -0.97 -9.03 2.05
C GLU A 76 -1.09 -7.79 2.93
N TRP A 77 -1.50 -6.68 2.31
CA TRP A 77 -1.66 -5.42 3.02
C TRP A 77 -3.13 -4.99 3.01
N ARG A 78 -3.58 -4.43 4.13
CA ARG A 78 -4.96 -3.97 4.24
C ARG A 78 -5.02 -2.54 4.74
N ILE A 79 -5.31 -1.61 3.83
CA ILE A 79 -5.40 -0.20 4.17
C ILE A 79 -6.81 0.16 4.61
N ARG A 80 -6.97 0.55 5.88
CA ARG A 80 -8.28 0.89 6.42
C ARG A 80 -8.26 2.29 7.03
N LEU A 81 -9.37 3.02 6.86
CA LEU A 81 -9.50 4.37 7.39
C LEU A 81 -10.95 4.82 7.34
N GLY A 82 -11.48 5.23 8.49
CA GLY A 82 -12.86 5.68 8.55
C GLY A 82 -13.85 4.60 8.14
N ASP A 83 -14.51 4.81 7.01
CA ASP A 83 -15.48 3.84 6.50
C ASP A 83 -15.07 3.32 5.13
N LYS A 84 -13.79 3.38 4.82
CA LYS A 84 -13.29 2.91 3.54
C LYS A 84 -12.07 2.01 3.72
N VAL A 85 -11.91 1.06 2.80
CA VAL A 85 -10.79 0.12 2.83
C VAL A 85 -10.29 -0.16 1.43
N VAL A 86 -8.98 -0.37 1.30
CA VAL A 86 -8.38 -0.66 0.01
C VAL A 86 -7.49 -1.90 0.10
N GLY A 87 -7.87 -2.95 -0.61
CA GLY A 87 -7.11 -4.18 -0.59
C GLY A 87 -5.87 -4.14 -1.47
N VAL A 88 -4.70 -4.12 -0.83
CA VAL A 88 -3.43 -4.10 -1.55
C VAL A 88 -2.63 -5.36 -1.25
N ARG A 89 -2.38 -6.14 -2.30
CA ARG A 89 -1.64 -7.39 -2.14
C ARG A 89 -0.27 -7.31 -2.81
N ASN A 90 0.73 -7.90 -2.17
CA ASN A 90 2.09 -7.90 -2.68
C ASN A 90 2.41 -9.23 -3.36
N ASN A 91 2.58 -9.21 -4.68
CA ASN A 91 2.89 -10.41 -5.43
C ASN A 91 4.36 -10.44 -5.83
N ASN A 92 5.22 -10.85 -4.89
CA ASN A 92 6.65 -10.92 -5.13
C ASN A 92 7.39 -11.30 -3.86
N PHE A 93 7.19 -10.50 -2.83
CA PHE A 93 7.83 -10.75 -1.54
C PHE A 93 9.35 -10.80 -1.68
N ALA A 94 10.00 -9.67 -1.41
CA ALA A 94 11.45 -9.58 -1.50
C ALA A 94 12.06 -9.18 -0.17
N PRO A 95 12.22 -10.14 0.76
CA PRO A 95 12.81 -9.89 2.08
C PRO A 95 14.26 -9.43 1.99
N PRO B 1 -18.40 -4.44 6.34
CA PRO B 1 -17.46 -3.44 5.79
C PRO B 1 -18.03 -2.79 4.52
N PRO B 2 -18.62 -1.59 4.64
CA PRO B 2 -19.20 -0.87 3.51
C PRO B 2 -18.32 -0.90 2.26
N PRO B 3 -16.99 -0.58 2.38
CA PRO B 3 -16.10 -0.58 1.23
C PRO B 3 -15.79 -1.99 0.73
N GLU B 4 -14.90 -2.69 1.44
CA GLU B 4 -14.51 -4.05 1.08
C GLU B 4 -13.90 -4.08 -0.32
N PRO B 5 -12.63 -4.54 -0.45
CA PRO B 5 -11.96 -4.62 -1.73
C PRO B 5 -12.43 -5.83 -2.54
N ASP B 6 -13.19 -5.56 -3.59
CA ASP B 6 -13.72 -6.63 -4.43
C ASP B 6 -12.65 -7.22 -5.34
N TRP B 7 -11.54 -6.51 -5.47
CA TRP B 7 -10.43 -6.97 -6.32
C TRP B 7 -10.91 -7.14 -7.76
N SER B 8 -12.12 -6.67 -8.05
CA SER B 8 -12.70 -6.78 -9.39
C SER B 8 -11.64 -6.56 -10.46
N ASN B 9 -11.18 -5.32 -10.59
CA ASN B 9 -10.15 -4.98 -11.56
C ASN B 9 -8.84 -4.68 -10.84
N THR B 10 -8.17 -5.72 -10.38
CA THR B 10 -6.91 -5.55 -9.66
C THR B 10 -5.99 -4.59 -10.40
N VAL B 11 -6.01 -3.33 -9.99
CA VAL B 11 -5.18 -2.30 -10.61
C VAL B 11 -3.91 -2.09 -9.80
N PRO B 12 -2.75 -2.42 -10.38
CA PRO B 12 -1.45 -2.29 -9.71
C PRO B 12 -1.24 -0.93 -9.05
N VAL B 13 -0.21 -0.86 -8.23
CA VAL B 13 0.13 0.36 -7.51
C VAL B 13 1.52 0.84 -7.92
N ASN B 14 2.06 0.22 -8.97
CA ASN B 14 3.39 0.57 -9.46
C ASN B 14 3.31 1.51 -10.65
N LYS B 15 3.01 0.95 -11.82
CA LYS B 15 2.90 1.73 -13.06
C LYS B 15 4.26 2.28 -13.51
N THR B 16 4.76 3.26 -12.76
CA THR B 16 6.04 3.87 -13.07
C THR B 16 7.14 2.84 -13.28
N ILE B 17 7.64 2.27 -12.18
CA ILE B 17 8.70 1.26 -12.24
C ILE B 17 10.01 1.88 -12.74
N PRO B 18 11.12 1.66 -12.00
CA PRO B 18 12.43 2.19 -12.38
C PRO B 18 13.09 1.36 -13.47
N VAL B 19 13.19 1.94 -14.66
CA VAL B 19 13.80 1.25 -15.80
C VAL B 19 14.53 2.24 -16.72
N ASP B 20 13.97 3.44 -16.84
CA ASP B 20 14.55 4.47 -17.68
C ASP B 20 14.66 4.01 -19.14
N THR B 21 13.71 4.42 -19.96
CA THR B 21 13.69 4.04 -21.37
C THR B 21 14.38 5.09 -22.23
N GLN B 22 14.56 6.28 -21.66
CA GLN B 22 15.21 7.38 -22.38
C GLN B 22 16.72 7.35 -22.16
N ALA A 1 20.91 -5.47 -10.79
CA ALA A 1 21.07 -5.46 -9.31
C ALA A 1 20.69 -4.10 -8.73
N GLY A 2 20.28 -3.18 -9.60
CA GLY A 2 19.91 -1.86 -9.16
C GLY A 2 18.41 -1.73 -8.90
N ALA A 3 18.00 -0.59 -8.38
CA ALA A 3 16.59 -0.33 -8.08
C ALA A 3 16.05 -1.35 -7.08
N LYS A 4 14.76 -1.24 -6.78
CA LYS A 4 14.12 -2.15 -5.83
C LYS A 4 12.97 -2.90 -6.50
N ASN A 5 12.39 -3.84 -5.77
CA ASN A 5 11.26 -4.62 -6.30
C ASN A 5 9.95 -4.16 -5.67
N TYR A 6 9.10 -3.58 -6.50
CA TYR A 6 7.81 -3.10 -6.04
C TYR A 6 6.69 -3.60 -6.95
N GLN A 7 6.07 -4.70 -6.54
CA GLN A 7 4.96 -5.29 -7.30
C GLN A 7 3.74 -5.41 -6.40
N TYR A 8 2.88 -4.40 -6.45
CA TYR A 8 1.68 -4.39 -5.63
C TYR A 8 0.41 -4.31 -6.48
N VAL A 9 -0.68 -4.83 -5.93
CA VAL A 9 -1.97 -4.81 -6.60
C VAL A 9 -3.07 -4.47 -5.60
N MET A 10 -3.84 -3.43 -5.92
CA MET A 10 -4.91 -2.99 -5.04
C MET A 10 -6.28 -3.13 -5.69
N SER A 11 -7.28 -3.44 -4.88
CA SER A 11 -8.64 -3.61 -5.39
C SER A 11 -9.08 -2.35 -6.13
N GLU A 12 -9.54 -2.51 -7.38
CA GLU A 12 -9.95 -1.36 -8.19
C GLU A 12 -11.43 -1.02 -7.98
N GLN A 13 -11.69 -0.14 -7.01
CA GLN A 13 -13.04 0.29 -6.71
C GLN A 13 -13.15 1.82 -6.79
N PRO A 14 -14.00 2.34 -7.69
CA PRO A 14 -14.18 3.78 -7.87
C PRO A 14 -14.89 4.43 -6.69
N GLU A 15 -15.45 3.60 -5.81
CA GLU A 15 -16.18 4.10 -4.64
C GLU A 15 -15.21 4.45 -3.50
N MET A 16 -14.08 3.75 -3.45
CA MET A 16 -13.09 3.97 -2.41
C MET A 16 -11.80 4.55 -2.98
N ARG A 17 -11.89 5.08 -4.21
CA ARG A 17 -10.73 5.67 -4.87
C ARG A 17 -10.17 6.84 -4.07
N SER A 18 -11.03 7.47 -3.28
CA SER A 18 -10.64 8.61 -2.46
C SER A 18 -9.39 8.31 -1.65
N ILE A 19 -9.41 7.20 -0.91
CA ILE A 19 -8.27 6.81 -0.09
C ILE A 19 -7.36 5.84 -0.82
N GLN A 20 -7.62 5.62 -2.10
CA GLN A 20 -6.81 4.71 -2.90
C GLN A 20 -5.36 5.18 -2.94
N PRO A 21 -4.41 4.32 -2.51
CA PRO A 21 -2.99 4.67 -2.51
C PRO A 21 -2.45 4.93 -3.91
N VAL A 22 -1.81 6.08 -4.10
CA VAL A 22 -1.25 6.45 -5.39
C VAL A 22 -0.32 5.36 -5.90
N HIS A 23 0.83 5.20 -5.24
CA HIS A 23 1.80 4.18 -5.62
C HIS A 23 2.46 3.59 -4.39
N VAL A 24 3.00 2.39 -4.52
CA VAL A 24 3.65 1.71 -3.40
C VAL A 24 4.92 0.97 -3.84
N TRP A 25 5.95 1.06 -3.01
CA TRP A 25 7.22 0.41 -3.28
C TRP A 25 7.89 -0.03 -1.98
N ASP A 26 8.53 -1.19 -2.00
CA ASP A 26 9.19 -1.71 -0.80
C ASP A 26 10.69 -1.85 -1.00
N ASN A 27 11.39 -2.18 0.08
CA ASN A 27 12.83 -2.35 0.04
C ASN A 27 13.25 -3.46 1.01
N TYR A 28 14.43 -4.02 0.78
CA TYR A 28 14.95 -5.10 1.61
C TYR A 28 14.94 -4.71 3.09
N ARG A 29 14.94 -3.41 3.36
CA ARG A 29 14.94 -2.92 4.74
C ARG A 29 13.54 -2.48 5.18
N PHE A 30 13.04 -1.40 4.59
CA PHE A 30 11.73 -0.87 4.94
C PHE A 30 10.83 -0.74 3.72
N THR A 31 9.55 -0.46 3.95
CA THR A 31 8.58 -0.30 2.88
C THR A 31 7.90 1.06 2.98
N ARG A 32 7.66 1.70 1.83
CA ARG A 32 7.03 3.01 1.80
C ARG A 32 5.73 3.00 1.00
N PHE A 33 4.78 3.82 1.43
CA PHE A 33 3.50 3.94 0.75
C PHE A 33 3.20 5.39 0.40
N GLU A 34 2.94 5.65 -0.87
CA GLU A 34 2.66 7.02 -1.32
C GLU A 34 1.17 7.26 -1.48
N PHE A 35 0.64 8.21 -0.72
CA PHE A 35 -0.78 8.55 -0.78
C PHE A 35 -0.98 9.98 -1.27
N PRO A 36 -2.18 10.32 -1.75
CA PRO A 36 -2.49 11.66 -2.25
C PRO A 36 -2.26 12.72 -1.18
N ALA A 37 -2.08 13.97 -1.62
CA ALA A 37 -1.85 15.07 -0.70
C ALA A 37 -3.17 15.70 -0.25
N ASN A 38 -4.19 15.57 -1.08
CA ASN A 38 -5.50 16.12 -0.77
C ASN A 38 -6.32 15.16 0.08
N ALA A 39 -5.87 13.92 0.14
CA ALA A 39 -6.54 12.89 0.91
C ALA A 39 -5.83 12.62 2.23
N GLU A 40 -6.58 12.11 3.21
CA GLU A 40 -6.02 11.81 4.52
C GLU A 40 -5.24 10.50 4.48
N LEU A 41 -4.27 10.36 5.38
CA LEU A 41 -3.46 9.16 5.45
C LEU A 41 -4.14 8.08 6.29
N PRO A 42 -4.47 6.93 5.68
CA PRO A 42 -5.12 5.82 6.36
C PRO A 42 -4.14 4.95 7.13
N GLN A 43 -4.67 3.96 7.84
CA GLN A 43 -3.84 3.05 8.62
C GLN A 43 -3.69 1.71 7.89
N VAL A 44 -2.45 1.29 7.67
CA VAL A 44 -2.18 0.04 6.98
C VAL A 44 -1.95 -1.10 7.96
N TYR A 45 -2.63 -2.22 7.71
CA TYR A 45 -2.50 -3.41 8.56
C TYR A 45 -1.76 -4.50 7.81
N MET A 46 -1.53 -5.62 8.49
CA MET A 46 -0.83 -6.75 7.90
C MET A 46 -1.39 -8.07 8.41
N ILE A 47 -1.51 -9.04 7.51
CA ILE A 47 -2.04 -10.35 7.88
C ILE A 47 -0.96 -11.23 8.51
N SER A 48 -1.31 -11.85 9.64
CA SER A 48 -0.38 -12.71 10.35
C SER A 48 -0.98 -14.10 10.56
N ALA A 49 -0.30 -14.92 11.35
CA ALA A 49 -0.77 -16.28 11.62
C ALA A 49 -2.20 -16.27 12.15
N SER A 50 -2.90 -17.38 11.96
CA SER A 50 -4.29 -17.51 12.42
C SER A 50 -5.19 -16.50 11.73
N GLY A 51 -4.66 -15.85 10.68
CA GLY A 51 -5.43 -14.86 9.95
C GLY A 51 -5.89 -13.72 10.83
N LYS A 52 -4.98 -12.81 11.15
CA LYS A 52 -5.30 -11.66 12.00
C LYS A 52 -4.67 -10.38 11.44
N GLU A 53 -5.41 -9.29 11.52
CA GLU A 53 -4.93 -8.00 11.03
C GLU A 53 -4.39 -7.13 12.16
N THR A 54 -3.11 -6.80 12.09
CA THR A 54 -2.48 -5.96 13.10
C THR A 54 -1.76 -4.79 12.44
N LEU A 55 -1.78 -3.63 13.09
CA LEU A 55 -1.13 -2.45 12.55
C LEU A 55 0.36 -2.42 12.91
N PRO A 56 1.24 -2.64 11.92
CA PRO A 56 2.69 -2.63 12.13
C PRO A 56 3.24 -1.22 12.29
N ASN A 57 4.45 -1.12 12.83
CA ASN A 57 5.10 0.18 13.03
C ASN A 57 5.16 0.96 11.71
N SER A 58 4.84 2.25 11.78
CA SER A 58 4.86 3.09 10.59
C SER A 58 5.27 4.52 10.94
N HIS A 59 5.89 5.21 9.98
CA HIS A 59 6.32 6.58 10.17
C HIS A 59 6.02 7.43 8.94
N VAL A 60 5.27 8.50 9.14
CA VAL A 60 4.90 9.40 8.04
C VAL A 60 6.09 10.22 7.57
N VAL A 61 6.26 10.31 6.26
CA VAL A 61 7.35 11.08 5.67
C VAL A 61 6.90 11.84 4.43
N GLY A 62 7.83 12.53 3.78
CA GLY A 62 7.51 13.28 2.59
C GLY A 62 7.52 14.78 2.84
N GLU A 63 7.84 15.55 1.79
CA GLU A 63 7.88 17.00 1.89
C GLU A 63 6.49 17.57 2.17
N ASN A 64 5.48 16.91 1.62
CA ASN A 64 4.09 17.36 1.80
C ASN A 64 3.40 16.53 2.89
N ARG A 65 4.16 15.63 3.51
CA ARG A 65 3.61 14.79 4.57
C ARG A 65 2.40 14.02 4.06
N ASN A 66 2.64 12.97 3.30
CA ASN A 66 1.56 12.15 2.74
C ASN A 66 2.03 10.73 2.45
N ILE A 67 3.14 10.35 3.07
CA ILE A 67 3.71 9.02 2.89
C ILE A 67 3.62 8.20 4.17
N ILE A 68 3.64 6.88 4.03
CA ILE A 68 3.58 5.98 5.18
C ILE A 68 4.58 4.84 5.03
N GLU A 69 5.70 4.94 5.75
CA GLU A 69 6.73 3.91 5.69
C GLU A 69 6.59 2.92 6.84
N VAL A 70 6.15 1.71 6.53
CA VAL A 70 5.98 0.67 7.54
C VAL A 70 7.27 -0.14 7.69
N GLU A 71 7.70 -0.31 8.93
CA GLU A 71 8.93 -1.06 9.22
C GLU A 71 8.69 -2.56 9.16
N THR A 72 7.97 -3.01 8.14
CA THR A 72 7.67 -4.43 7.97
C THR A 72 7.26 -4.75 6.54
N VAL A 73 7.60 -5.96 6.09
CA VAL A 73 7.26 -6.39 4.74
C VAL A 73 6.37 -7.64 4.79
N ALA A 74 5.22 -7.56 4.15
CA ALA A 74 4.27 -8.67 4.13
C ALA A 74 3.77 -8.95 2.72
N LYS A 75 2.84 -9.88 2.61
CA LYS A 75 2.27 -10.25 1.31
C LYS A 75 0.87 -9.67 1.14
N GLU A 76 0.21 -9.42 2.27
CA GLU A 76 -1.15 -8.86 2.24
C GLU A 76 -1.24 -7.64 3.15
N TRP A 77 -1.67 -6.53 2.58
CA TRP A 77 -1.81 -5.28 3.33
C TRP A 77 -3.27 -4.84 3.33
N ARG A 78 -3.77 -4.43 4.50
CA ARG A 78 -5.14 -3.98 4.62
C ARG A 78 -5.21 -2.52 5.04
N ILE A 79 -5.53 -1.65 4.08
CA ILE A 79 -5.63 -0.22 4.34
C ILE A 79 -7.04 0.15 4.79
N ARG A 80 -7.17 0.59 6.03
CA ARG A 80 -8.48 0.95 6.56
C ARG A 80 -8.47 2.37 7.13
N LEU A 81 -9.55 3.11 6.85
CA LEU A 81 -9.70 4.47 7.33
C LEU A 81 -11.14 4.93 7.18
N GLY A 82 -11.73 5.43 8.27
CA GLY A 82 -13.10 5.89 8.24
C GLY A 82 -14.07 4.76 7.95
N ASP A 83 -14.76 4.83 6.82
CA ASP A 83 -15.71 3.80 6.43
C ASP A 83 -15.31 3.15 5.12
N LYS A 84 -14.06 3.37 4.70
CA LYS A 84 -13.56 2.80 3.46
C LYS A 84 -12.33 1.93 3.72
N VAL A 85 -12.17 0.88 2.91
CA VAL A 85 -11.03 -0.02 3.04
C VAL A 85 -10.53 -0.47 1.67
N VAL A 86 -9.23 -0.38 1.47
CA VAL A 86 -8.63 -0.80 0.21
C VAL A 86 -7.56 -1.86 0.44
N GLY A 87 -7.83 -3.08 -0.02
CA GLY A 87 -6.89 -4.17 0.17
C GLY A 87 -5.77 -4.17 -0.85
N VAL A 88 -4.54 -4.05 -0.38
CA VAL A 88 -3.37 -4.05 -1.24
C VAL A 88 -2.54 -5.30 -1.01
N ARG A 89 -2.44 -6.15 -2.03
CA ARG A 89 -1.68 -7.38 -1.91
C ARG A 89 -0.35 -7.29 -2.66
N ASN A 90 0.74 -7.53 -1.96
CA ASN A 90 2.07 -7.47 -2.56
C ASN A 90 2.38 -8.76 -3.32
N ASN A 91 2.47 -8.66 -4.64
CA ASN A 91 2.75 -9.81 -5.49
C ASN A 91 4.22 -9.82 -5.91
N ASN A 92 5.08 -10.29 -5.02
CA ASN A 92 6.52 -10.35 -5.29
C ASN A 92 7.28 -10.84 -4.07
N PHE A 93 7.24 -10.04 -3.02
CA PHE A 93 7.92 -10.38 -1.78
C PHE A 93 9.42 -10.54 -2.01
N ALA A 94 10.18 -9.48 -1.74
CA ALA A 94 11.62 -9.51 -1.92
C ALA A 94 12.33 -10.26 -0.79
N PRO A 95 11.97 -9.95 0.48
CA PRO A 95 12.59 -10.61 1.64
C PRO A 95 12.39 -12.12 1.62
N PRO B 1 -23.77 0.40 3.24
CA PRO B 1 -22.94 -0.14 2.13
C PRO B 1 -21.45 -0.09 2.48
N PRO B 2 -20.89 -1.21 2.96
CA PRO B 2 -19.47 -1.29 3.33
C PRO B 2 -18.55 -1.24 2.11
N PRO B 3 -17.28 -0.83 2.31
CA PRO B 3 -16.31 -0.73 1.22
C PRO B 3 -15.97 -2.10 0.63
N GLU B 4 -15.17 -2.87 1.36
CA GLU B 4 -14.77 -4.21 0.92
C GLU B 4 -13.93 -4.12 -0.36
N PRO B 5 -12.71 -4.66 -0.36
CA PRO B 5 -11.83 -4.63 -1.52
C PRO B 5 -12.22 -5.67 -2.56
N ASP B 6 -13.15 -5.31 -3.43
CA ASP B 6 -13.59 -6.22 -4.49
C ASP B 6 -12.45 -6.50 -5.46
N TRP B 7 -11.72 -7.57 -5.20
CA TRP B 7 -10.59 -7.95 -6.04
C TRP B 7 -11.03 -8.28 -7.46
N SER B 8 -12.34 -8.18 -7.72
CA SER B 8 -12.87 -8.46 -9.05
C SER B 8 -12.02 -7.81 -10.13
N ASN B 9 -11.70 -6.54 -9.95
CA ASN B 9 -10.88 -5.81 -10.89
C ASN B 9 -9.42 -5.84 -10.47
N THR B 10 -9.12 -5.09 -9.44
CA THR B 10 -7.76 -5.02 -8.89
C THR B 10 -6.79 -4.40 -9.88
N VAL B 11 -6.33 -3.19 -9.58
CA VAL B 11 -5.37 -2.49 -10.41
C VAL B 11 -4.08 -2.25 -9.62
N PRO B 12 -2.93 -2.57 -10.22
CA PRO B 12 -1.62 -2.41 -9.58
C PRO B 12 -1.42 -1.04 -8.96
N VAL B 13 -0.37 -0.95 -8.15
CA VAL B 13 -0.04 0.29 -7.46
C VAL B 13 1.27 0.87 -7.99
N ASN B 14 1.75 0.29 -9.08
CA ASN B 14 2.99 0.74 -9.70
C ASN B 14 2.76 1.10 -11.17
N LYS B 15 2.92 2.38 -11.50
CA LYS B 15 2.73 2.84 -12.87
C LYS B 15 3.83 3.82 -13.27
N THR B 16 4.20 4.70 -12.34
CA THR B 16 5.24 5.69 -12.60
C THR B 16 6.63 5.05 -12.61
N ILE B 17 6.95 4.31 -11.56
CA ILE B 17 8.24 3.63 -11.43
C ILE B 17 9.38 4.64 -11.37
N PRO B 18 10.13 4.66 -10.25
CA PRO B 18 11.25 5.59 -10.07
C PRO B 18 12.51 5.12 -10.78
N VAL B 19 12.76 5.66 -11.96
CA VAL B 19 13.93 5.30 -12.76
C VAL B 19 14.35 6.46 -13.65
N ASP B 20 13.37 7.17 -14.20
CA ASP B 20 13.63 8.30 -15.09
C ASP B 20 14.48 7.88 -16.28
N THR B 21 13.81 7.60 -17.40
CA THR B 21 14.50 7.18 -18.62
C THR B 21 14.56 8.32 -19.63
N GLN B 22 15.74 8.56 -20.17
CA GLN B 22 15.93 9.62 -21.15
C GLN B 22 15.84 9.07 -22.57
N ALA A 1 25.29 -1.16 -10.28
CA ALA A 1 24.06 -1.75 -10.87
C ALA A 1 23.19 -2.38 -9.79
N GLY A 2 22.02 -1.79 -9.57
CA GLY A 2 21.10 -2.31 -8.57
C GLY A 2 19.70 -1.75 -8.71
N ALA A 3 18.72 -2.49 -8.20
CA ALA A 3 17.33 -2.05 -8.28
C ALA A 3 16.54 -2.54 -7.07
N LYS A 4 15.29 -2.10 -6.96
CA LYS A 4 14.42 -2.48 -5.86
C LYS A 4 13.30 -3.38 -6.35
N ASN A 5 12.46 -3.82 -5.42
CA ASN A 5 11.34 -4.69 -5.75
C ASN A 5 10.04 -4.16 -5.13
N TYR A 6 9.13 -3.74 -6.00
CA TYR A 6 7.84 -3.22 -5.56
C TYR A 6 6.70 -3.96 -6.24
N GLN A 7 6.18 -4.97 -5.56
CA GLN A 7 5.06 -5.76 -6.07
C GLN A 7 3.80 -5.45 -5.29
N TYR A 8 2.88 -4.72 -5.91
CA TYR A 8 1.64 -4.34 -5.25
C TYR A 8 0.46 -4.33 -6.21
N VAL A 9 -0.66 -4.86 -5.74
CA VAL A 9 -1.89 -4.91 -6.52
C VAL A 9 -3.08 -4.58 -5.64
N MET A 10 -3.85 -3.58 -6.03
CA MET A 10 -5.00 -3.16 -5.24
C MET A 10 -6.31 -3.34 -6.00
N SER A 11 -7.36 -3.67 -5.26
CA SER A 11 -8.68 -3.88 -5.84
C SER A 11 -9.14 -2.62 -6.57
N GLU A 12 -9.88 -2.80 -7.67
CA GLU A 12 -10.36 -1.66 -8.45
C GLU A 12 -11.81 -1.31 -8.12
N GLN A 13 -11.99 -0.36 -7.22
CA GLN A 13 -13.33 0.09 -6.82
C GLN A 13 -13.36 1.61 -6.70
N PRO A 14 -14.06 2.30 -7.63
CA PRO A 14 -14.16 3.77 -7.62
C PRO A 14 -14.77 4.32 -6.34
N GLU A 15 -15.39 3.45 -5.56
CA GLU A 15 -16.01 3.86 -4.30
C GLU A 15 -14.97 3.92 -3.17
N MET A 16 -13.71 3.71 -3.53
CA MET A 16 -12.63 3.72 -2.54
C MET A 16 -11.46 4.59 -3.01
N ARG A 17 -11.64 5.27 -4.14
CA ARG A 17 -10.59 6.12 -4.69
C ARG A 17 -10.23 7.24 -3.72
N SER A 18 -11.19 7.61 -2.87
CA SER A 18 -10.98 8.67 -1.89
C SER A 18 -9.67 8.48 -1.12
N ILE A 19 -9.50 7.29 -0.55
CA ILE A 19 -8.29 6.99 0.22
C ILE A 19 -7.40 5.98 -0.51
N GLN A 20 -7.74 5.69 -1.77
CA GLN A 20 -6.97 4.75 -2.56
C GLN A 20 -5.50 5.17 -2.65
N PRO A 21 -4.55 4.24 -2.41
CA PRO A 21 -3.12 4.54 -2.45
C PRO A 21 -2.64 4.82 -3.87
N VAL A 22 -2.04 5.99 -4.07
CA VAL A 22 -1.52 6.37 -5.39
C VAL A 22 -0.52 5.33 -5.89
N HIS A 23 0.63 5.29 -5.27
CA HIS A 23 1.68 4.34 -5.65
C HIS A 23 2.34 3.76 -4.40
N VAL A 24 2.88 2.54 -4.52
CA VAL A 24 3.53 1.89 -3.39
C VAL A 24 4.76 1.09 -3.84
N TRP A 25 5.82 1.18 -3.04
CA TRP A 25 7.06 0.47 -3.32
C TRP A 25 7.70 0.02 -2.01
N ASP A 26 8.47 -1.07 -2.06
CA ASP A 26 9.10 -1.60 -0.85
C ASP A 26 10.56 -1.96 -1.08
N ASN A 27 11.31 -2.00 0.00
CA ASN A 27 12.73 -2.34 -0.03
C ASN A 27 12.99 -3.52 0.91
N TYR A 28 14.21 -4.01 0.90
CA TYR A 28 14.58 -5.13 1.77
C TYR A 28 14.64 -4.69 3.22
N ARG A 29 14.84 -3.40 3.44
CA ARG A 29 14.93 -2.85 4.79
C ARG A 29 13.58 -2.30 5.26
N PHE A 30 13.07 -1.28 4.57
CA PHE A 30 11.80 -0.66 4.93
C PHE A 30 10.88 -0.56 3.71
N THR A 31 9.62 -0.19 3.96
CA THR A 31 8.64 -0.04 2.90
C THR A 31 7.98 1.33 2.95
N ARG A 32 7.73 1.92 1.79
CA ARG A 32 7.11 3.24 1.73
C ARG A 32 5.81 3.23 0.93
N PHE A 33 4.85 4.05 1.36
CA PHE A 33 3.57 4.14 0.68
C PHE A 33 3.27 5.59 0.28
N GLU A 34 3.01 5.82 -0.99
CA GLU A 34 2.73 7.16 -1.47
C GLU A 34 1.23 7.44 -1.57
N PHE A 35 0.78 8.43 -0.82
CA PHE A 35 -0.64 8.81 -0.80
C PHE A 35 -0.81 10.26 -1.24
N PRO A 36 -2.03 10.66 -1.65
CA PRO A 36 -2.31 12.03 -2.09
C PRO A 36 -1.96 13.05 -1.01
N ALA A 37 -1.85 14.32 -1.42
CA ALA A 37 -1.52 15.39 -0.49
C ALA A 37 -2.74 15.81 0.34
N ASN A 38 -3.92 15.68 -0.25
CA ASN A 38 -5.16 16.04 0.42
C ASN A 38 -5.68 14.89 1.27
N ALA A 39 -5.13 13.71 1.03
CA ALA A 39 -5.53 12.51 1.75
C ALA A 39 -5.23 12.65 3.24
N GLU A 40 -6.06 12.02 4.06
CA GLU A 40 -5.89 12.06 5.50
C GLU A 40 -4.92 10.96 5.97
N LEU A 41 -4.39 10.23 5.00
CA LEU A 41 -3.45 9.14 5.28
C LEU A 41 -4.11 8.03 6.10
N PRO A 42 -4.40 6.88 5.47
CA PRO A 42 -5.03 5.75 6.13
C PRO A 42 -4.03 4.85 6.84
N GLN A 43 -4.54 3.97 7.70
CA GLN A 43 -3.69 3.05 8.44
C GLN A 43 -3.52 1.75 7.68
N VAL A 44 -2.28 1.45 7.29
CA VAL A 44 -1.99 0.24 6.54
C VAL A 44 -1.70 -0.94 7.48
N TYR A 45 -2.60 -1.92 7.47
CA TYR A 45 -2.45 -3.10 8.31
C TYR A 45 -1.76 -4.23 7.55
N MET A 46 -1.53 -5.33 8.24
CA MET A 46 -0.89 -6.50 7.65
C MET A 46 -1.49 -7.77 8.23
N ILE A 47 -1.64 -8.78 7.38
CA ILE A 47 -2.23 -10.04 7.81
C ILE A 47 -1.20 -10.92 8.51
N SER A 48 -1.27 -10.93 9.85
CA SER A 48 -0.36 -11.72 10.66
C SER A 48 -0.74 -13.19 10.62
N ALA A 49 -0.19 -13.97 11.55
CA ALA A 49 -0.48 -15.40 11.63
C ALA A 49 -1.95 -15.65 11.95
N SER A 50 -2.34 -16.91 11.97
CA SER A 50 -3.72 -17.30 12.26
C SER A 50 -4.68 -16.74 11.21
N GLY A 51 -5.10 -15.49 11.39
CA GLY A 51 -6.01 -14.87 10.45
C GLY A 51 -6.62 -13.59 10.99
N LYS A 52 -5.76 -12.69 11.48
CA LYS A 52 -6.23 -11.42 12.03
C LYS A 52 -5.33 -10.28 11.59
N GLU A 53 -5.94 -9.12 11.30
CA GLU A 53 -5.17 -7.96 10.87
C GLU A 53 -4.38 -7.35 12.02
N THR A 54 -3.22 -6.81 11.70
CA THR A 54 -2.35 -6.19 12.69
C THR A 54 -1.70 -4.94 12.13
N LEU A 55 -1.63 -3.88 12.92
CA LEU A 55 -1.04 -2.63 12.48
C LEU A 55 0.44 -2.56 12.86
N PRO A 56 1.33 -2.69 11.85
CA PRO A 56 2.78 -2.63 12.08
C PRO A 56 3.28 -1.20 12.27
N ASN A 57 4.49 -1.08 12.81
CA ASN A 57 5.09 0.24 13.04
C ASN A 57 5.23 0.99 11.72
N SER A 58 5.06 2.30 11.76
CA SER A 58 5.17 3.11 10.55
C SER A 58 5.60 4.54 10.88
N HIS A 59 5.92 5.31 9.84
CA HIS A 59 6.35 6.69 10.01
C HIS A 59 5.76 7.55 8.90
N VAL A 60 5.86 8.88 9.07
CA VAL A 60 5.33 9.81 8.09
C VAL A 60 6.44 10.64 7.47
N VAL A 61 6.49 10.67 6.14
CA VAL A 61 7.50 11.43 5.42
C VAL A 61 6.90 12.14 4.21
N GLY A 62 7.74 12.86 3.48
CA GLY A 62 7.28 13.58 2.30
C GLY A 62 6.68 14.93 2.65
N GLU A 63 6.65 15.82 1.67
CA GLU A 63 6.11 17.16 1.88
C GLU A 63 4.62 17.09 2.19
N ASN A 64 4.16 17.99 3.07
CA ASN A 64 2.76 18.04 3.46
C ASN A 64 2.32 16.74 4.13
N ARG A 65 3.29 15.89 4.47
CA ARG A 65 3.00 14.61 5.10
C ARG A 65 1.97 13.83 4.28
N ASN A 66 2.43 13.20 3.20
CA ASN A 66 1.54 12.44 2.33
C ASN A 66 2.07 11.03 2.11
N ILE A 67 3.14 10.68 2.80
CA ILE A 67 3.74 9.36 2.66
C ILE A 67 3.67 8.57 3.97
N ILE A 68 3.69 7.25 3.85
CA ILE A 68 3.64 6.37 5.01
C ILE A 68 4.64 5.23 4.88
N GLU A 69 5.74 5.30 5.63
CA GLU A 69 6.77 4.27 5.59
C GLU A 69 6.60 3.27 6.71
N VAL A 70 6.18 2.06 6.36
CA VAL A 70 5.98 1.00 7.35
C VAL A 70 7.26 0.19 7.53
N GLU A 71 7.65 0.00 8.79
CA GLU A 71 8.85 -0.75 9.11
C GLU A 71 8.61 -2.25 9.06
N THR A 72 7.90 -2.71 8.04
CA THR A 72 7.60 -4.13 7.89
C THR A 72 7.24 -4.47 6.45
N VAL A 73 7.53 -5.72 6.06
CA VAL A 73 7.23 -6.19 4.71
C VAL A 73 6.41 -7.48 4.76
N ALA A 74 5.28 -7.48 4.06
CA ALA A 74 4.40 -8.64 4.03
C ALA A 74 3.89 -8.91 2.61
N LYS A 75 2.98 -9.87 2.49
CA LYS A 75 2.40 -10.24 1.20
C LYS A 75 0.96 -9.75 1.09
N GLU A 76 0.44 -9.18 2.18
CA GLU A 76 -0.92 -8.67 2.20
C GLU A 76 -1.01 -7.41 3.06
N TRP A 77 -1.50 -6.33 2.47
CA TRP A 77 -1.63 -5.07 3.17
C TRP A 77 -3.07 -4.55 3.08
N ARG A 78 -3.73 -4.48 4.23
CA ARG A 78 -5.12 -4.00 4.28
C ARG A 78 -5.17 -2.54 4.72
N ILE A 79 -5.40 -1.66 3.76
CA ILE A 79 -5.47 -0.23 4.06
C ILE A 79 -6.89 0.17 4.48
N ARG A 80 -7.04 0.58 5.73
CA ARG A 80 -8.35 0.97 6.25
C ARG A 80 -8.31 2.35 6.89
N LEU A 81 -9.38 3.11 6.69
CA LEU A 81 -9.51 4.45 7.24
C LEU A 81 -10.94 4.96 7.12
N GLY A 82 -11.54 5.29 8.26
CA GLY A 82 -12.91 5.78 8.25
C GLY A 82 -13.90 4.72 7.84
N ASP A 83 -14.54 4.91 6.69
CA ASP A 83 -15.52 3.96 6.19
C ASP A 83 -15.10 3.40 4.84
N LYS A 84 -13.80 3.45 4.55
CA LYS A 84 -13.28 2.95 3.28
C LYS A 84 -12.08 2.02 3.49
N VAL A 85 -11.96 1.01 2.63
CA VAL A 85 -10.86 0.06 2.71
C VAL A 85 -10.36 -0.30 1.31
N VAL A 86 -9.06 -0.55 1.20
CA VAL A 86 -8.48 -0.92 -0.08
C VAL A 86 -7.62 -2.17 0.07
N GLY A 87 -7.99 -3.23 -0.63
CA GLY A 87 -7.24 -4.47 -0.55
C GLY A 87 -6.01 -4.49 -1.41
N VAL A 88 -4.84 -4.46 -0.78
CA VAL A 88 -3.57 -4.48 -1.49
C VAL A 88 -2.82 -5.78 -1.21
N ARG A 89 -2.15 -6.30 -2.23
CA ARG A 89 -1.40 -7.55 -2.08
C ARG A 89 -0.06 -7.47 -2.80
N ASN A 90 0.89 -8.30 -2.38
CA ASN A 90 2.21 -8.32 -2.98
C ASN A 90 2.45 -9.62 -3.75
N ASN A 91 2.84 -9.50 -5.01
CA ASN A 91 3.11 -10.67 -5.84
C ASN A 91 4.56 -10.70 -6.30
N ASN A 92 5.43 -11.17 -5.40
CA ASN A 92 6.88 -11.29 -5.66
C ASN A 92 7.65 -11.41 -4.35
N PHE A 93 6.99 -11.95 -3.33
CA PHE A 93 7.62 -12.11 -2.02
C PHE A 93 8.94 -12.87 -2.13
N ALA A 94 10.05 -12.14 -1.98
CA ALA A 94 11.37 -12.75 -2.06
C ALA A 94 12.39 -11.94 -1.26
N PRO A 95 12.27 -11.95 0.09
CA PRO A 95 13.19 -11.22 0.97
C PRO A 95 14.65 -11.44 0.60
N PRO B 1 -23.04 1.56 2.75
CA PRO B 1 -22.56 0.16 2.90
C PRO B 1 -21.03 0.11 3.01
N PRO B 2 -20.49 -0.90 3.71
CA PRO B 2 -19.04 -1.04 3.88
C PRO B 2 -18.30 -1.14 2.55
N PRO B 3 -17.02 -0.73 2.52
CA PRO B 3 -16.21 -0.76 1.30
C PRO B 3 -15.90 -2.18 0.86
N GLU B 4 -14.98 -2.84 1.55
CA GLU B 4 -14.59 -4.21 1.21
C GLU B 4 -14.01 -4.28 -0.20
N PRO B 5 -12.75 -4.71 -0.36
CA PRO B 5 -12.10 -4.80 -1.66
C PRO B 5 -12.60 -6.00 -2.43
N ASP B 6 -13.35 -5.75 -3.50
CA ASP B 6 -13.90 -6.81 -4.33
C ASP B 6 -12.85 -7.41 -5.26
N TRP B 7 -11.70 -6.75 -5.38
CA TRP B 7 -10.64 -7.23 -6.25
C TRP B 7 -11.15 -7.44 -7.67
N SER B 8 -12.33 -6.88 -7.94
CA SER B 8 -12.96 -6.99 -9.26
C SER B 8 -11.92 -6.93 -10.38
N ASN B 9 -11.38 -5.74 -10.61
CA ASN B 9 -10.37 -5.56 -11.64
C ASN B 9 -9.02 -5.24 -11.01
N THR B 10 -8.40 -6.24 -10.41
CA THR B 10 -7.11 -6.07 -9.75
C THR B 10 -6.23 -5.06 -10.49
N VAL B 11 -6.13 -3.85 -9.94
CA VAL B 11 -5.33 -2.80 -10.54
C VAL B 11 -4.09 -2.51 -9.70
N PRO B 12 -2.90 -2.77 -10.26
CA PRO B 12 -1.63 -2.54 -9.55
C PRO B 12 -1.52 -1.14 -8.96
N VAL B 13 -0.50 -0.96 -8.12
CA VAL B 13 -0.27 0.31 -7.47
C VAL B 13 0.90 1.04 -8.13
N ASN B 14 1.54 0.36 -9.08
CA ASN B 14 2.67 0.93 -9.81
C ASN B 14 2.27 1.27 -11.24
N LYS B 15 2.51 2.51 -11.64
CA LYS B 15 2.17 2.96 -12.99
C LYS B 15 3.26 3.85 -13.57
N THR B 16 3.84 4.71 -12.72
CA THR B 16 4.89 5.61 -13.15
C THR B 16 6.25 5.15 -12.66
N ILE B 17 6.24 4.41 -11.56
CA ILE B 17 7.48 3.90 -10.95
C ILE B 17 8.33 5.04 -10.39
N PRO B 18 8.83 4.90 -9.15
CA PRO B 18 9.65 5.92 -8.49
C PRO B 18 10.75 6.44 -9.41
N VAL B 19 10.56 7.64 -9.93
CA VAL B 19 11.53 8.27 -10.82
C VAL B 19 12.23 9.44 -10.12
N ASP B 20 11.58 9.98 -9.10
CA ASP B 20 12.14 11.10 -8.34
C ASP B 20 12.38 12.31 -9.24
N THR B 21 12.96 13.37 -8.68
CA THR B 21 13.24 14.57 -9.43
C THR B 21 14.71 14.97 -9.31
N GLN B 22 15.20 15.03 -8.08
CA GLN B 22 16.59 15.39 -7.84
C GLN B 22 17.43 14.15 -7.54
N ALA A 1 22.61 -2.18 -11.81
CA ALA A 1 23.58 -2.88 -10.94
C ALA A 1 22.88 -3.68 -9.86
N GLY A 2 21.60 -3.37 -9.64
CA GLY A 2 20.83 -4.08 -8.62
C GLY A 2 19.68 -3.24 -8.09
N ALA A 3 18.61 -3.15 -8.87
CA ALA A 3 17.43 -2.39 -8.48
C ALA A 3 16.45 -3.25 -7.69
N LYS A 4 15.42 -2.61 -7.14
CA LYS A 4 14.42 -3.31 -6.36
C LYS A 4 13.17 -3.59 -7.21
N ASN A 5 12.29 -4.45 -6.70
CA ASN A 5 11.07 -4.80 -7.40
C ASN A 5 9.85 -4.67 -6.51
N TYR A 6 8.99 -3.71 -6.83
CA TYR A 6 7.78 -3.47 -6.06
C TYR A 6 6.55 -3.92 -6.83
N GLN A 7 6.11 -5.15 -6.57
CA GLN A 7 4.94 -5.71 -7.22
C GLN A 7 3.73 -5.64 -6.29
N TYR A 8 2.85 -4.69 -6.56
CA TYR A 8 1.65 -4.52 -5.75
C TYR A 8 0.39 -4.48 -6.61
N VAL A 9 -0.72 -4.91 -6.03
CA VAL A 9 -2.00 -4.93 -6.72
C VAL A 9 -3.14 -4.59 -5.76
N MET A 10 -3.92 -3.58 -6.12
CA MET A 10 -5.04 -3.15 -5.28
C MET A 10 -6.38 -3.34 -6.00
N SER A 11 -7.42 -3.61 -5.22
CA SER A 11 -8.76 -3.81 -5.77
C SER A 11 -9.22 -2.60 -6.57
N GLU A 12 -9.68 -2.83 -7.80
CA GLU A 12 -10.15 -1.74 -8.64
C GLU A 12 -11.58 -1.32 -8.24
N GLN A 13 -11.66 -0.39 -7.31
CA GLN A 13 -12.95 0.10 -6.84
C GLN A 13 -12.97 1.62 -6.78
N PRO A 14 -13.87 2.27 -7.56
CA PRO A 14 -13.97 3.73 -7.61
C PRO A 14 -14.54 4.32 -6.32
N GLU A 15 -15.07 3.46 -5.46
CA GLU A 15 -15.67 3.89 -4.20
C GLU A 15 -14.62 4.09 -3.11
N MET A 16 -13.46 3.45 -3.28
CA MET A 16 -12.40 3.55 -2.28
C MET A 16 -11.17 4.28 -2.83
N ARG A 17 -11.38 5.16 -3.81
CA ARG A 17 -10.28 5.91 -4.39
C ARG A 17 -9.77 6.98 -3.43
N SER A 18 -10.65 7.43 -2.54
CA SER A 18 -10.31 8.46 -1.57
C SER A 18 -9.07 8.08 -0.77
N ILE A 19 -9.07 6.87 -0.19
CA ILE A 19 -7.94 6.40 0.59
C ILE A 19 -7.01 5.52 -0.24
N GLN A 20 -7.37 5.31 -1.50
CA GLN A 20 -6.57 4.49 -2.40
C GLN A 20 -5.16 5.04 -2.53
N PRO A 21 -4.13 4.20 -2.30
CA PRO A 21 -2.73 4.62 -2.40
C PRO A 21 -2.28 4.84 -3.84
N VAL A 22 -1.69 6.00 -4.10
CA VAL A 22 -1.22 6.32 -5.45
C VAL A 22 -0.27 5.24 -5.94
N HIS A 23 0.82 5.05 -5.21
CA HIS A 23 1.81 4.03 -5.56
C HIS A 23 2.44 3.46 -4.29
N VAL A 24 2.92 2.21 -4.38
CA VAL A 24 3.54 1.57 -3.23
C VAL A 24 4.77 0.75 -3.63
N TRP A 25 5.88 1.01 -2.96
CA TRP A 25 7.12 0.30 -3.22
C TRP A 25 7.78 -0.14 -1.92
N ASP A 26 8.42 -1.30 -1.92
CA ASP A 26 9.06 -1.82 -0.72
C ASP A 26 10.56 -2.01 -0.93
N ASN A 27 11.26 -2.29 0.15
CA ASN A 27 12.70 -2.51 0.11
C ASN A 27 13.09 -3.61 1.10
N TYR A 28 14.28 -4.17 0.90
CA TYR A 28 14.77 -5.24 1.78
C TYR A 28 14.79 -4.79 3.23
N ARG A 29 14.86 -3.49 3.45
CA ARG A 29 14.89 -2.94 4.81
C ARG A 29 13.51 -2.48 5.26
N PHE A 30 13.02 -1.40 4.65
CA PHE A 30 11.71 -0.85 5.00
C PHE A 30 10.82 -0.70 3.77
N THR A 31 9.55 -0.38 3.99
CA THR A 31 8.59 -0.21 2.92
C THR A 31 7.97 1.19 2.96
N ARG A 32 7.72 1.78 1.80
CA ARG A 32 7.14 3.11 1.73
C ARG A 32 5.83 3.11 0.95
N PHE A 33 4.86 3.87 1.44
CA PHE A 33 3.55 3.99 0.79
C PHE A 33 3.28 5.44 0.41
N GLU A 34 3.00 5.69 -0.86
CA GLU A 34 2.72 7.04 -1.33
C GLU A 34 1.23 7.27 -1.50
N PHE A 35 0.70 8.22 -0.72
CA PHE A 35 -0.72 8.57 -0.76
C PHE A 35 -0.91 10.00 -1.25
N PRO A 36 -2.10 10.34 -1.77
CA PRO A 36 -2.40 11.68 -2.25
C PRO A 36 -2.18 12.74 -1.18
N ALA A 37 -2.14 14.01 -1.60
CA ALA A 37 -1.93 15.11 -0.67
C ALA A 37 -3.24 15.53 -0.01
N ASN A 38 -4.36 15.21 -0.66
CA ASN A 38 -5.67 15.55 -0.15
C ASN A 38 -6.18 14.49 0.83
N ALA A 39 -5.52 13.34 0.79
CA ALA A 39 -5.88 12.22 1.67
C ALA A 39 -5.47 12.49 3.11
N GLU A 40 -6.22 11.91 4.05
CA GLU A 40 -5.92 12.09 5.46
C GLU A 40 -4.96 11.00 5.95
N LEU A 41 -4.44 10.22 5.00
CA LEU A 41 -3.51 9.14 5.30
C LEU A 41 -4.16 8.07 6.19
N PRO A 42 -4.47 6.90 5.61
CA PRO A 42 -5.09 5.79 6.34
C PRO A 42 -4.09 4.94 7.11
N GLN A 43 -4.57 3.85 7.67
CA GLN A 43 -3.72 2.94 8.44
C GLN A 43 -3.54 1.63 7.69
N VAL A 44 -2.37 1.46 7.08
CA VAL A 44 -2.05 0.25 6.32
C VAL A 44 -1.81 -0.93 7.26
N TYR A 45 -2.74 -1.88 7.26
CA TYR A 45 -2.61 -3.07 8.10
C TYR A 45 -1.92 -4.19 7.35
N MET A 46 -1.70 -5.30 8.04
CA MET A 46 -1.05 -6.46 7.45
C MET A 46 -1.66 -7.73 8.02
N ILE A 47 -1.77 -8.75 7.17
CA ILE A 47 -2.36 -10.02 7.60
C ILE A 47 -1.36 -10.87 8.36
N SER A 48 -1.41 -10.78 9.69
CA SER A 48 -0.51 -11.54 10.55
C SER A 48 -1.00 -12.98 10.70
N ALA A 49 -0.35 -13.73 11.58
CA ALA A 49 -0.74 -15.12 11.82
C ALA A 49 -2.17 -15.22 12.32
N SER A 50 -2.69 -16.44 12.41
CA SER A 50 -4.05 -16.68 12.87
C SER A 50 -5.07 -16.04 11.93
N GLY A 51 -4.60 -15.56 10.78
CA GLY A 51 -5.49 -14.94 9.82
C GLY A 51 -6.21 -13.73 10.39
N LYS A 52 -5.45 -12.80 10.95
CA LYS A 52 -6.03 -11.59 11.53
C LYS A 52 -5.20 -10.36 11.16
N GLU A 53 -5.88 -9.25 10.88
CA GLU A 53 -5.18 -8.01 10.53
C GLU A 53 -4.44 -7.44 11.73
N THR A 54 -3.34 -6.76 11.43
CA THR A 54 -2.53 -6.13 12.46
C THR A 54 -1.85 -4.88 11.92
N LEU A 55 -1.78 -3.83 12.73
CA LEU A 55 -1.17 -2.58 12.29
C LEU A 55 0.30 -2.51 12.70
N PRO A 56 1.22 -2.65 11.73
CA PRO A 56 2.66 -2.60 11.98
C PRO A 56 3.16 -1.17 12.18
N ASN A 57 4.35 -1.04 12.76
CA ASN A 57 4.94 0.27 12.99
C ASN A 57 5.04 1.06 11.69
N SER A 58 4.49 2.27 11.68
CA SER A 58 4.52 3.12 10.50
C SER A 58 4.84 4.57 10.87
N HIS A 59 5.43 5.29 9.92
CA HIS A 59 5.78 6.69 10.13
C HIS A 59 5.40 7.53 8.91
N VAL A 60 5.30 8.84 9.11
CA VAL A 60 4.94 9.75 8.03
C VAL A 60 6.15 10.56 7.56
N VAL A 61 6.34 10.63 6.25
CA VAL A 61 7.45 11.37 5.67
C VAL A 61 7.01 12.14 4.43
N GLY A 62 7.89 13.02 3.94
CA GLY A 62 7.57 13.81 2.77
C GLY A 62 7.42 15.28 3.08
N GLU A 63 7.41 16.11 2.04
CA GLU A 63 7.27 17.55 2.21
C GLU A 63 5.86 17.91 2.66
N ASN A 64 4.86 17.40 1.95
CA ASN A 64 3.46 17.67 2.26
C ASN A 64 2.92 16.62 3.22
N ARG A 65 3.80 15.74 3.70
CA ARG A 65 3.41 14.68 4.62
C ARG A 65 2.27 13.85 4.03
N ASN A 66 2.61 12.99 3.08
CA ASN A 66 1.61 12.15 2.42
C ASN A 66 2.12 10.73 2.24
N ILE A 67 3.33 10.47 2.75
CA ILE A 67 3.94 9.15 2.65
C ILE A 67 3.87 8.41 3.97
N ILE A 68 3.82 7.08 3.90
CA ILE A 68 3.75 6.24 5.09
C ILE A 68 4.72 5.07 4.97
N GLU A 69 5.85 5.17 5.67
CA GLU A 69 6.86 4.12 5.63
C GLU A 69 6.66 3.11 6.75
N VAL A 70 6.23 1.91 6.40
CA VAL A 70 6.00 0.85 7.38
C VAL A 70 7.27 0.01 7.55
N GLU A 71 7.67 -0.18 8.81
CA GLU A 71 8.87 -0.95 9.12
C GLU A 71 8.60 -2.46 9.06
N THR A 72 7.82 -2.88 8.06
CA THR A 72 7.49 -4.29 7.92
C THR A 72 7.13 -4.61 6.46
N VAL A 73 7.43 -5.84 6.05
CA VAL A 73 7.14 -6.29 4.69
C VAL A 73 6.26 -7.54 4.71
N ALA A 74 5.17 -7.49 3.94
CA ALA A 74 4.24 -8.62 3.87
C ALA A 74 3.75 -8.84 2.45
N LYS A 75 2.81 -9.77 2.30
CA LYS A 75 2.24 -10.08 0.99
C LYS A 75 0.81 -9.57 0.87
N GLU A 76 0.28 -9.05 1.98
CA GLU A 76 -1.08 -8.54 2.01
C GLU A 76 -1.17 -7.30 2.89
N TRP A 77 -1.63 -6.20 2.31
CA TRP A 77 -1.78 -4.94 3.05
C TRP A 77 -3.21 -4.44 2.96
N ARG A 78 -3.89 -4.40 4.10
CA ARG A 78 -5.27 -3.94 4.15
C ARG A 78 -5.36 -2.49 4.59
N ILE A 79 -5.60 -1.59 3.65
CA ILE A 79 -5.71 -0.17 3.95
C ILE A 79 -7.06 0.13 4.61
N ARG A 80 -7.03 0.56 5.87
CA ARG A 80 -8.26 0.86 6.58
C ARG A 80 -8.23 2.25 7.22
N LEU A 81 -9.33 2.98 7.08
CA LEU A 81 -9.44 4.31 7.64
C LEU A 81 -10.90 4.78 7.60
N GLY A 82 -11.46 5.06 8.76
CA GLY A 82 -12.85 5.52 8.83
C GLY A 82 -13.82 4.43 8.43
N ASP A 83 -14.53 4.65 7.32
CA ASP A 83 -15.50 3.67 6.83
C ASP A 83 -15.12 3.19 5.42
N LYS A 84 -13.84 3.31 5.08
CA LYS A 84 -13.37 2.89 3.77
C LYS A 84 -12.20 1.90 3.89
N VAL A 85 -12.10 0.99 2.93
CA VAL A 85 -11.04 -0.01 2.94
C VAL A 85 -10.54 -0.30 1.53
N VAL A 86 -9.25 -0.59 1.41
CA VAL A 86 -8.66 -0.89 0.12
C VAL A 86 -7.79 -2.15 0.23
N GLY A 87 -8.12 -3.17 -0.56
CA GLY A 87 -7.38 -4.40 -0.53
C GLY A 87 -6.14 -4.39 -1.41
N VAL A 88 -4.98 -4.42 -0.79
CA VAL A 88 -3.72 -4.43 -1.51
C VAL A 88 -2.98 -5.74 -1.28
N ARG A 89 -2.27 -6.21 -2.31
CA ARG A 89 -1.54 -7.46 -2.20
C ARG A 89 -0.17 -7.37 -2.88
N ASN A 90 0.87 -7.70 -2.14
CA ASN A 90 2.23 -7.65 -2.66
C ASN A 90 2.63 -8.99 -3.26
N ASN A 91 2.80 -9.03 -4.58
CA ASN A 91 3.18 -10.26 -5.27
C ASN A 91 4.66 -10.23 -5.66
N ASN A 92 5.52 -10.54 -4.68
CA ASN A 92 6.97 -10.54 -4.91
C ASN A 92 7.71 -10.75 -3.60
N PHE A 93 7.05 -10.38 -2.50
CA PHE A 93 7.64 -10.52 -1.17
C PHE A 93 8.89 -9.67 -1.03
N ALA A 94 10.02 -10.26 -1.38
CA ALA A 94 11.31 -9.58 -1.30
C ALA A 94 11.52 -8.97 0.08
N PRO A 95 11.41 -9.77 1.15
CA PRO A 95 11.59 -9.30 2.53
C PRO A 95 12.99 -8.75 2.77
N PRO B 1 -23.57 1.21 2.63
CA PRO B 1 -22.92 -0.12 2.57
C PRO B 1 -21.41 -0.02 2.78
N PRO B 2 -20.78 -1.08 3.30
CA PRO B 2 -19.33 -1.10 3.55
C PRO B 2 -18.52 -1.15 2.25
N PRO B 3 -17.25 -0.69 2.30
CA PRO B 3 -16.38 -0.69 1.12
C PRO B 3 -16.05 -2.10 0.63
N GLU B 4 -15.16 -2.77 1.35
CA GLU B 4 -14.75 -4.13 0.99
C GLU B 4 -14.07 -4.16 -0.38
N PRO B 5 -12.84 -4.68 -0.46
CA PRO B 5 -12.11 -4.76 -1.72
C PRO B 5 -12.60 -5.91 -2.57
N ASP B 6 -13.31 -5.60 -3.65
CA ASP B 6 -13.86 -6.61 -4.54
C ASP B 6 -12.84 -7.09 -5.57
N TRP B 7 -11.69 -6.41 -5.64
CA TRP B 7 -10.65 -6.78 -6.60
C TRP B 7 -11.25 -6.88 -8.01
N SER B 8 -12.35 -6.15 -8.21
CA SER B 8 -13.07 -6.14 -9.49
C SER B 8 -12.12 -6.32 -10.68
N ASN B 9 -11.22 -5.37 -10.87
CA ASN B 9 -10.28 -5.45 -11.99
C ASN B 9 -8.84 -5.52 -11.52
N THR B 10 -8.66 -5.52 -10.20
CA THR B 10 -7.32 -5.59 -9.61
C THR B 10 -6.32 -4.72 -10.36
N VAL B 11 -6.18 -3.47 -9.93
CA VAL B 11 -5.27 -2.53 -10.56
C VAL B 11 -4.01 -2.34 -9.72
N PRO B 12 -2.84 -2.62 -10.30
CA PRO B 12 -1.55 -2.49 -9.61
C PRO B 12 -1.36 -1.15 -8.93
N VAL B 13 -0.32 -1.07 -8.12
CA VAL B 13 0.01 0.15 -7.40
C VAL B 13 1.35 0.71 -7.87
N ASN B 14 1.82 0.20 -9.01
CA ASN B 14 3.07 0.66 -9.57
C ASN B 14 3.01 0.71 -11.10
N LYS B 15 3.10 1.91 -11.66
CA LYS B 15 3.05 2.09 -13.10
C LYS B 15 4.42 2.43 -13.65
N THR B 16 5.21 3.17 -12.87
CA THR B 16 6.56 3.55 -13.29
C THR B 16 7.42 2.33 -13.60
N ILE B 17 7.86 1.64 -12.54
CA ILE B 17 8.69 0.46 -12.69
C ILE B 17 10.04 0.80 -13.31
N PRO B 18 11.16 0.32 -12.71
CA PRO B 18 12.51 0.58 -13.21
C PRO B 18 12.85 -0.30 -14.41
N VAL B 19 12.95 0.33 -15.58
CA VAL B 19 13.29 -0.39 -16.80
C VAL B 19 14.77 -0.26 -17.13
N ASP B 20 15.18 0.94 -17.53
CA ASP B 20 16.56 1.21 -17.87
C ASP B 20 17.06 0.25 -18.96
N THR B 21 16.12 -0.25 -19.75
CA THR B 21 16.45 -1.16 -20.84
C THR B 21 17.13 -2.43 -20.31
N GLN B 22 16.35 -3.49 -20.16
CA GLN B 22 16.87 -4.76 -19.66
C GLN B 22 16.20 -5.94 -20.36
N ALA A 1 23.21 2.77 -7.81
CA ALA A 1 22.21 1.67 -7.80
C ALA A 1 20.83 2.18 -7.42
N GLY A 2 19.87 2.00 -8.32
CA GLY A 2 18.51 2.44 -8.05
C GLY A 2 17.49 1.68 -8.86
N ALA A 3 17.32 0.40 -8.54
CA ALA A 3 16.36 -0.45 -9.24
C ALA A 3 15.82 -1.54 -8.34
N LYS A 4 14.52 -1.46 -8.01
CA LYS A 4 13.89 -2.44 -7.16
C LYS A 4 12.54 -2.87 -7.71
N ASN A 5 12.19 -4.14 -7.52
CA ASN A 5 10.92 -4.67 -8.01
C ASN A 5 9.89 -4.72 -6.89
N TYR A 6 8.85 -3.90 -7.02
CA TYR A 6 7.79 -3.86 -6.03
C TYR A 6 6.47 -4.29 -6.65
N GLN A 7 6.14 -5.57 -6.49
CA GLN A 7 4.90 -6.12 -7.02
C GLN A 7 3.73 -5.83 -6.09
N TYR A 8 2.82 -4.97 -6.53
CA TYR A 8 1.65 -4.61 -5.72
C TYR A 8 0.39 -4.54 -6.56
N VAL A 9 -0.73 -4.96 -5.97
CA VAL A 9 -2.02 -4.93 -6.63
C VAL A 9 -3.12 -4.55 -5.66
N MET A 10 -3.94 -3.58 -6.05
CA MET A 10 -5.02 -3.12 -5.19
C MET A 10 -6.37 -3.25 -5.87
N SER A 11 -7.42 -3.52 -5.09
CA SER A 11 -8.76 -3.67 -5.64
C SER A 11 -9.18 -2.39 -6.34
N GLU A 12 -9.56 -2.50 -7.61
CA GLU A 12 -9.97 -1.32 -8.39
C GLU A 12 -11.43 -0.97 -8.11
N GLN A 13 -11.63 0.02 -7.24
CA GLN A 13 -12.97 0.47 -6.88
C GLN A 13 -13.02 1.99 -6.81
N PRO A 14 -13.73 2.65 -7.76
CA PRO A 14 -13.84 4.11 -7.79
C PRO A 14 -14.46 4.67 -6.51
N GLU A 15 -15.13 3.82 -5.76
CA GLU A 15 -15.77 4.23 -4.51
C GLU A 15 -14.76 4.24 -3.36
N MET A 16 -13.50 3.99 -3.68
CA MET A 16 -12.45 3.96 -2.67
C MET A 16 -11.24 4.77 -3.12
N ARG A 17 -11.38 5.47 -4.24
CA ARG A 17 -10.29 6.29 -4.77
C ARG A 17 -9.87 7.36 -3.78
N SER A 18 -10.81 7.77 -2.92
CA SER A 18 -10.54 8.80 -1.92
C SER A 18 -9.32 8.45 -1.08
N ILE A 19 -9.30 7.24 -0.52
CA ILE A 19 -8.19 6.80 0.31
C ILE A 19 -7.28 5.83 -0.45
N GLN A 20 -7.57 5.64 -1.73
CA GLN A 20 -6.78 4.73 -2.55
C GLN A 20 -5.32 5.19 -2.62
N PRO A 21 -4.37 4.27 -2.39
CA PRO A 21 -2.94 4.60 -2.41
C PRO A 21 -2.42 4.82 -3.83
N VAL A 22 -1.77 5.95 -4.05
CA VAL A 22 -1.22 6.27 -5.37
C VAL A 22 -0.29 5.15 -5.85
N HIS A 23 0.89 5.07 -5.24
CA HIS A 23 1.85 4.04 -5.59
C HIS A 23 2.46 3.43 -4.33
N VAL A 24 2.91 2.18 -4.44
CA VAL A 24 3.51 1.49 -3.30
C VAL A 24 4.71 0.67 -3.72
N TRP A 25 5.76 0.70 -2.89
CA TRP A 25 6.99 -0.04 -3.17
C TRP A 25 7.65 -0.48 -1.87
N ASP A 26 8.50 -1.49 -1.95
CA ASP A 26 9.20 -1.99 -0.77
C ASP A 26 10.58 -2.52 -1.12
N ASN A 27 11.34 -2.87 -0.09
CA ASN A 27 12.69 -3.39 -0.29
C ASN A 27 13.09 -4.29 0.88
N TYR A 28 14.35 -4.70 0.92
CA TYR A 28 14.85 -5.57 1.98
C TYR A 28 14.94 -4.84 3.31
N ARG A 29 15.05 -3.51 3.26
CA ARG A 29 15.16 -2.71 4.48
C ARG A 29 13.80 -2.37 5.06
N PHE A 30 13.06 -1.50 4.37
CA PHE A 30 11.73 -1.09 4.84
C PHE A 30 10.76 -0.91 3.68
N THR A 31 9.48 -0.73 4.00
CA THR A 31 8.45 -0.52 2.99
C THR A 31 7.90 0.90 3.05
N ARG A 32 7.48 1.43 1.90
CA ARG A 32 6.94 2.78 1.85
C ARG A 32 5.66 2.84 1.02
N PHE A 33 4.76 3.74 1.41
CA PHE A 33 3.48 3.92 0.72
C PHE A 33 3.29 5.39 0.33
N GLU A 34 3.00 5.63 -0.94
CA GLU A 34 2.79 7.00 -1.42
C GLU A 34 1.30 7.31 -1.58
N PHE A 35 0.82 8.27 -0.79
CA PHE A 35 -0.59 8.67 -0.84
C PHE A 35 -0.73 10.11 -1.33
N PRO A 36 -1.92 10.48 -1.81
CA PRO A 36 -2.18 11.85 -2.30
C PRO A 36 -1.97 12.90 -1.22
N ALA A 37 -1.86 14.16 -1.63
CA ALA A 37 -1.64 15.26 -0.69
C ALA A 37 -2.94 15.61 0.04
N ASN A 38 -4.07 15.37 -0.59
CA ASN A 38 -5.37 15.66 0.00
C ASN A 38 -5.85 14.52 0.87
N ALA A 39 -5.21 13.37 0.71
CA ALA A 39 -5.56 12.17 1.48
C ALA A 39 -5.33 12.39 2.97
N GLU A 40 -6.19 11.79 3.79
CA GLU A 40 -6.08 11.91 5.24
C GLU A 40 -5.08 10.88 5.79
N LEU A 41 -4.49 10.10 4.88
CA LEU A 41 -3.52 9.08 5.26
C LEU A 41 -4.15 8.00 6.14
N PRO A 42 -4.50 6.86 5.55
CA PRO A 42 -5.12 5.75 6.27
C PRO A 42 -4.09 4.84 6.94
N GLN A 43 -4.56 3.98 7.84
CA GLN A 43 -3.69 3.06 8.56
C GLN A 43 -3.54 1.76 7.76
N VAL A 44 -2.30 1.39 7.46
CA VAL A 44 -2.02 0.17 6.70
C VAL A 44 -1.73 -1.00 7.63
N TYR A 45 -2.64 -1.97 7.64
CA TYR A 45 -2.49 -3.16 8.46
C TYR A 45 -1.77 -4.27 7.69
N MET A 46 -1.48 -5.36 8.38
CA MET A 46 -0.80 -6.48 7.74
C MET A 46 -1.33 -7.81 8.28
N ILE A 47 -1.43 -8.80 7.39
CA ILE A 47 -1.94 -10.11 7.76
C ILE A 47 -0.82 -10.99 8.32
N SER A 48 -1.00 -11.45 9.56
CA SER A 48 -0.02 -12.29 10.22
C SER A 48 -0.70 -13.33 11.10
N ALA A 49 -0.18 -14.56 11.09
CA ALA A 49 -0.74 -15.65 11.88
C ALA A 49 -2.18 -15.94 11.48
N SER A 50 -2.37 -17.01 10.70
CA SER A 50 -3.70 -17.41 10.24
C SER A 50 -4.32 -16.34 9.36
N GLY A 51 -4.91 -15.31 9.98
CA GLY A 51 -5.53 -14.24 9.22
C GLY A 51 -5.94 -13.07 10.10
N LYS A 52 -4.99 -12.59 10.91
CA LYS A 52 -5.27 -11.47 11.81
C LYS A 52 -4.64 -10.18 11.27
N GLU A 53 -5.35 -9.08 11.43
CA GLU A 53 -4.87 -7.78 10.97
C GLU A 53 -4.29 -6.97 12.12
N THR A 54 -3.00 -6.63 12.01
CA THR A 54 -2.34 -5.85 13.04
C THR A 54 -1.61 -4.67 12.41
N LEU A 55 -1.78 -3.49 13.00
CA LEU A 55 -1.15 -2.29 12.49
C LEU A 55 0.34 -2.22 12.87
N PRO A 56 1.24 -2.37 11.89
CA PRO A 56 2.68 -2.32 12.12
C PRO A 56 3.18 -0.89 12.32
N ASN A 57 4.38 -0.75 12.87
CA ASN A 57 4.97 0.56 13.10
C ASN A 57 4.90 1.42 11.85
N SER A 58 4.00 2.39 11.86
CA SER A 58 3.83 3.28 10.71
C SER A 58 4.50 4.64 10.96
N HIS A 59 4.81 5.33 9.86
CA HIS A 59 5.45 6.64 9.93
C HIS A 59 4.94 7.54 8.81
N VAL A 60 5.24 8.84 8.92
CA VAL A 60 4.81 9.79 7.91
C VAL A 60 5.97 10.67 7.44
N VAL A 61 6.07 10.86 6.13
CA VAL A 61 7.13 11.68 5.55
C VAL A 61 6.62 12.47 4.34
N GLY A 62 7.48 13.31 3.78
CA GLY A 62 7.09 14.11 2.63
C GLY A 62 7.04 15.58 2.94
N GLU A 63 7.14 16.41 1.90
CA GLU A 63 7.11 17.86 2.06
C GLU A 63 5.75 18.31 2.61
N ASN A 64 4.69 17.63 2.17
CA ASN A 64 3.35 17.96 2.63
C ASN A 64 2.81 16.87 3.54
N ARG A 65 3.67 15.96 3.96
CA ARG A 65 3.28 14.86 4.84
C ARG A 65 2.11 14.09 4.23
N ASN A 66 2.40 13.31 3.19
CA ASN A 66 1.38 12.53 2.52
C ASN A 66 1.88 11.12 2.24
N ILE A 67 2.96 10.74 2.90
CA ILE A 67 3.55 9.40 2.72
C ILE A 67 3.43 8.58 4.00
N ILE A 68 3.33 7.27 3.85
CA ILE A 68 3.23 6.36 4.99
C ILE A 68 4.21 5.21 4.85
N GLU A 69 5.30 5.26 5.60
CA GLU A 69 6.30 4.21 5.54
C GLU A 69 6.13 3.26 6.73
N VAL A 70 6.14 1.96 6.44
CA VAL A 70 5.99 0.95 7.49
C VAL A 70 7.30 0.18 7.70
N GLU A 71 7.68 0.05 8.97
CA GLU A 71 8.92 -0.65 9.32
C GLU A 71 8.70 -2.16 9.36
N THR A 72 7.93 -2.68 8.40
CA THR A 72 7.66 -4.11 8.34
C THR A 72 7.26 -4.53 6.92
N VAL A 73 7.69 -5.73 6.53
CA VAL A 73 7.38 -6.26 5.21
C VAL A 73 6.37 -7.40 5.31
N ALA A 74 5.39 -7.39 4.41
CA ALA A 74 4.36 -8.42 4.39
C ALA A 74 3.83 -8.66 2.98
N LYS A 75 2.94 -9.62 2.84
CA LYS A 75 2.35 -9.95 1.56
C LYS A 75 1.04 -9.20 1.36
N GLU A 76 0.05 -9.52 2.19
CA GLU A 76 -1.26 -8.89 2.09
C GLU A 76 -1.31 -7.63 2.98
N TRP A 77 -1.63 -6.50 2.36
CA TRP A 77 -1.72 -5.24 3.07
C TRP A 77 -3.16 -4.73 3.06
N ARG A 78 -3.74 -4.57 4.24
CA ARG A 78 -5.12 -4.10 4.36
C ARG A 78 -5.15 -2.63 4.82
N ILE A 79 -5.45 -1.74 3.89
CA ILE A 79 -5.52 -0.31 4.20
C ILE A 79 -6.92 0.08 4.63
N ARG A 80 -7.06 0.49 5.89
CA ARG A 80 -8.38 0.88 6.41
C ARG A 80 -8.33 2.23 7.11
N LEU A 81 -9.41 2.99 6.97
CA LEU A 81 -9.51 4.30 7.60
C LEU A 81 -10.97 4.78 7.57
N GLY A 82 -11.52 5.02 8.75
CA GLY A 82 -12.90 5.48 8.84
C GLY A 82 -13.89 4.39 8.48
N ASP A 83 -14.63 4.60 7.40
CA ASP A 83 -15.63 3.63 6.96
C ASP A 83 -15.29 3.12 5.56
N LYS A 84 -14.05 3.32 5.13
CA LYS A 84 -13.63 2.89 3.81
C LYS A 84 -12.36 2.03 3.89
N VAL A 85 -12.28 0.99 3.07
CA VAL A 85 -11.13 0.11 3.05
C VAL A 85 -10.67 -0.19 1.63
N VAL A 86 -9.36 -0.36 1.47
CA VAL A 86 -8.78 -0.67 0.18
C VAL A 86 -7.84 -1.87 0.29
N GLY A 87 -8.19 -2.96 -0.39
CA GLY A 87 -7.38 -4.15 -0.33
C GLY A 87 -6.14 -4.08 -1.20
N VAL A 88 -5.00 -4.40 -0.62
CA VAL A 88 -3.73 -4.39 -1.33
C VAL A 88 -3.00 -5.70 -1.12
N ARG A 89 -2.30 -6.16 -2.15
CA ARG A 89 -1.56 -7.42 -2.07
C ARG A 89 -0.18 -7.28 -2.70
N ASN A 90 0.76 -8.08 -2.25
CA ASN A 90 2.13 -8.05 -2.76
C ASN A 90 2.57 -9.43 -3.25
N ASN A 91 2.99 -9.49 -4.50
CA ASN A 91 3.45 -10.75 -5.08
C ASN A 91 4.92 -10.67 -5.48
N ASN A 92 5.80 -10.82 -4.50
CA ASN A 92 7.24 -10.76 -4.72
C ASN A 92 7.99 -10.80 -3.39
N PHE A 93 7.39 -11.45 -2.41
CA PHE A 93 8.00 -11.56 -1.08
C PHE A 93 9.43 -12.08 -1.18
N ALA A 94 10.40 -11.20 -0.93
CA ALA A 94 11.80 -11.56 -0.99
C ALA A 94 12.46 -11.43 0.39
N PRO A 95 12.29 -12.44 1.25
CA PRO A 95 12.86 -12.45 2.60
C PRO A 95 14.39 -12.34 2.57
N PRO B 1 -22.71 0.29 3.18
CA PRO B 1 -21.86 0.75 4.30
C PRO B 1 -20.48 0.10 4.28
N PRO B 2 -20.39 -1.25 4.21
CA PRO B 2 -19.10 -1.95 4.21
C PRO B 2 -18.40 -1.86 2.84
N PRO B 3 -17.25 -1.17 2.78
CA PRO B 3 -16.49 -1.02 1.53
C PRO B 3 -16.13 -2.35 0.90
N GLU B 4 -15.24 -3.09 1.57
CA GLU B 4 -14.80 -4.40 1.08
C GLU B 4 -14.09 -4.25 -0.27
N PRO B 5 -12.82 -4.67 -0.36
CA PRO B 5 -12.05 -4.55 -1.60
C PRO B 5 -12.48 -5.57 -2.64
N ASP B 6 -13.26 -5.13 -3.60
CA ASP B 6 -13.73 -6.00 -4.66
C ASP B 6 -12.60 -6.32 -5.64
N TRP B 7 -11.86 -7.39 -5.35
CA TRP B 7 -10.75 -7.81 -6.19
C TRP B 7 -11.21 -8.15 -7.60
N SER B 8 -12.52 -8.04 -7.86
CA SER B 8 -13.07 -8.33 -9.18
C SER B 8 -12.19 -7.74 -10.28
N ASN B 9 -11.82 -6.48 -10.11
CA ASN B 9 -10.96 -5.80 -11.09
C ASN B 9 -9.51 -5.91 -10.67
N THR B 10 -9.16 -5.19 -9.63
CA THR B 10 -7.81 -5.18 -9.08
C THR B 10 -6.80 -4.59 -10.08
N VAL B 11 -6.34 -3.39 -9.79
CA VAL B 11 -5.35 -2.73 -10.62
C VAL B 11 -4.09 -2.43 -9.81
N PRO B 12 -2.92 -2.79 -10.35
CA PRO B 12 -1.64 -2.60 -9.66
C PRO B 12 -1.48 -1.20 -9.08
N VAL B 13 -0.54 -1.09 -8.15
CA VAL B 13 -0.26 0.17 -7.48
C VAL B 13 0.95 0.85 -8.12
N ASN B 14 1.53 0.19 -9.10
CA ASN B 14 2.70 0.72 -9.80
C ASN B 14 2.28 1.44 -11.07
N LYS B 15 3.06 2.44 -11.47
CA LYS B 15 2.77 3.20 -12.69
C LYS B 15 4.04 3.40 -13.50
N THR B 16 5.12 3.79 -12.82
CA THR B 16 6.40 4.02 -13.49
C THR B 16 7.49 3.17 -12.86
N ILE B 17 7.77 2.02 -13.48
CA ILE B 17 8.80 1.11 -12.98
C ILE B 17 10.18 1.50 -13.52
N PRO B 18 11.18 1.63 -12.62
CA PRO B 18 12.54 2.00 -13.02
C PRO B 18 13.33 0.79 -13.53
N VAL B 19 13.39 0.66 -14.85
CA VAL B 19 14.12 -0.45 -15.47
C VAL B 19 15.44 0.02 -16.05
N ASP B 20 15.48 1.29 -16.45
CA ASP B 20 16.69 1.87 -17.03
C ASP B 20 17.12 1.11 -18.28
N THR B 21 16.77 1.65 -19.45
CA THR B 21 17.12 1.02 -20.72
C THR B 21 18.63 1.07 -20.95
N GLN B 22 19.26 -0.11 -20.93
CA GLN B 22 20.70 -0.20 -21.14
C GLN B 22 21.01 -0.60 -22.57
N ALA A 1 24.35 -0.86 -9.69
CA ALA A 1 23.51 -0.96 -8.47
C ALA A 1 22.35 0.04 -8.53
N GLY A 2 21.28 -0.27 -7.80
CA GLY A 2 20.12 0.60 -7.77
C GLY A 2 18.94 0.01 -8.52
N ALA A 3 18.55 -1.20 -8.15
CA ALA A 3 17.42 -1.88 -8.78
C ALA A 3 16.58 -2.63 -7.76
N LYS A 4 15.27 -2.50 -7.87
CA LYS A 4 14.35 -3.16 -6.96
C LYS A 4 13.02 -3.45 -7.64
N ASN A 5 12.32 -4.48 -7.17
CA ASN A 5 11.04 -4.87 -7.73
C ASN A 5 9.96 -4.87 -6.67
N TYR A 6 8.99 -3.95 -6.82
CA TYR A 6 7.89 -3.85 -5.88
C TYR A 6 6.61 -4.39 -6.51
N GLN A 7 6.33 -5.66 -6.23
CA GLN A 7 5.12 -6.29 -6.76
C GLN A 7 3.92 -6.00 -5.87
N TYR A 8 3.03 -5.13 -6.35
CA TYR A 8 1.85 -4.75 -5.60
C TYR A 8 0.60 -4.82 -6.46
N VAL A 9 -0.52 -5.17 -5.82
CA VAL A 9 -1.82 -5.26 -6.49
C VAL A 9 -2.93 -4.93 -5.51
N MET A 10 -3.76 -3.96 -5.86
CA MET A 10 -4.85 -3.55 -4.98
C MET A 10 -6.19 -3.58 -5.70
N SER A 11 -7.27 -3.41 -4.96
CA SER A 11 -8.61 -3.42 -5.52
C SER A 11 -8.92 -2.10 -6.20
N GLU A 12 -9.33 -2.17 -7.48
CA GLU A 12 -9.66 -0.97 -8.23
C GLU A 12 -11.07 -0.50 -7.89
N GLN A 13 -11.17 0.44 -6.96
CA GLN A 13 -12.47 0.98 -6.55
C GLN A 13 -12.45 2.51 -6.59
N PRO A 14 -13.28 3.11 -7.48
CA PRO A 14 -13.36 4.56 -7.62
C PRO A 14 -14.02 5.22 -6.42
N GLU A 15 -14.81 4.45 -5.69
CA GLU A 15 -15.50 4.95 -4.51
C GLU A 15 -14.57 4.93 -3.29
N MET A 16 -13.43 4.26 -3.43
CA MET A 16 -12.46 4.15 -2.35
C MET A 16 -11.19 4.92 -2.69
N ARG A 17 -11.19 5.61 -3.82
CA ARG A 17 -10.04 6.38 -4.28
C ARG A 17 -9.60 7.38 -3.21
N SER A 18 -10.55 7.79 -2.37
CA SER A 18 -10.26 8.75 -1.30
C SER A 18 -9.06 8.32 -0.46
N ILE A 19 -9.09 7.08 0.02
CA ILE A 19 -8.01 6.55 0.84
C ILE A 19 -7.10 5.61 0.05
N GLN A 20 -7.49 5.35 -1.19
CA GLN A 20 -6.72 4.46 -2.06
C GLN A 20 -5.31 5.02 -2.30
N PRO A 21 -4.26 4.19 -2.13
CA PRO A 21 -2.87 4.62 -2.33
C PRO A 21 -2.54 4.81 -3.81
N VAL A 22 -2.04 5.99 -4.16
CA VAL A 22 -1.67 6.28 -5.54
C VAL A 22 -0.69 5.24 -6.06
N HIS A 23 0.44 5.10 -5.37
CA HIS A 23 1.46 4.13 -5.75
C HIS A 23 2.11 3.54 -4.51
N VAL A 24 2.68 2.34 -4.62
CA VAL A 24 3.32 1.69 -3.49
C VAL A 24 4.53 0.87 -3.94
N TRP A 25 5.60 0.93 -3.15
CA TRP A 25 6.82 0.18 -3.44
C TRP A 25 7.51 -0.23 -2.15
N ASP A 26 8.24 -1.34 -2.20
CA ASP A 26 8.94 -1.85 -1.02
C ASP A 26 10.43 -1.99 -1.27
N ASN A 27 11.16 -2.30 -0.21
CA ASN A 27 12.61 -2.48 -0.29
C ASN A 27 13.02 -3.75 0.44
N TYR A 28 14.32 -3.96 0.56
CA TYR A 28 14.83 -5.14 1.25
C TYR A 28 14.61 -5.05 2.75
N ARG A 29 14.48 -3.83 3.25
CA ARG A 29 14.27 -3.62 4.69
C ARG A 29 12.95 -2.90 4.97
N PHE A 30 12.87 -1.64 4.59
CA PHE A 30 11.65 -0.85 4.83
C PHE A 30 10.75 -0.80 3.60
N THR A 31 9.55 -0.27 3.78
CA THR A 31 8.58 -0.16 2.71
C THR A 31 7.89 1.22 2.76
N ARG A 32 7.59 1.78 1.59
CA ARG A 32 6.94 3.09 1.54
C ARG A 32 5.63 3.05 0.77
N PHE A 33 4.71 3.91 1.15
CA PHE A 33 3.40 4.01 0.51
C PHE A 33 3.12 5.45 0.10
N GLU A 34 2.83 5.66 -1.18
CA GLU A 34 2.55 7.01 -1.68
C GLU A 34 1.04 7.28 -1.74
N PHE A 35 0.62 8.33 -1.05
CA PHE A 35 -0.78 8.73 -1.01
C PHE A 35 -0.96 10.15 -1.55
N PRO A 36 -2.19 10.51 -1.96
CA PRO A 36 -2.48 11.85 -2.48
C PRO A 36 -2.20 12.94 -1.46
N ALA A 37 -2.15 14.18 -1.91
CA ALA A 37 -1.89 15.32 -1.02
C ALA A 37 -3.18 15.94 -0.54
N ASN A 38 -4.23 15.86 -1.35
CA ASN A 38 -5.53 16.42 -1.00
C ASN A 38 -6.35 15.43 -0.19
N ALA A 39 -5.91 14.18 -0.20
CA ALA A 39 -6.60 13.11 0.52
C ALA A 39 -5.98 12.90 1.89
N GLU A 40 -6.61 12.03 2.68
CA GLU A 40 -6.12 11.73 4.03
C GLU A 40 -5.28 10.46 4.03
N LEU A 41 -4.40 10.34 5.01
CA LEU A 41 -3.52 9.17 5.12
C LEU A 41 -4.13 8.11 6.03
N PRO A 42 -4.52 6.96 5.45
CA PRO A 42 -5.13 5.85 6.20
C PRO A 42 -4.09 5.00 6.93
N GLN A 43 -4.57 4.06 7.73
CA GLN A 43 -3.70 3.17 8.47
C GLN A 43 -3.54 1.83 7.75
N VAL A 44 -2.30 1.45 7.49
CA VAL A 44 -2.02 0.20 6.78
C VAL A 44 -1.79 -0.94 7.75
N TYR A 45 -2.40 -2.09 7.46
CA TYR A 45 -2.28 -3.28 8.28
C TYR A 45 -1.64 -4.41 7.49
N MET A 46 -1.40 -5.54 8.16
CA MET A 46 -0.81 -6.70 7.52
C MET A 46 -1.43 -7.98 8.04
N ILE A 47 -1.77 -8.89 7.12
CA ILE A 47 -2.39 -10.15 7.49
C ILE A 47 -1.34 -11.16 7.97
N SER A 48 -1.63 -11.80 9.09
CA SER A 48 -0.72 -12.80 9.66
C SER A 48 -1.44 -14.13 9.86
N ALA A 49 -0.82 -15.02 10.64
CA ALA A 49 -1.40 -16.33 10.91
C ALA A 49 -2.79 -16.20 11.52
N SER A 50 -3.59 -17.26 11.39
CA SER A 50 -4.95 -17.27 11.93
C SER A 50 -5.81 -16.19 11.27
N GLY A 51 -5.29 -15.57 10.22
CA GLY A 51 -6.03 -14.53 9.52
C GLY A 51 -6.41 -13.38 10.43
N LYS A 52 -5.44 -12.56 10.79
CA LYS A 52 -5.69 -11.42 11.67
C LYS A 52 -4.95 -10.18 11.18
N GLU A 53 -5.59 -9.02 11.29
CA GLU A 53 -4.98 -7.77 10.87
C GLU A 53 -4.19 -7.12 11.99
N THR A 54 -2.99 -6.66 11.67
CA THR A 54 -2.12 -6.00 12.64
C THR A 54 -1.46 -4.78 12.03
N LEU A 55 -1.47 -3.68 12.76
CA LEU A 55 -0.88 -2.44 12.28
C LEU A 55 0.61 -2.38 12.64
N PRO A 56 1.49 -2.46 11.62
CA PRO A 56 2.94 -2.42 11.82
C PRO A 56 3.44 -1.01 12.12
N ASN A 57 4.66 -0.92 12.65
CA ASN A 57 5.26 0.37 12.98
C ASN A 57 5.34 1.26 11.75
N SER A 58 4.37 2.17 11.62
CA SER A 58 4.32 3.08 10.49
C SER A 58 4.86 4.45 10.88
N HIS A 59 5.43 5.15 9.89
CA HIS A 59 5.99 6.47 10.11
C HIS A 59 5.62 7.41 8.96
N VAL A 60 5.05 8.56 9.31
CA VAL A 60 4.65 9.54 8.30
C VAL A 60 5.86 10.21 7.66
N VAL A 61 5.78 10.44 6.35
CA VAL A 61 6.87 11.08 5.62
C VAL A 61 6.35 11.96 4.50
N GLY A 62 7.17 12.90 4.05
CA GLY A 62 6.77 13.79 2.99
C GLY A 62 6.59 15.22 3.46
N GLU A 63 6.81 16.18 2.56
CA GLU A 63 6.67 17.59 2.90
C GLU A 63 5.25 17.89 3.36
N ASN A 64 4.27 17.53 2.54
CA ASN A 64 2.87 17.76 2.87
C ASN A 64 2.28 16.57 3.61
N ARG A 65 3.16 15.68 4.07
CA ARG A 65 2.73 14.48 4.79
C ARG A 65 1.74 13.68 3.95
N ASN A 66 2.23 13.10 2.86
CA ASN A 66 1.39 12.31 1.97
C ASN A 66 1.98 10.94 1.72
N ILE A 67 2.94 10.55 2.56
CA ILE A 67 3.60 9.25 2.42
C ILE A 67 3.59 8.50 3.74
N ILE A 68 3.57 7.17 3.65
CA ILE A 68 3.57 6.30 4.84
C ILE A 68 4.58 5.18 4.68
N GLU A 69 5.67 5.25 5.46
CA GLU A 69 6.71 4.23 5.39
C GLU A 69 6.58 3.24 6.54
N VAL A 70 6.20 2.00 6.20
CA VAL A 70 6.06 0.95 7.20
C VAL A 70 7.37 0.19 7.38
N GLU A 71 7.74 -0.04 8.64
CA GLU A 71 8.97 -0.75 8.95
C GLU A 71 8.76 -2.26 8.95
N THR A 72 7.97 -2.74 8.00
CA THR A 72 7.69 -4.17 7.89
C THR A 72 7.28 -4.55 6.47
N VAL A 73 7.58 -5.78 6.08
CA VAL A 73 7.24 -6.27 4.74
C VAL A 73 6.37 -7.52 4.84
N ALA A 74 5.25 -7.52 4.11
CA ALA A 74 4.34 -8.65 4.12
C ALA A 74 3.86 -8.98 2.71
N LYS A 75 2.92 -9.93 2.63
CA LYS A 75 2.37 -10.35 1.34
C LYS A 75 0.97 -9.78 1.14
N GLU A 76 0.31 -9.42 2.24
CA GLU A 76 -1.03 -8.86 2.18
C GLU A 76 -1.13 -7.62 3.06
N TRP A 77 -1.54 -6.51 2.46
CA TRP A 77 -1.68 -5.25 3.18
C TRP A 77 -3.12 -4.78 3.17
N ARG A 78 -3.70 -4.60 4.35
CA ARG A 78 -5.08 -4.13 4.47
C ARG A 78 -5.13 -2.69 4.96
N ILE A 79 -5.45 -1.77 4.06
CA ILE A 79 -5.52 -0.36 4.40
C ILE A 79 -6.92 0.01 4.87
N ARG A 80 -7.05 0.41 6.14
CA ARG A 80 -8.33 0.78 6.70
C ARG A 80 -8.30 2.16 7.34
N LEU A 81 -9.34 2.94 7.10
CA LEU A 81 -9.45 4.28 7.66
C LEU A 81 -10.90 4.73 7.71
N GLY A 82 -11.36 5.09 8.90
CA GLY A 82 -12.74 5.53 9.06
C GLY A 82 -13.73 4.42 8.78
N ASP A 83 -14.48 4.55 7.69
CA ASP A 83 -15.47 3.55 7.31
C ASP A 83 -15.15 2.95 5.94
N LYS A 84 -13.98 3.29 5.41
CA LYS A 84 -13.55 2.79 4.10
C LYS A 84 -12.34 1.87 4.22
N VAL A 85 -12.20 0.96 3.26
CA VAL A 85 -11.07 0.04 3.24
C VAL A 85 -10.59 -0.19 1.81
N VAL A 86 -9.29 -0.40 1.66
CA VAL A 86 -8.70 -0.66 0.36
C VAL A 86 -7.77 -1.87 0.43
N GLY A 87 -8.16 -2.94 -0.25
CA GLY A 87 -7.35 -4.15 -0.23
C GLY A 87 -6.09 -4.05 -1.07
N VAL A 88 -4.97 -4.43 -0.47
CA VAL A 88 -3.68 -4.40 -1.14
C VAL A 88 -2.96 -5.74 -0.92
N ARG A 89 -2.19 -6.17 -1.92
CA ARG A 89 -1.48 -7.44 -1.81
C ARG A 89 -0.12 -7.35 -2.52
N ASN A 90 0.94 -7.64 -1.78
CA ASN A 90 2.29 -7.61 -2.32
C ASN A 90 2.79 -9.01 -2.64
N ASN A 91 2.95 -9.30 -3.93
CA ASN A 91 3.42 -10.62 -4.35
C ASN A 91 4.92 -10.60 -4.63
N ASN A 92 5.72 -10.69 -3.56
CA ASN A 92 7.17 -10.68 -3.67
C ASN A 92 7.81 -10.68 -2.29
N PHE A 93 8.85 -11.49 -2.12
CA PHE A 93 9.56 -11.58 -0.85
C PHE A 93 11.07 -11.48 -1.05
N ALA A 94 11.61 -10.28 -0.82
CA ALA A 94 13.04 -10.05 -0.99
C ALA A 94 13.64 -9.43 0.28
N PRO A 95 13.92 -10.27 1.29
CA PRO A 95 14.51 -9.81 2.56
C PRO A 95 15.89 -9.20 2.37
N PRO B 1 -23.53 -0.03 4.91
CA PRO B 1 -22.84 -0.47 3.67
C PRO B 1 -21.33 -0.38 3.82
N PRO B 2 -20.67 -1.50 4.15
CA PRO B 2 -19.21 -1.55 4.32
C PRO B 2 -18.47 -1.43 2.99
N PRO B 3 -17.21 -0.97 3.01
CA PRO B 3 -16.40 -0.82 1.81
C PRO B 3 -16.04 -2.16 1.18
N GLU B 4 -15.10 -2.88 1.80
CA GLU B 4 -14.66 -4.18 1.32
C GLU B 4 -14.02 -4.05 -0.07
N PRO B 5 -12.79 -4.58 -0.24
CA PRO B 5 -12.09 -4.53 -1.52
C PRO B 5 -12.60 -5.60 -2.47
N ASP B 6 -13.22 -5.17 -3.55
CA ASP B 6 -13.78 -6.10 -4.53
C ASP B 6 -12.73 -6.55 -5.55
N TRP B 7 -11.55 -5.93 -5.51
CA TRP B 7 -10.49 -6.28 -6.45
C TRP B 7 -11.00 -6.22 -7.88
N SER B 8 -12.01 -5.38 -8.09
CA SER B 8 -12.65 -5.20 -9.39
C SER B 8 -11.66 -5.37 -10.55
N ASN B 9 -10.85 -4.34 -10.80
CA ASN B 9 -9.88 -4.40 -11.89
C ASN B 9 -8.48 -4.67 -11.38
N THR B 10 -8.37 -4.81 -10.07
CA THR B 10 -7.08 -5.07 -9.43
C THR B 10 -5.96 -4.23 -10.04
N VAL B 11 -5.77 -3.02 -9.52
CA VAL B 11 -4.74 -2.13 -10.01
C VAL B 11 -3.42 -2.34 -9.26
N PRO B 12 -2.37 -2.78 -9.97
CA PRO B 12 -1.05 -3.07 -9.39
C PRO B 12 -0.46 -1.94 -8.57
N VAL B 13 -1.16 -0.81 -8.47
CA VAL B 13 -0.68 0.33 -7.69
C VAL B 13 0.52 0.99 -8.36
N ASN B 14 1.17 0.27 -9.28
CA ASN B 14 2.34 0.80 -9.97
C ASN B 14 2.00 1.19 -11.41
N LYS B 15 1.53 0.22 -12.18
CA LYS B 15 1.17 0.43 -13.59
C LYS B 15 2.41 0.78 -14.43
N THR B 16 3.55 0.92 -13.75
CA THR B 16 4.80 1.25 -14.43
C THR B 16 5.99 0.63 -13.70
N ILE B 17 6.42 -0.54 -14.16
CA ILE B 17 7.54 -1.24 -13.55
C ILE B 17 8.82 -1.06 -14.39
N PRO B 18 9.93 -0.63 -13.77
CA PRO B 18 11.21 -0.43 -14.46
C PRO B 18 11.63 -1.66 -15.25
N VAL B 19 11.40 -1.62 -16.55
CA VAL B 19 11.76 -2.73 -17.42
C VAL B 19 13.16 -2.54 -18.00
N ASP B 20 13.55 -1.28 -18.19
CA ASP B 20 14.86 -0.96 -18.74
C ASP B 20 15.05 -1.57 -20.13
N THR B 21 14.84 -0.75 -21.16
CA THR B 21 14.98 -1.20 -22.54
C THR B 21 16.45 -1.40 -22.90
N GLN B 22 17.31 -0.51 -22.41
CA GLN B 22 18.74 -0.59 -22.69
C GLN B 22 19.43 -1.54 -21.71
N ALA A 1 19.39 2.92 -10.59
CA ALA A 1 19.27 1.83 -9.58
C ALA A 1 18.28 0.77 -10.02
N GLY A 2 18.74 -0.47 -10.09
CA GLY A 2 17.87 -1.56 -10.50
C GLY A 2 18.21 -2.87 -9.82
N ALA A 3 17.87 -2.96 -8.53
CA ALA A 3 18.14 -4.16 -7.75
C ALA A 3 16.96 -4.51 -6.85
N LYS A 4 15.80 -3.94 -7.16
CA LYS A 4 14.60 -4.18 -6.38
C LYS A 4 13.34 -4.02 -7.24
N ASN A 5 12.33 -4.81 -6.95
CA ASN A 5 11.08 -4.76 -7.71
C ASN A 5 9.88 -4.68 -6.77
N TYR A 6 9.19 -3.54 -6.81
CA TYR A 6 8.02 -3.35 -5.97
C TYR A 6 6.75 -3.65 -6.76
N GLN A 7 6.26 -4.88 -6.62
CA GLN A 7 5.05 -5.31 -7.30
C GLN A 7 3.85 -5.26 -6.35
N TYR A 8 2.90 -4.39 -6.65
CA TYR A 8 1.71 -4.25 -5.81
C TYR A 8 0.45 -4.13 -6.65
N VAL A 9 -0.68 -4.52 -6.06
CA VAL A 9 -1.97 -4.48 -6.72
C VAL A 9 -3.08 -4.11 -5.75
N MET A 10 -3.82 -3.06 -6.06
CA MET A 10 -4.91 -2.61 -5.21
C MET A 10 -6.25 -2.91 -5.86
N SER A 11 -7.24 -3.27 -5.03
CA SER A 11 -8.57 -3.58 -5.54
C SER A 11 -9.18 -2.37 -6.22
N GLU A 12 -9.47 -2.49 -7.51
CA GLU A 12 -10.04 -1.39 -8.27
C GLU A 12 -11.53 -1.23 -7.99
N GLN A 13 -11.85 -0.28 -7.11
CA GLN A 13 -13.24 -0.02 -6.74
C GLN A 13 -13.47 1.49 -6.64
N PRO A 14 -14.43 2.03 -7.43
CA PRO A 14 -14.73 3.47 -7.44
C PRO A 14 -15.21 3.98 -6.07
N GLU A 15 -15.64 3.05 -5.22
CA GLU A 15 -16.12 3.40 -3.90
C GLU A 15 -14.97 3.57 -2.91
N MET A 16 -13.74 3.45 -3.43
CA MET A 16 -12.55 3.58 -2.59
C MET A 16 -11.53 4.53 -3.21
N ARG A 17 -11.92 5.18 -4.30
CA ARG A 17 -11.03 6.11 -5.00
C ARG A 17 -10.58 7.23 -4.07
N SER A 18 -11.40 7.53 -3.07
CA SER A 18 -11.09 8.59 -2.11
C SER A 18 -9.79 8.30 -1.36
N ILE A 19 -9.65 7.08 -0.87
CA ILE A 19 -8.46 6.68 -0.13
C ILE A 19 -7.55 5.79 -0.98
N GLN A 20 -7.81 5.75 -2.28
CA GLN A 20 -7.01 4.94 -3.19
C GLN A 20 -5.54 5.35 -3.12
N PRO A 21 -4.62 4.43 -2.78
CA PRO A 21 -3.20 4.71 -2.68
C PRO A 21 -2.58 5.03 -4.04
N VAL A 22 -1.91 6.17 -4.14
CA VAL A 22 -1.27 6.57 -5.39
C VAL A 22 -0.32 5.49 -5.88
N HIS A 23 0.77 5.27 -5.14
CA HIS A 23 1.75 4.26 -5.48
C HIS A 23 2.31 3.60 -4.22
N VAL A 24 2.90 2.42 -4.37
CA VAL A 24 3.46 1.70 -3.24
C VAL A 24 4.72 0.93 -3.64
N TRP A 25 5.77 1.08 -2.86
CA TRP A 25 7.03 0.40 -3.11
C TRP A 25 7.68 -0.03 -1.80
N ASP A 26 8.33 -1.20 -1.81
CA ASP A 26 8.97 -1.72 -0.61
C ASP A 26 10.47 -1.91 -0.83
N ASN A 27 11.17 -2.24 0.25
CA ASN A 27 12.61 -2.47 0.20
C ASN A 27 12.99 -3.59 1.17
N TYR A 28 14.14 -4.19 0.94
CA TYR A 28 14.63 -5.27 1.79
C TYR A 28 14.65 -4.86 3.25
N ARG A 29 14.72 -3.55 3.50
CA ARG A 29 14.76 -3.02 4.86
C ARG A 29 13.38 -2.56 5.31
N PHE A 30 12.89 -1.47 4.72
CA PHE A 30 11.59 -0.92 5.08
C PHE A 30 10.69 -0.76 3.86
N THR A 31 9.42 -0.44 4.10
CA THR A 31 8.45 -0.26 3.02
C THR A 31 7.79 1.12 3.13
N ARG A 32 7.50 1.73 1.99
CA ARG A 32 6.88 3.06 1.98
C ARG A 32 5.60 3.07 1.13
N PHE A 33 4.63 3.87 1.57
CA PHE A 33 3.36 4.00 0.88
C PHE A 33 3.09 5.46 0.53
N GLU A 34 2.86 5.73 -0.76
CA GLU A 34 2.62 7.10 -1.21
C GLU A 34 1.12 7.36 -1.38
N PHE A 35 0.61 8.33 -0.63
CA PHE A 35 -0.80 8.69 -0.69
C PHE A 35 -0.98 10.13 -1.17
N PRO A 36 -2.18 10.49 -1.66
CA PRO A 36 -2.47 11.84 -2.13
C PRO A 36 -2.24 12.89 -1.05
N ALA A 37 -2.14 14.15 -1.45
CA ALA A 37 -1.93 15.24 -0.52
C ALA A 37 -3.26 15.87 -0.09
N ASN A 38 -4.27 15.72 -0.95
CA ASN A 38 -5.59 16.28 -0.66
C ASN A 38 -6.42 15.30 0.18
N ALA A 39 -5.96 14.06 0.24
CA ALA A 39 -6.64 13.03 1.01
C ALA A 39 -5.97 12.79 2.35
N GLU A 40 -6.65 12.06 3.23
CA GLU A 40 -6.12 11.76 4.56
C GLU A 40 -5.30 10.48 4.52
N LEU A 41 -4.35 10.37 5.45
CA LEU A 41 -3.49 9.19 5.52
C LEU A 41 -4.15 8.08 6.34
N PRO A 42 -4.42 6.93 5.71
CA PRO A 42 -5.05 5.78 6.37
C PRO A 42 -4.06 4.93 7.15
N GLN A 43 -4.58 3.91 7.83
CA GLN A 43 -3.74 3.01 8.61
C GLN A 43 -3.58 1.67 7.89
N VAL A 44 -2.38 1.41 7.37
CA VAL A 44 -2.11 0.19 6.65
C VAL A 44 -1.87 -0.99 7.60
N TYR A 45 -2.80 -1.93 7.62
CA TYR A 45 -2.68 -3.11 8.47
C TYR A 45 -1.96 -4.23 7.74
N MET A 46 -1.74 -5.34 8.45
CA MET A 46 -1.07 -6.49 7.86
C MET A 46 -1.66 -7.79 8.39
N ILE A 47 -1.59 -8.84 7.57
CA ILE A 47 -2.13 -10.14 7.95
C ILE A 47 -1.04 -11.03 8.55
N SER A 48 -1.32 -11.59 9.72
CA SER A 48 -0.37 -12.46 10.40
C SER A 48 -0.57 -13.92 10.00
N ALA A 49 0.22 -14.81 10.58
CA ALA A 49 0.13 -16.23 10.29
C ALA A 49 -1.20 -16.80 10.78
N SER A 50 -1.81 -16.13 11.75
CA SER A 50 -3.08 -16.57 12.31
C SER A 50 -4.25 -16.05 11.48
N GLY A 51 -4.00 -14.99 10.71
CA GLY A 51 -5.03 -14.41 9.89
C GLY A 51 -5.75 -13.26 10.57
N LYS A 52 -4.99 -12.41 11.25
CA LYS A 52 -5.55 -11.27 11.95
C LYS A 52 -4.91 -9.97 11.47
N GLU A 53 -5.73 -8.91 11.37
CA GLU A 53 -5.25 -7.61 10.92
C GLU A 53 -4.72 -6.78 12.07
N THR A 54 -3.43 -6.45 12.03
CA THR A 54 -2.81 -5.64 13.06
C THR A 54 -1.98 -4.52 12.43
N LEU A 55 -2.06 -3.32 13.00
CA LEU A 55 -1.33 -2.19 12.48
C LEU A 55 0.15 -2.25 12.88
N PRO A 56 1.05 -2.49 11.92
CA PRO A 56 2.48 -2.57 12.17
C PRO A 56 3.11 -1.20 12.37
N ASN A 57 4.31 -1.17 12.94
CA ASN A 57 5.02 0.08 13.17
C ASN A 57 5.15 0.89 11.88
N SER A 58 4.72 2.14 11.92
CA SER A 58 4.78 3.01 10.76
C SER A 58 5.43 4.35 11.09
N HIS A 59 5.84 5.08 10.06
CA HIS A 59 6.47 6.38 10.25
C HIS A 59 6.12 7.32 9.09
N VAL A 60 5.53 8.47 9.43
CA VAL A 60 5.14 9.44 8.42
C VAL A 60 6.35 10.12 7.79
N VAL A 61 6.32 10.25 6.47
CA VAL A 61 7.43 10.87 5.74
C VAL A 61 6.91 11.63 4.52
N GLY A 62 7.83 12.29 3.81
CA GLY A 62 7.45 13.04 2.63
C GLY A 62 7.54 14.53 2.85
N GLU A 63 7.74 15.27 1.76
CA GLU A 63 7.85 16.73 1.84
C GLU A 63 6.53 17.35 2.30
N ASN A 64 5.44 16.95 1.67
CA ASN A 64 4.13 17.47 2.00
C ASN A 64 3.47 16.61 3.08
N ARG A 65 4.25 15.71 3.67
CA ARG A 65 3.75 14.82 4.71
C ARG A 65 2.51 14.09 4.23
N ASN A 66 2.72 13.04 3.42
CA ASN A 66 1.62 12.26 2.87
C ASN A 66 2.06 10.83 2.60
N ILE A 67 3.20 10.44 3.17
CA ILE A 67 3.74 9.10 2.98
C ILE A 67 3.69 8.30 4.28
N ILE A 68 3.66 6.98 4.16
CA ILE A 68 3.62 6.10 5.33
C ILE A 68 4.61 4.95 5.17
N GLU A 69 5.73 5.04 5.88
CA GLU A 69 6.76 4.00 5.80
C GLU A 69 6.61 3.02 6.96
N VAL A 70 6.16 1.81 6.65
CA VAL A 70 5.99 0.77 7.65
C VAL A 70 7.27 -0.05 7.80
N GLU A 71 7.75 -0.18 9.02
CA GLU A 71 8.96 -0.93 9.29
C GLU A 71 8.71 -2.44 9.30
N THR A 72 7.89 -2.90 8.37
CA THR A 72 7.57 -4.32 8.27
C THR A 72 7.12 -4.68 6.85
N VAL A 73 7.46 -5.90 6.43
CA VAL A 73 7.09 -6.37 5.10
C VAL A 73 6.20 -7.61 5.20
N ALA A 74 5.07 -7.57 4.51
CA ALA A 74 4.13 -8.69 4.53
C ALA A 74 3.66 -9.05 3.12
N LYS A 75 2.73 -9.99 3.04
CA LYS A 75 2.19 -10.42 1.74
C LYS A 75 0.84 -9.78 1.46
N GLU A 76 0.13 -9.41 2.53
CA GLU A 76 -1.18 -8.79 2.40
C GLU A 76 -1.27 -7.51 3.23
N TRP A 77 -1.60 -6.41 2.56
CA TRP A 77 -1.74 -5.12 3.23
C TRP A 77 -3.17 -4.61 3.12
N ARG A 78 -3.82 -4.44 4.26
CA ARG A 78 -5.20 -3.95 4.29
C ARG A 78 -5.26 -2.50 4.75
N ILE A 79 -5.47 -1.59 3.80
CA ILE A 79 -5.56 -0.17 4.12
C ILE A 79 -6.96 0.19 4.58
N ARG A 80 -7.09 0.61 5.83
CA ARG A 80 -8.39 0.97 6.39
C ARG A 80 -8.38 2.37 6.98
N LEU A 81 -9.47 3.09 6.76
CA LEU A 81 -9.61 4.46 7.26
C LEU A 81 -11.06 4.93 7.14
N GLY A 82 -11.62 5.40 8.25
CA GLY A 82 -12.99 5.87 8.24
C GLY A 82 -13.99 4.76 7.93
N ASP A 83 -14.67 4.87 6.79
CA ASP A 83 -15.64 3.89 6.39
C ASP A 83 -15.27 3.23 5.06
N LYS A 84 -13.99 3.32 4.71
CA LYS A 84 -13.50 2.75 3.45
C LYS A 84 -12.25 1.89 3.67
N VAL A 85 -12.09 0.87 2.84
CA VAL A 85 -10.94 -0.02 2.92
C VAL A 85 -10.46 -0.40 1.52
N VAL A 86 -9.16 -0.57 1.37
CA VAL A 86 -8.58 -0.95 0.09
C VAL A 86 -7.77 -2.23 0.22
N GLY A 87 -7.93 -3.14 -0.74
CA GLY A 87 -7.21 -4.39 -0.70
C GLY A 87 -5.94 -4.38 -1.53
N VAL A 88 -4.80 -4.27 -0.86
CA VAL A 88 -3.51 -4.25 -1.52
C VAL A 88 -2.70 -5.48 -1.13
N ARG A 89 -2.39 -6.34 -2.10
CA ARG A 89 -1.62 -7.53 -1.82
C ARG A 89 -0.20 -7.42 -2.37
N ASN A 90 0.78 -7.53 -1.47
CA ASN A 90 2.18 -7.43 -1.85
C ASN A 90 2.62 -8.64 -2.68
N ASN A 91 3.16 -8.38 -3.86
CA ASN A 91 3.63 -9.42 -4.75
C ASN A 91 5.13 -9.29 -4.96
N ASN A 92 5.71 -10.28 -5.62
CA ASN A 92 7.14 -10.29 -5.89
C ASN A 92 7.94 -10.29 -4.60
N PHE A 93 7.35 -10.86 -3.55
CA PHE A 93 7.99 -10.94 -2.24
C PHE A 93 9.44 -11.39 -2.37
N ALA A 94 10.37 -10.45 -2.17
CA ALA A 94 11.79 -10.75 -2.26
C ALA A 94 12.52 -10.37 -0.97
N PRO A 95 12.46 -11.24 0.05
CA PRO A 95 13.12 -11.01 1.34
C PRO A 95 14.63 -10.82 1.20
N PRO B 1 -23.29 1.23 3.41
CA PRO B 1 -22.71 -0.14 3.28
C PRO B 1 -21.19 -0.11 3.45
N PRO B 2 -20.60 -1.22 3.91
CA PRO B 2 -19.15 -1.31 4.12
C PRO B 2 -18.38 -1.38 2.80
N PRO B 3 -17.10 -0.97 2.80
CA PRO B 3 -16.26 -0.98 1.60
C PRO B 3 -15.92 -2.40 1.14
N GLU B 4 -14.97 -3.03 1.84
CA GLU B 4 -14.54 -4.39 1.50
C GLU B 4 -13.99 -4.44 0.08
N PRO B 5 -12.70 -4.81 -0.10
CA PRO B 5 -12.10 -4.89 -1.42
C PRO B 5 -12.58 -6.12 -2.17
N ASP B 6 -13.39 -5.88 -3.19
CA ASP B 6 -13.95 -6.96 -3.99
C ASP B 6 -12.91 -7.58 -4.92
N TRP B 7 -11.76 -6.90 -5.08
CA TRP B 7 -10.70 -7.39 -5.95
C TRP B 7 -11.23 -7.61 -7.38
N SER B 8 -12.44 -7.11 -7.63
CA SER B 8 -13.07 -7.24 -8.95
C SER B 8 -12.04 -7.08 -10.06
N ASN B 9 -11.45 -5.89 -10.15
CA ASN B 9 -10.44 -5.63 -11.16
C ASN B 9 -9.10 -5.38 -10.49
N THR B 10 -8.42 -6.46 -10.10
CA THR B 10 -7.12 -6.35 -9.44
C THR B 10 -6.19 -5.45 -10.24
N VAL B 11 -6.19 -4.18 -9.87
CA VAL B 11 -5.36 -3.18 -10.52
C VAL B 11 -4.07 -3.05 -9.74
N PRO B 12 -2.94 -2.79 -10.42
CA PRO B 12 -1.63 -2.64 -9.76
C PRO B 12 -1.59 -1.41 -8.88
N VAL B 13 -0.39 -0.95 -8.56
CA VAL B 13 -0.23 0.24 -7.71
C VAL B 13 0.80 1.19 -8.29
N ASN B 14 1.97 0.65 -8.64
CA ASN B 14 3.05 1.45 -9.20
C ASN B 14 3.01 1.41 -10.72
N LYS B 15 2.50 2.48 -11.32
CA LYS B 15 2.41 2.57 -12.78
C LYS B 15 3.76 2.96 -13.38
N THR B 16 4.23 4.15 -13.06
CA THR B 16 5.51 4.63 -13.56
C THR B 16 6.64 4.38 -12.56
N ILE B 17 7.44 3.35 -12.81
CA ILE B 17 8.55 3.02 -11.93
C ILE B 17 9.60 4.12 -11.92
N PRO B 18 9.95 4.66 -10.73
CA PRO B 18 10.94 5.72 -10.60
C PRO B 18 12.25 5.37 -11.29
N VAL B 19 12.43 5.92 -12.48
CA VAL B 19 13.64 5.69 -13.27
C VAL B 19 14.20 6.99 -13.83
N ASP B 20 13.31 7.95 -14.10
CA ASP B 20 13.70 9.24 -14.65
C ASP B 20 14.43 9.07 -15.98
N THR B 21 14.96 10.18 -16.51
CA THR B 21 15.67 10.16 -17.77
C THR B 21 17.03 10.85 -17.65
N GLN B 22 17.01 12.05 -17.08
CA GLN B 22 18.24 12.82 -16.90
C GLN B 22 18.81 12.62 -15.50
N ALA A 1 20.97 -0.14 -2.51
CA ALA A 1 22.28 -0.64 -2.99
C ALA A 1 22.13 -1.35 -4.34
N GLY A 2 20.94 -1.89 -4.59
CA GLY A 2 20.68 -2.59 -5.83
C GLY A 2 19.22 -2.55 -6.23
N ALA A 3 18.69 -1.34 -6.39
CA ALA A 3 17.30 -1.17 -6.77
C ALA A 3 16.35 -1.83 -5.77
N LYS A 4 15.07 -1.85 -6.10
CA LYS A 4 14.06 -2.46 -5.23
C LYS A 4 12.94 -3.09 -6.04
N ASN A 5 12.16 -3.95 -5.40
CA ASN A 5 11.05 -4.63 -6.06
C ASN A 5 9.71 -4.15 -5.51
N TYR A 6 8.94 -3.47 -6.35
CA TYR A 6 7.64 -2.97 -5.96
C TYR A 6 6.53 -3.80 -6.58
N GLN A 7 6.05 -4.77 -5.83
CA GLN A 7 4.96 -5.64 -6.28
C GLN A 7 3.70 -5.37 -5.46
N TYR A 8 2.83 -4.51 -5.99
CA TYR A 8 1.61 -4.17 -5.29
C TYR A 8 0.41 -4.07 -6.22
N VAL A 9 -0.66 -4.76 -5.85
CA VAL A 9 -1.89 -4.75 -6.62
C VAL A 9 -3.06 -4.36 -5.72
N MET A 10 -3.78 -3.33 -6.11
CA MET A 10 -4.92 -2.85 -5.31
C MET A 10 -6.24 -3.00 -6.06
N SER A 11 -7.26 -3.43 -5.33
CA SER A 11 -8.58 -3.62 -5.90
C SER A 11 -9.02 -2.36 -6.65
N GLU A 12 -9.74 -2.55 -7.75
CA GLU A 12 -10.19 -1.43 -8.57
C GLU A 12 -11.57 -0.93 -8.12
N GLN A 13 -11.58 0.11 -7.30
CA GLN A 13 -12.82 0.70 -6.80
C GLN A 13 -12.65 2.20 -6.55
N PRO A 14 -13.24 3.05 -7.42
CA PRO A 14 -13.14 4.51 -7.28
C PRO A 14 -13.94 5.05 -6.09
N GLU A 15 -14.78 4.20 -5.50
CA GLU A 15 -15.60 4.61 -4.36
C GLU A 15 -14.73 5.03 -3.17
N MET A 16 -13.63 4.31 -2.95
CA MET A 16 -12.73 4.63 -1.85
C MET A 16 -11.39 5.14 -2.37
N ARG A 17 -11.42 5.78 -3.54
CA ARG A 17 -10.21 6.31 -4.15
C ARG A 17 -9.49 7.26 -3.19
N SER A 18 -10.25 7.87 -2.28
CA SER A 18 -9.68 8.79 -1.31
C SER A 18 -8.55 8.14 -0.52
N ILE A 19 -8.82 6.97 0.05
CA ILE A 19 -7.83 6.24 0.82
C ILE A 19 -6.94 5.39 -0.08
N GLN A 20 -7.38 5.19 -1.32
CA GLN A 20 -6.62 4.41 -2.28
C GLN A 20 -5.25 5.03 -2.53
N PRO A 21 -4.17 4.26 -2.29
CA PRO A 21 -2.80 4.75 -2.48
C PRO A 21 -2.45 4.94 -3.95
N VAL A 22 -1.87 6.10 -4.27
CA VAL A 22 -1.47 6.41 -5.64
C VAL A 22 -0.44 5.39 -6.14
N HIS A 23 0.69 5.31 -5.45
CA HIS A 23 1.74 4.38 -5.80
C HIS A 23 2.36 3.77 -4.55
N VAL A 24 2.91 2.56 -4.68
CA VAL A 24 3.52 1.89 -3.53
C VAL A 24 4.76 1.09 -3.94
N TRP A 25 5.76 1.12 -3.06
CA TRP A 25 7.01 0.40 -3.28
C TRP A 25 7.59 -0.07 -1.95
N ASP A 26 8.52 -1.00 -1.99
CA ASP A 26 9.12 -1.52 -0.76
C ASP A 26 10.62 -1.75 -0.91
N ASN A 27 11.25 -2.09 0.21
CA ASN A 27 12.68 -2.36 0.25
C ASN A 27 12.96 -3.54 1.16
N TYR A 28 14.16 -4.10 1.05
CA TYR A 28 14.55 -5.24 1.86
C TYR A 28 14.43 -4.93 3.35
N ARG A 29 14.49 -3.64 3.69
CA ARG A 29 14.40 -3.23 5.09
C ARG A 29 13.03 -2.68 5.43
N PHE A 30 12.68 -1.52 4.88
CA PHE A 30 11.40 -0.88 5.15
C PHE A 30 10.56 -0.76 3.88
N THR A 31 9.30 -0.36 4.04
CA THR A 31 8.39 -0.19 2.92
C THR A 31 7.77 1.20 2.95
N ARG A 32 7.47 1.74 1.77
CA ARG A 32 6.88 3.08 1.68
C ARG A 32 5.59 3.07 0.86
N PHE A 33 4.66 3.93 1.26
CA PHE A 33 3.37 4.05 0.57
C PHE A 33 3.10 5.50 0.21
N GLU A 34 2.85 5.75 -1.07
CA GLU A 34 2.58 7.11 -1.54
C GLU A 34 1.09 7.38 -1.69
N PHE A 35 0.60 8.36 -0.94
CA PHE A 35 -0.81 8.73 -0.97
C PHE A 35 -0.99 10.16 -1.50
N PRO A 36 -2.19 10.51 -1.96
CA PRO A 36 -2.47 11.86 -2.47
C PRO A 36 -2.23 12.93 -1.41
N ALA A 37 -2.20 14.18 -1.84
CA ALA A 37 -1.98 15.30 -0.92
C ALA A 37 -3.30 15.89 -0.44
N ASN A 38 -4.33 15.78 -1.27
CA ASN A 38 -5.64 16.31 -0.93
C ASN A 38 -6.45 15.29 -0.12
N ALA A 39 -5.98 14.06 -0.12
CA ALA A 39 -6.65 12.98 0.59
C ALA A 39 -6.03 12.76 1.96
N GLU A 40 -6.64 11.89 2.76
CA GLU A 40 -6.15 11.59 4.09
C GLU A 40 -5.31 10.32 4.09
N LEU A 41 -4.43 10.19 5.08
CA LEU A 41 -3.56 9.01 5.18
C LEU A 41 -4.19 7.93 6.05
N PRO A 42 -4.61 6.81 5.44
CA PRO A 42 -5.23 5.69 6.15
C PRO A 42 -4.20 4.78 6.83
N GLN A 43 -4.69 3.91 7.71
CA GLN A 43 -3.82 2.98 8.42
C GLN A 43 -3.62 1.72 7.59
N VAL A 44 -2.39 1.21 7.57
CA VAL A 44 -2.08 0.00 6.81
C VAL A 44 -1.76 -1.17 7.73
N TYR A 45 -2.65 -2.16 7.75
CA TYR A 45 -2.48 -3.35 8.57
C TYR A 45 -1.74 -4.43 7.79
N MET A 46 -1.43 -5.54 8.46
CA MET A 46 -0.73 -6.65 7.85
C MET A 46 -1.23 -7.98 8.38
N ILE A 47 -1.41 -8.94 7.48
CA ILE A 47 -1.90 -10.26 7.86
C ILE A 47 -0.77 -11.13 8.40
N SER A 48 -0.95 -11.64 9.61
CA SER A 48 0.05 -12.50 10.24
C SER A 48 -0.60 -13.65 10.99
N ALA A 49 0.23 -14.54 11.54
CA ALA A 49 -0.26 -15.70 12.27
C ALA A 49 -1.07 -16.63 11.37
N SER A 50 -2.36 -16.33 11.22
CA SER A 50 -3.25 -17.13 10.39
C SER A 50 -4.31 -16.27 9.73
N GLY A 51 -4.47 -15.05 10.24
CA GLY A 51 -5.45 -14.13 9.70
C GLY A 51 -5.78 -13.00 10.65
N LYS A 52 -4.81 -12.61 11.46
CA LYS A 52 -5.01 -11.53 12.42
C LYS A 52 -4.39 -10.23 11.92
N GLU A 53 -5.24 -9.28 11.55
CA GLU A 53 -4.78 -7.99 11.05
C GLU A 53 -4.10 -7.18 12.15
N THR A 54 -2.78 -7.05 12.05
CA THR A 54 -2.01 -6.29 13.03
C THR A 54 -1.49 -5.01 12.41
N LEU A 55 -1.53 -3.92 13.17
CA LEU A 55 -1.04 -2.64 12.68
C LEU A 55 0.42 -2.40 13.06
N PRO A 56 1.33 -2.47 12.07
CA PRO A 56 2.76 -2.27 12.30
C PRO A 56 3.11 -0.80 12.50
N ASN A 57 4.30 -0.55 13.06
CA ASN A 57 4.75 0.81 13.30
C ASN A 57 4.97 1.56 11.99
N SER A 58 4.02 2.43 11.66
CA SER A 58 4.08 3.21 10.42
C SER A 58 4.70 4.58 10.68
N HIS A 59 5.23 5.19 9.62
CA HIS A 59 5.84 6.51 9.73
C HIS A 59 5.34 7.42 8.61
N VAL A 60 5.62 8.72 8.75
CA VAL A 60 5.20 9.69 7.75
C VAL A 60 6.38 10.48 7.19
N VAL A 61 6.48 10.55 5.88
CA VAL A 61 7.56 11.28 5.22
C VAL A 61 7.05 12.05 4.01
N GLY A 62 7.95 12.83 3.39
CA GLY A 62 7.58 13.61 2.23
C GLY A 62 7.44 15.08 2.55
N GLU A 63 7.55 15.92 1.53
CA GLU A 63 7.44 17.37 1.70
C GLU A 63 6.03 17.75 2.13
N ASN A 64 5.10 16.80 2.01
CA ASN A 64 3.71 17.03 2.39
C ASN A 64 3.21 15.93 3.32
N ARG A 65 4.16 15.22 3.95
CA ARG A 65 3.84 14.13 4.88
C ARG A 65 2.67 13.30 4.37
N ASN A 66 2.62 13.09 3.06
CA ASN A 66 1.55 12.30 2.44
C ASN A 66 2.00 10.86 2.22
N ILE A 67 3.17 10.52 2.72
CA ILE A 67 3.71 9.17 2.57
C ILE A 67 3.61 8.38 3.88
N ILE A 68 3.54 7.07 3.76
CA ILE A 68 3.46 6.20 4.93
C ILE A 68 4.48 5.06 4.84
N GLU A 69 5.57 5.18 5.58
CA GLU A 69 6.61 4.15 5.57
C GLU A 69 6.38 3.14 6.69
N VAL A 70 6.00 1.93 6.31
CA VAL A 70 5.75 0.87 7.27
C VAL A 70 7.03 0.08 7.54
N GLU A 71 7.23 -0.30 8.82
CA GLU A 71 8.42 -1.04 9.22
C GLU A 71 8.21 -2.55 9.10
N THR A 72 7.41 -2.98 8.14
CA THR A 72 7.13 -4.40 7.94
C THR A 72 6.89 -4.74 6.48
N VAL A 73 7.13 -6.00 6.13
CA VAL A 73 6.93 -6.48 4.77
C VAL A 73 6.14 -7.79 4.78
N ALA A 74 5.03 -7.82 4.05
CA ALA A 74 4.20 -9.02 3.99
C ALA A 74 3.68 -9.28 2.57
N LYS A 75 2.81 -10.28 2.44
CA LYS A 75 2.24 -10.64 1.15
C LYS A 75 0.83 -10.09 0.99
N GLU A 76 0.25 -9.62 2.11
CA GLU A 76 -1.10 -9.08 2.09
C GLU A 76 -1.20 -7.85 2.99
N TRP A 77 -1.65 -6.74 2.41
CA TRP A 77 -1.80 -5.49 3.14
C TRP A 77 -3.24 -5.03 3.14
N ARG A 78 -3.76 -4.71 4.32
CA ARG A 78 -5.14 -4.25 4.45
C ARG A 78 -5.19 -2.80 4.94
N ILE A 79 -5.47 -1.89 4.02
CA ILE A 79 -5.56 -0.47 4.36
C ILE A 79 -6.97 -0.09 4.79
N ARG A 80 -7.13 0.29 6.05
CA ARG A 80 -8.45 0.66 6.56
C ARG A 80 -8.43 2.06 7.18
N LEU A 81 -9.53 2.79 6.97
CA LEU A 81 -9.67 4.14 7.51
C LEU A 81 -11.12 4.60 7.44
N GLY A 82 -11.70 4.91 8.60
CA GLY A 82 -13.08 5.35 8.64
C GLY A 82 -14.05 4.23 8.27
N ASP A 83 -14.75 4.41 7.16
CA ASP A 83 -15.72 3.43 6.70
C ASP A 83 -15.34 2.89 5.32
N LYS A 84 -14.07 3.04 4.95
CA LYS A 84 -13.58 2.58 3.66
C LYS A 84 -12.33 1.73 3.81
N VAL A 85 -12.21 0.69 2.97
CA VAL A 85 -11.05 -0.19 3.01
C VAL A 85 -10.54 -0.47 1.60
N VAL A 86 -9.23 -0.63 1.48
CA VAL A 86 -8.62 -0.92 0.19
C VAL A 86 -7.74 -2.17 0.31
N GLY A 87 -7.87 -3.08 -0.65
CA GLY A 87 -7.10 -4.30 -0.62
C GLY A 87 -5.83 -4.24 -1.45
N VAL A 88 -4.70 -4.06 -0.77
CA VAL A 88 -3.41 -4.00 -1.43
C VAL A 88 -2.63 -5.28 -1.13
N ARG A 89 -2.34 -6.05 -2.17
CA ARG A 89 -1.61 -7.30 -2.01
C ARG A 89 -0.23 -7.25 -2.65
N ASN A 90 0.70 -8.02 -2.09
CA ASN A 90 2.07 -8.08 -2.60
C ASN A 90 2.28 -9.35 -3.42
N ASN A 91 2.74 -9.19 -4.67
CA ASN A 91 2.95 -10.33 -5.55
C ASN A 91 4.42 -10.50 -5.95
N ASN A 92 5.19 -11.13 -5.07
CA ASN A 92 6.63 -11.40 -5.30
C ASN A 92 7.31 -11.75 -3.99
N PHE A 93 7.04 -10.95 -2.97
CA PHE A 93 7.63 -11.16 -1.65
C PHE A 93 9.16 -11.17 -1.72
N ALA A 94 9.76 -10.03 -1.40
CA ALA A 94 11.22 -9.91 -1.41
C ALA A 94 11.71 -9.13 -0.20
N PRO A 95 11.78 -9.78 0.97
CA PRO A 95 12.24 -9.14 2.21
C PRO A 95 13.72 -8.80 2.16
N PRO B 1 -22.79 -0.13 5.38
CA PRO B 1 -22.25 -1.40 4.85
C PRO B 1 -20.74 -1.32 4.65
N PRO B 2 -20.04 -2.46 4.72
CA PRO B 2 -18.58 -2.51 4.54
C PRO B 2 -18.16 -2.28 3.09
N PRO B 3 -16.92 -1.83 2.87
CA PRO B 3 -16.40 -1.57 1.52
C PRO B 3 -15.99 -2.85 0.82
N GLU B 4 -15.08 -3.60 1.44
CA GLU B 4 -14.59 -4.86 0.87
C GLU B 4 -13.89 -4.61 -0.47
N PRO B 5 -12.60 -4.98 -0.59
CA PRO B 5 -11.84 -4.78 -1.81
C PRO B 5 -12.22 -5.78 -2.91
N ASP B 6 -13.22 -5.44 -3.70
CA ASP B 6 -13.67 -6.31 -4.78
C ASP B 6 -12.52 -6.60 -5.74
N TRP B 7 -11.82 -7.70 -5.49
CA TRP B 7 -10.69 -8.10 -6.32
C TRP B 7 -11.14 -8.45 -7.73
N SER B 8 -12.44 -8.35 -7.99
CA SER B 8 -12.99 -8.66 -9.30
C SER B 8 -12.19 -7.97 -10.40
N ASN B 9 -11.54 -6.86 -10.04
CA ASN B 9 -10.72 -6.10 -10.95
C ASN B 9 -9.45 -5.62 -10.27
N THR B 10 -8.38 -6.40 -10.39
CA THR B 10 -7.10 -6.06 -9.77
C THR B 10 -6.39 -4.94 -10.53
N VAL B 11 -6.13 -3.85 -9.84
CA VAL B 11 -5.44 -2.71 -10.43
C VAL B 11 -4.16 -2.41 -9.67
N PRO B 12 -2.99 -2.64 -10.30
CA PRO B 12 -1.68 -2.41 -9.66
C PRO B 12 -1.55 -1.02 -9.06
N VAL B 13 -0.47 -0.83 -8.30
CA VAL B 13 -0.20 0.43 -7.64
C VAL B 13 1.01 1.10 -8.28
N ASN B 14 1.61 0.43 -9.25
CA ASN B 14 2.78 0.96 -9.95
C ASN B 14 2.42 1.40 -11.36
N LYS B 15 2.17 2.69 -11.53
CA LYS B 15 1.82 3.25 -12.83
C LYS B 15 3.03 3.89 -13.50
N THR B 16 3.90 4.49 -12.69
CA THR B 16 5.10 5.14 -13.20
C THR B 16 6.34 4.64 -12.47
N ILE B 17 7.04 3.69 -13.08
CA ILE B 17 8.25 3.14 -12.50
C ILE B 17 9.34 4.20 -12.34
N PRO B 18 9.94 4.31 -11.16
CA PRO B 18 10.99 5.30 -10.90
C PRO B 18 12.36 4.84 -11.41
N VAL B 19 12.73 5.34 -12.58
CA VAL B 19 14.01 4.99 -13.18
C VAL B 19 15.09 5.99 -12.79
N ASP B 20 14.68 7.23 -12.58
CA ASP B 20 15.62 8.30 -12.20
C ASP B 20 16.68 8.48 -13.28
N THR B 21 16.48 9.48 -14.14
CA THR B 21 17.43 9.78 -15.21
C THR B 21 18.41 10.87 -14.79
N GLN B 22 18.19 11.44 -13.62
CA GLN B 22 19.05 12.49 -13.10
C GLN B 22 19.14 13.66 -14.07
N ALA A 1 23.87 -1.46 -6.00
CA ALA A 1 24.31 -2.06 -7.29
C ALA A 1 23.12 -2.57 -8.10
N GLY A 2 21.94 -2.50 -7.49
CA GLY A 2 20.74 -2.95 -8.17
C GLY A 2 19.47 -2.44 -7.51
N ALA A 3 18.33 -2.94 -7.97
CA ALA A 3 17.05 -2.53 -7.42
C ALA A 3 16.10 -3.72 -7.26
N LYS A 4 14.87 -3.45 -6.82
CA LYS A 4 13.88 -4.51 -6.64
C LYS A 4 12.56 -4.13 -7.29
N ASN A 5 11.75 -5.14 -7.59
CA ASN A 5 10.46 -4.92 -8.22
C ASN A 5 9.34 -4.87 -7.18
N TYR A 6 8.72 -3.71 -7.04
CA TYR A 6 7.64 -3.54 -6.08
C TYR A 6 6.34 -4.07 -6.67
N GLN A 7 6.02 -5.32 -6.37
CA GLN A 7 4.79 -5.93 -6.87
C GLN A 7 3.62 -5.64 -5.94
N TYR A 8 2.78 -4.70 -6.34
CA TYR A 8 1.62 -4.32 -5.54
C TYR A 8 0.38 -4.14 -6.41
N VAL A 9 -0.71 -4.79 -6.00
CA VAL A 9 -1.97 -4.70 -6.72
C VAL A 9 -3.10 -4.34 -5.77
N MET A 10 -3.88 -3.33 -6.12
CA MET A 10 -4.99 -2.88 -5.28
C MET A 10 -6.32 -3.03 -6.01
N SER A 11 -7.33 -3.48 -5.26
CA SER A 11 -8.67 -3.68 -5.81
C SER A 11 -9.17 -2.42 -6.50
N GLU A 12 -9.65 -2.57 -7.73
CA GLU A 12 -10.15 -1.44 -8.49
C GLU A 12 -11.62 -1.17 -8.16
N GLN A 13 -11.85 -0.14 -7.33
CA GLN A 13 -13.21 0.22 -6.93
C GLN A 13 -13.33 1.74 -6.78
N PRO A 14 -14.28 2.36 -7.50
CA PRO A 14 -14.49 3.81 -7.44
C PRO A 14 -15.10 4.26 -6.11
N GLU A 15 -15.54 3.29 -5.31
CA GLU A 15 -16.14 3.59 -4.01
C GLU A 15 -15.06 3.80 -2.95
N MET A 16 -13.87 3.26 -3.19
CA MET A 16 -12.77 3.38 -2.25
C MET A 16 -11.60 4.15 -2.86
N ARG A 17 -11.87 4.82 -3.98
CA ARG A 17 -10.83 5.58 -4.66
C ARG A 17 -10.37 6.77 -3.81
N SER A 18 -11.26 7.23 -2.94
CA SER A 18 -10.95 8.36 -2.06
C SER A 18 -9.65 8.12 -1.29
N ILE A 19 -9.56 6.98 -0.62
CA ILE A 19 -8.38 6.63 0.16
C ILE A 19 -7.44 5.74 -0.65
N GLN A 20 -7.73 5.58 -1.94
CA GLN A 20 -6.90 4.74 -2.80
C GLN A 20 -5.47 5.28 -2.86
N PRO A 21 -4.47 4.43 -2.55
CA PRO A 21 -3.06 4.83 -2.57
C PRO A 21 -2.56 5.10 -3.99
N VAL A 22 -1.91 6.26 -4.17
CA VAL A 22 -1.38 6.63 -5.47
C VAL A 22 -0.41 5.57 -5.97
N HIS A 23 0.76 5.49 -5.32
CA HIS A 23 1.77 4.51 -5.69
C HIS A 23 2.46 3.98 -4.44
N VAL A 24 2.94 2.74 -4.49
CA VAL A 24 3.61 2.13 -3.35
C VAL A 24 4.80 1.28 -3.78
N TRP A 25 5.82 1.23 -2.93
CA TRP A 25 7.01 0.45 -3.20
C TRP A 25 7.61 -0.07 -1.89
N ASP A 26 8.41 -1.14 -1.99
CA ASP A 26 9.03 -1.73 -0.80
C ASP A 26 10.53 -1.91 -0.98
N ASN A 27 11.20 -2.30 0.10
CA ASN A 27 12.63 -2.53 0.07
C ASN A 27 12.99 -3.76 0.89
N TYR A 28 14.29 -4.05 0.99
CA TYR A 28 14.76 -5.20 1.75
C TYR A 28 14.57 -5.00 3.25
N ARG A 29 14.52 -3.74 3.67
CA ARG A 29 14.37 -3.41 5.09
C ARG A 29 13.00 -2.80 5.40
N PHE A 30 12.78 -1.59 4.92
CA PHE A 30 11.53 -0.88 5.16
C PHE A 30 10.69 -0.76 3.89
N THR A 31 9.44 -0.32 4.06
CA THR A 31 8.52 -0.15 2.93
C THR A 31 7.82 1.20 3.03
N ARG A 32 7.74 1.90 1.90
CA ARG A 32 7.09 3.22 1.88
C ARG A 32 5.80 3.19 1.05
N PHE A 33 4.85 4.04 1.44
CA PHE A 33 3.57 4.15 0.75
C PHE A 33 3.29 5.60 0.39
N GLU A 34 3.04 5.87 -0.89
CA GLU A 34 2.77 7.23 -1.34
C GLU A 34 1.27 7.47 -1.50
N PHE A 35 0.74 8.40 -0.69
CA PHE A 35 -0.67 8.75 -0.72
C PHE A 35 -0.86 10.19 -1.19
N PRO A 36 -2.08 10.54 -1.65
CA PRO A 36 -2.38 11.90 -2.11
C PRO A 36 -2.13 12.95 -1.04
N ALA A 37 -2.23 14.22 -1.42
CA ALA A 37 -2.01 15.31 -0.49
C ALA A 37 -3.33 15.91 -0.02
N ASN A 38 -4.36 15.76 -0.82
CA ASN A 38 -5.68 16.29 -0.49
C ASN A 38 -6.47 15.29 0.34
N ALA A 39 -6.00 14.06 0.37
CA ALA A 39 -6.65 13.00 1.13
C ALA A 39 -5.92 12.73 2.44
N GLU A 40 -6.65 12.19 3.41
CA GLU A 40 -6.08 11.88 4.71
C GLU A 40 -5.28 10.58 4.66
N LEU A 41 -4.26 10.48 5.51
CA LEU A 41 -3.41 9.30 5.55
C LEU A 41 -4.06 8.20 6.39
N PRO A 42 -4.33 7.03 5.77
CA PRO A 42 -4.94 5.89 6.45
C PRO A 42 -3.94 5.05 7.23
N GLN A 43 -4.40 3.91 7.73
CA GLN A 43 -3.56 2.99 8.50
C GLN A 43 -3.45 1.65 7.79
N VAL A 44 -2.27 1.36 7.26
CA VAL A 44 -2.03 0.12 6.54
C VAL A 44 -1.79 -1.05 7.50
N TYR A 45 -2.62 -2.08 7.40
CA TYR A 45 -2.50 -3.26 8.24
C TYR A 45 -1.78 -4.37 7.51
N MET A 46 -1.56 -5.48 8.19
CA MET A 46 -0.88 -6.64 7.62
C MET A 46 -1.47 -7.93 8.17
N ILE A 47 -1.65 -8.91 7.30
CA ILE A 47 -2.22 -10.19 7.70
C ILE A 47 -1.15 -11.09 8.33
N SER A 48 -1.17 -11.17 9.65
CA SER A 48 -0.20 -11.99 10.38
C SER A 48 -0.33 -13.46 9.99
N ALA A 49 0.60 -14.27 10.47
CA ALA A 49 0.61 -15.69 10.17
C ALA A 49 -0.59 -16.39 10.80
N SER A 50 -1.24 -15.71 11.74
CA SER A 50 -2.41 -16.26 12.42
C SER A 50 -3.64 -16.20 11.52
N GLY A 51 -4.04 -14.98 11.17
CA GLY A 51 -5.21 -14.80 10.32
C GLY A 51 -6.04 -13.61 10.73
N LYS A 52 -5.39 -12.57 11.26
CA LYS A 52 -6.08 -11.36 11.69
C LYS A 52 -5.30 -10.12 11.28
N GLU A 53 -6.02 -9.05 10.95
CA GLU A 53 -5.40 -7.80 10.54
C GLU A 53 -4.68 -7.14 11.71
N THR A 54 -3.36 -6.99 11.56
CA THR A 54 -2.54 -6.36 12.59
C THR A 54 -1.89 -5.08 12.05
N LEU A 55 -1.87 -4.03 12.86
CA LEU A 55 -1.29 -2.78 12.43
C LEU A 55 0.19 -2.68 12.84
N PRO A 56 1.10 -2.79 11.87
CA PRO A 56 2.54 -2.71 12.12
C PRO A 56 3.03 -1.28 12.34
N ASN A 57 4.21 -1.15 12.91
CA ASN A 57 4.80 0.16 13.17
C ASN A 57 4.95 0.96 11.88
N SER A 58 4.69 2.25 11.94
CA SER A 58 4.79 3.10 10.76
C SER A 58 5.41 4.45 11.11
N HIS A 59 5.79 5.19 10.07
CA HIS A 59 6.39 6.51 10.26
C HIS A 59 6.06 7.41 9.07
N VAL A 60 5.49 8.57 9.35
CA VAL A 60 5.11 9.52 8.30
C VAL A 60 6.35 10.16 7.68
N VAL A 61 6.34 10.26 6.35
CA VAL A 61 7.45 10.86 5.63
C VAL A 61 6.96 11.72 4.46
N GLY A 62 7.88 12.43 3.83
CA GLY A 62 7.54 13.29 2.71
C GLY A 62 7.53 14.75 3.09
N GLU A 63 7.88 15.61 2.13
CA GLU A 63 7.91 17.05 2.37
C GLU A 63 6.53 17.58 2.74
N ASN A 64 5.50 17.04 2.09
CA ASN A 64 4.13 17.45 2.36
C ASN A 64 3.47 16.51 3.35
N ARG A 65 4.26 15.59 3.90
CA ARG A 65 3.75 14.60 4.85
C ARG A 65 2.55 13.86 4.27
N ASN A 66 2.82 12.96 3.34
CA ASN A 66 1.77 12.19 2.69
C ASN A 66 2.22 10.75 2.45
N ILE A 67 3.41 10.41 2.97
CA ILE A 67 3.94 9.06 2.80
C ILE A 67 3.86 8.29 4.12
N ILE A 68 3.69 6.97 4.02
CA ILE A 68 3.61 6.12 5.19
C ILE A 68 4.61 4.98 5.09
N GLU A 69 5.71 5.09 5.83
CA GLU A 69 6.76 4.07 5.82
C GLU A 69 6.56 3.07 6.96
N VAL A 70 6.18 1.85 6.61
CA VAL A 70 5.96 0.80 7.61
C VAL A 70 7.23 -0.01 7.83
N GLU A 71 7.58 -0.23 9.08
CA GLU A 71 8.78 -0.98 9.44
C GLU A 71 8.53 -2.49 9.33
N THR A 72 7.75 -2.90 8.35
CA THR A 72 7.44 -4.31 8.16
C THR A 72 7.10 -4.62 6.70
N VAL A 73 7.34 -5.87 6.30
CA VAL A 73 7.05 -6.29 4.94
C VAL A 73 6.23 -7.57 4.95
N ALA A 74 5.09 -7.55 4.26
CA ALA A 74 4.20 -8.71 4.20
C ALA A 74 3.73 -8.98 2.77
N LYS A 75 2.82 -9.93 2.63
CA LYS A 75 2.28 -10.28 1.32
C LYS A 75 0.86 -9.74 1.14
N GLU A 76 0.27 -9.27 2.24
CA GLU A 76 -1.08 -8.72 2.19
C GLU A 76 -1.21 -7.50 3.09
N TRP A 77 -1.63 -6.39 2.50
CA TRP A 77 -1.81 -5.14 3.23
C TRP A 77 -3.26 -4.69 3.19
N ARG A 78 -3.76 -4.17 4.32
CA ARG A 78 -5.14 -3.72 4.39
C ARG A 78 -5.21 -2.25 4.81
N ILE A 79 -5.48 -1.38 3.85
CA ILE A 79 -5.57 0.05 4.13
C ILE A 79 -6.96 0.39 4.65
N ARG A 80 -7.04 0.83 5.90
CA ARG A 80 -8.31 1.17 6.52
C ARG A 80 -8.33 2.61 7.00
N LEU A 81 -9.44 3.30 6.74
CA LEU A 81 -9.61 4.68 7.14
C LEU A 81 -11.07 5.10 6.98
N GLY A 82 -11.66 5.60 8.05
CA GLY A 82 -13.05 6.02 8.00
C GLY A 82 -13.99 4.85 7.79
N ASP A 83 -14.70 4.85 6.66
CA ASP A 83 -15.64 3.78 6.35
C ASP A 83 -15.26 3.08 5.05
N LYS A 84 -14.01 3.28 4.61
CA LYS A 84 -13.54 2.67 3.37
C LYS A 84 -12.29 1.82 3.59
N VAL A 85 -12.09 0.83 2.72
CA VAL A 85 -10.93 -0.04 2.79
C VAL A 85 -10.40 -0.35 1.41
N VAL A 86 -9.10 -0.51 1.28
CA VAL A 86 -8.49 -0.83 0.00
C VAL A 86 -7.58 -2.05 0.13
N GLY A 87 -7.96 -3.12 -0.55
CA GLY A 87 -7.18 -4.35 -0.49
C GLY A 87 -5.96 -4.31 -1.40
N VAL A 88 -4.78 -4.28 -0.79
CA VAL A 88 -3.53 -4.26 -1.54
C VAL A 88 -2.71 -5.51 -1.24
N ARG A 89 -2.49 -6.34 -2.26
CA ARG A 89 -1.73 -7.57 -2.08
C ARG A 89 -0.40 -7.49 -2.80
N ASN A 90 0.67 -7.88 -2.10
CA ASN A 90 2.01 -7.86 -2.66
C ASN A 90 2.42 -9.24 -3.15
N ASN A 91 2.86 -9.32 -4.40
CA ASN A 91 3.28 -10.59 -4.98
C ASN A 91 4.76 -10.57 -5.35
N ASN A 92 5.62 -10.79 -4.36
CA ASN A 92 7.05 -10.79 -4.56
C ASN A 92 7.79 -11.09 -3.27
N PHE A 93 7.59 -10.23 -2.28
CA PHE A 93 8.21 -10.39 -0.98
C PHE A 93 9.74 -10.42 -1.11
N ALA A 94 10.36 -9.27 -0.92
CA ALA A 94 11.82 -9.16 -1.01
C ALA A 94 12.42 -8.73 0.32
N PRO A 95 12.62 -9.69 1.25
CA PRO A 95 13.20 -9.41 2.57
C PRO A 95 14.62 -8.87 2.46
N PRO B 1 -23.15 -0.40 1.48
CA PRO B 1 -22.65 0.57 2.48
C PRO B 1 -21.15 0.37 2.78
N PRO B 2 -20.71 -0.87 3.13
CA PRO B 2 -19.31 -1.13 3.43
C PRO B 2 -18.44 -1.19 2.17
N PRO B 3 -17.14 -0.92 2.31
CA PRO B 3 -16.20 -0.94 1.17
C PRO B 3 -15.88 -2.36 0.72
N GLU B 4 -14.96 -3.02 1.43
CA GLU B 4 -14.56 -4.38 1.11
C GLU B 4 -13.92 -4.44 -0.29
N PRO B 5 -12.67 -4.90 -0.40
CA PRO B 5 -11.98 -4.98 -1.68
C PRO B 5 -12.40 -6.23 -2.45
N ASP B 6 -13.24 -6.04 -3.44
CA ASP B 6 -13.73 -7.16 -4.25
C ASP B 6 -12.70 -7.57 -5.30
N TRP B 7 -11.61 -6.79 -5.39
CA TRP B 7 -10.56 -7.07 -6.36
C TRP B 7 -11.15 -7.18 -7.76
N SER B 8 -12.31 -6.55 -7.94
CA SER B 8 -13.01 -6.56 -9.22
C SER B 8 -12.05 -6.58 -10.40
N ASN B 9 -11.32 -5.49 -10.61
CA ASN B 9 -10.37 -5.41 -11.71
C ASN B 9 -8.94 -5.46 -11.22
N THR B 10 -8.77 -5.22 -9.92
CA THR B 10 -7.45 -5.23 -9.28
C THR B 10 -6.42 -4.51 -10.14
N VAL B 11 -6.18 -3.24 -9.84
CA VAL B 11 -5.22 -2.43 -10.58
C VAL B 11 -3.97 -2.16 -9.75
N PRO B 12 -2.78 -2.45 -10.31
CA PRO B 12 -1.51 -2.25 -9.62
C PRO B 12 -1.36 -0.87 -8.99
N VAL B 13 -0.32 -0.71 -8.20
CA VAL B 13 -0.04 0.54 -7.52
C VAL B 13 1.29 1.13 -8.00
N ASN B 14 1.83 0.55 -9.07
CA ASN B 14 3.08 1.02 -9.63
C ASN B 14 2.85 1.99 -10.79
N LYS B 15 2.41 1.45 -11.93
CA LYS B 15 2.15 2.26 -13.12
C LYS B 15 3.43 2.95 -13.59
N THR B 16 3.75 4.08 -12.98
CA THR B 16 4.95 4.83 -13.33
C THR B 16 6.07 4.60 -12.32
N ILE B 17 7.04 3.78 -12.69
CA ILE B 17 8.16 3.48 -11.80
C ILE B 17 9.12 4.67 -11.71
N PRO B 18 9.44 5.12 -10.47
CA PRO B 18 10.34 6.24 -10.25
C PRO B 18 11.66 6.08 -10.98
N VAL B 19 11.80 6.80 -12.09
CA VAL B 19 13.01 6.73 -12.90
C VAL B 19 14.16 7.48 -12.21
N ASP B 20 13.82 8.54 -11.48
CA ASP B 20 14.82 9.33 -10.77
C ASP B 20 15.81 9.95 -11.74
N THR B 21 15.66 11.25 -11.98
CA THR B 21 16.55 11.97 -12.89
C THR B 21 18.01 11.88 -12.43
N GLN B 22 18.25 12.26 -11.18
CA GLN B 22 19.59 12.23 -10.61
C GLN B 22 19.79 10.99 -9.75
N ALA A 1 24.04 -4.88 -2.11
CA ALA A 1 22.71 -4.56 -2.68
C ALA A 1 22.67 -4.84 -4.18
N GLY A 2 21.47 -4.77 -4.76
CA GLY A 2 21.32 -5.02 -6.19
C GLY A 2 20.06 -4.39 -6.75
N ALA A 3 19.38 -5.13 -7.62
CA ALA A 3 18.15 -4.65 -8.23
C ALA A 3 16.93 -5.07 -7.42
N LYS A 4 15.93 -4.19 -7.38
CA LYS A 4 14.70 -4.47 -6.64
C LYS A 4 13.47 -4.22 -7.50
N ASN A 5 12.41 -4.97 -7.24
CA ASN A 5 11.17 -4.83 -8.00
C ASN A 5 9.96 -4.78 -7.06
N TYR A 6 9.31 -3.62 -7.02
CA TYR A 6 8.14 -3.44 -6.18
C TYR A 6 6.87 -3.81 -6.94
N GLN A 7 6.42 -5.04 -6.77
CA GLN A 7 5.22 -5.52 -7.44
C GLN A 7 4.02 -5.40 -6.50
N TYR A 8 3.09 -4.52 -6.84
CA TYR A 8 1.90 -4.31 -6.03
C TYR A 8 0.64 -4.21 -6.87
N VAL A 9 -0.50 -4.53 -6.26
CA VAL A 9 -1.79 -4.48 -6.92
C VAL A 9 -2.89 -4.12 -5.93
N MET A 10 -3.64 -3.07 -6.23
CA MET A 10 -4.72 -2.63 -5.35
C MET A 10 -6.09 -2.99 -5.95
N SER A 11 -7.10 -3.04 -5.08
CA SER A 11 -8.45 -3.37 -5.52
C SER A 11 -9.09 -2.18 -6.24
N GLU A 12 -9.45 -2.38 -7.50
CA GLU A 12 -10.05 -1.32 -8.29
C GLU A 12 -11.53 -1.14 -7.95
N GLN A 13 -11.81 -0.14 -7.12
CA GLN A 13 -13.18 0.15 -6.71
C GLN A 13 -13.41 1.67 -6.59
N PRO A 14 -14.24 2.25 -7.47
CA PRO A 14 -14.52 3.69 -7.45
C PRO A 14 -15.13 4.16 -6.14
N GLU A 15 -15.53 3.21 -5.31
CA GLU A 15 -16.14 3.52 -4.02
C GLU A 15 -15.08 3.80 -2.96
N MET A 16 -13.88 3.25 -3.17
CA MET A 16 -12.78 3.43 -2.23
C MET A 16 -11.64 4.23 -2.86
N ARG A 17 -11.93 4.88 -3.98
CA ARG A 17 -10.94 5.68 -4.68
C ARG A 17 -10.48 6.87 -3.83
N SER A 18 -11.35 7.30 -2.92
CA SER A 18 -11.05 8.43 -2.04
C SER A 18 -9.72 8.22 -1.31
N ILE A 19 -9.56 7.05 -0.71
CA ILE A 19 -8.33 6.73 0.02
C ILE A 19 -7.39 5.87 -0.81
N GLN A 20 -7.66 5.78 -2.10
CA GLN A 20 -6.83 4.98 -3.01
C GLN A 20 -5.37 5.42 -2.94
N PRO A 21 -4.44 4.47 -2.75
CA PRO A 21 -3.01 4.78 -2.66
C PRO A 21 -2.39 5.04 -4.02
N VAL A 22 -1.64 6.12 -4.14
CA VAL A 22 -0.98 6.47 -5.40
C VAL A 22 -0.09 5.33 -5.87
N HIS A 23 1.06 5.18 -5.22
CA HIS A 23 2.00 4.11 -5.57
C HIS A 23 2.56 3.49 -4.29
N VAL A 24 3.14 2.29 -4.43
CA VAL A 24 3.72 1.59 -3.29
C VAL A 24 4.97 0.81 -3.70
N TRP A 25 6.03 0.94 -2.89
CA TRP A 25 7.28 0.25 -3.15
C TRP A 25 7.92 -0.22 -1.85
N ASP A 26 8.59 -1.37 -1.90
CA ASP A 26 9.24 -1.92 -0.71
C ASP A 26 10.62 -2.46 -1.05
N ASN A 27 11.36 -2.86 -0.01
CA ASN A 27 12.69 -3.40 -0.17
C ASN A 27 13.04 -4.35 0.98
N TYR A 28 14.29 -4.77 1.04
CA TYR A 28 14.74 -5.69 2.09
C TYR A 28 14.81 -5.00 3.44
N ARG A 29 14.95 -3.67 3.44
CA ARG A 29 15.04 -2.91 4.68
C ARG A 29 13.66 -2.55 5.23
N PHE A 30 12.96 -1.66 4.54
CA PHE A 30 11.63 -1.24 4.98
C PHE A 30 10.70 -1.00 3.79
N THR A 31 9.43 -0.81 4.08
CA THR A 31 8.42 -0.56 3.05
C THR A 31 7.91 0.88 3.12
N ARG A 32 7.47 1.42 1.98
CA ARG A 32 6.97 2.78 1.94
C ARG A 32 5.72 2.88 1.06
N PHE A 33 4.83 3.81 1.44
CA PHE A 33 3.59 4.04 0.69
C PHE A 33 3.45 5.50 0.32
N GLU A 34 3.09 5.78 -0.93
CA GLU A 34 2.93 7.15 -1.39
C GLU A 34 1.46 7.51 -1.58
N PHE A 35 1.00 8.51 -0.84
CA PHE A 35 -0.39 8.96 -0.93
C PHE A 35 -0.46 10.41 -1.38
N PRO A 36 -1.64 10.86 -1.89
CA PRO A 36 -1.82 12.24 -2.34
C PRO A 36 -1.62 13.25 -1.21
N ALA A 37 -1.53 14.53 -1.56
CA ALA A 37 -1.34 15.58 -0.57
C ALA A 37 -2.65 15.98 0.08
N ASN A 38 -3.74 15.78 -0.64
CA ASN A 38 -5.07 16.13 -0.13
C ASN A 38 -5.66 14.97 0.68
N ALA A 39 -5.05 13.81 0.53
CA ALA A 39 -5.50 12.61 1.23
C ALA A 39 -5.31 12.74 2.73
N GLU A 40 -6.08 11.97 3.49
CA GLU A 40 -5.99 12.00 4.94
C GLU A 40 -5.01 10.95 5.45
N LEU A 41 -4.45 10.18 4.51
CA LEU A 41 -3.50 9.13 4.84
C LEU A 41 -4.12 8.05 5.73
N PRO A 42 -4.56 6.93 5.13
CA PRO A 42 -5.18 5.83 5.85
C PRO A 42 -4.16 4.90 6.49
N GLN A 43 -4.60 4.15 7.49
CA GLN A 43 -3.72 3.21 8.18
C GLN A 43 -3.54 1.94 7.35
N VAL A 44 -2.32 1.41 7.33
CA VAL A 44 -2.03 0.20 6.56
C VAL A 44 -1.74 -0.98 7.49
N TYR A 45 -2.66 -1.93 7.51
CA TYR A 45 -2.52 -3.13 8.35
C TYR A 45 -1.81 -4.24 7.58
N MET A 46 -1.57 -5.35 8.27
CA MET A 46 -0.92 -6.51 7.68
C MET A 46 -1.51 -7.79 8.24
N ILE A 47 -1.67 -8.80 7.39
CA ILE A 47 -2.23 -10.07 7.81
C ILE A 47 -1.19 -10.93 8.50
N SER A 48 -1.31 -11.04 9.82
CA SER A 48 -0.38 -11.84 10.62
C SER A 48 -0.56 -13.33 10.32
N ALA A 49 0.27 -14.16 10.94
CA ALA A 49 0.22 -15.61 10.74
C ALA A 49 -0.87 -16.23 11.61
N SER A 50 -1.62 -15.39 12.32
CA SER A 50 -2.68 -15.87 13.19
C SER A 50 -4.04 -15.85 12.47
N GLY A 51 -4.13 -15.01 11.43
CA GLY A 51 -5.36 -14.90 10.68
C GLY A 51 -6.13 -13.64 11.01
N LYS A 52 -5.48 -12.71 11.70
CA LYS A 52 -6.11 -11.45 12.07
C LYS A 52 -5.24 -10.27 11.65
N GLU A 53 -5.88 -9.16 11.30
CA GLU A 53 -5.17 -7.96 10.88
C GLU A 53 -4.39 -7.34 12.04
N THR A 54 -3.22 -6.79 11.73
CA THR A 54 -2.39 -6.15 12.73
C THR A 54 -1.74 -4.89 12.14
N LEU A 55 -1.67 -3.84 12.95
CA LEU A 55 -1.09 -2.59 12.48
C LEU A 55 0.39 -2.50 12.84
N PRO A 56 1.28 -2.62 11.83
CA PRO A 56 2.73 -2.55 12.03
C PRO A 56 3.22 -1.13 12.24
N ASN A 57 4.44 -0.99 12.76
CA ASN A 57 5.03 0.32 13.01
C ASN A 57 4.95 1.20 11.76
N SER A 58 4.12 2.24 11.83
CA SER A 58 3.95 3.15 10.70
C SER A 58 4.56 4.51 10.99
N HIS A 59 4.83 5.26 9.93
CA HIS A 59 5.41 6.59 10.05
C HIS A 59 4.97 7.48 8.89
N VAL A 60 5.21 8.78 9.03
CA VAL A 60 4.83 9.73 7.99
C VAL A 60 6.01 10.61 7.58
N VAL A 61 6.18 10.79 6.26
CA VAL A 61 7.26 11.61 5.73
C VAL A 61 6.80 12.40 4.50
N GLY A 62 7.70 13.20 3.96
CA GLY A 62 7.38 13.99 2.79
C GLY A 62 6.65 15.28 3.14
N GLU A 63 6.73 16.27 2.25
CA GLU A 63 6.08 17.55 2.47
C GLU A 63 4.58 17.37 2.68
N ASN A 64 4.00 18.15 3.58
CA ASN A 64 2.57 18.09 3.88
C ASN A 64 2.20 16.73 4.46
N ARG A 65 3.21 15.91 4.75
CA ARG A 65 2.99 14.58 5.30
C ARG A 65 1.97 13.82 4.45
N ASN A 66 2.45 13.26 3.34
CA ASN A 66 1.57 12.51 2.44
C ASN A 66 2.11 11.11 2.19
N ILE A 67 3.17 10.74 2.91
CA ILE A 67 3.77 9.42 2.75
C ILE A 67 3.62 8.59 4.03
N ILE A 68 3.48 7.28 3.87
CA ILE A 68 3.34 6.38 5.00
C ILE A 68 4.31 5.21 4.88
N GLU A 69 5.39 5.27 5.65
CA GLU A 69 6.39 4.21 5.63
C GLU A 69 6.16 3.20 6.76
N VAL A 70 6.23 1.93 6.43
CA VAL A 70 6.03 0.87 7.41
C VAL A 70 7.29 0.03 7.56
N GLU A 71 7.73 -0.13 8.81
CA GLU A 71 8.93 -0.92 9.09
C GLU A 71 8.62 -2.41 9.15
N THR A 72 7.82 -2.88 8.20
CA THR A 72 7.45 -4.29 8.15
C THR A 72 7.10 -4.71 6.72
N VAL A 73 7.46 -5.94 6.37
CA VAL A 73 7.18 -6.47 5.04
C VAL A 73 6.19 -7.63 5.11
N ALA A 74 5.10 -7.52 4.36
CA ALA A 74 4.08 -8.56 4.34
C ALA A 74 3.63 -8.88 2.91
N LYS A 75 2.83 -9.93 2.78
CA LYS A 75 2.34 -10.34 1.47
C LYS A 75 0.95 -9.76 1.21
N GLU A 76 0.23 -9.46 2.29
CA GLU A 76 -1.11 -8.89 2.19
C GLU A 76 -1.23 -7.63 3.03
N TRP A 77 -1.61 -6.53 2.38
CA TRP A 77 -1.76 -5.25 3.07
C TRP A 77 -3.21 -4.77 3.01
N ARG A 78 -3.79 -4.56 4.18
CA ARG A 78 -5.18 -4.10 4.27
C ARG A 78 -5.22 -2.65 4.76
N ILE A 79 -5.51 -1.73 3.85
CA ILE A 79 -5.57 -0.31 4.20
C ILE A 79 -6.96 0.07 4.70
N ARG A 80 -7.04 0.46 5.97
CA ARG A 80 -8.30 0.85 6.57
C ARG A 80 -8.26 2.26 7.13
N LEU A 81 -9.36 2.99 6.95
CA LEU A 81 -9.47 4.36 7.44
C LEU A 81 -10.93 4.82 7.40
N GLY A 82 -11.45 5.21 8.55
CA GLY A 82 -12.84 5.66 8.62
C GLY A 82 -13.80 4.56 8.24
N ASP A 83 -14.49 4.74 7.12
CA ASP A 83 -15.46 3.76 6.65
C ASP A 83 -15.07 3.21 5.27
N LYS A 84 -13.80 3.41 4.89
CA LYS A 84 -13.32 2.93 3.60
C LYS A 84 -12.14 1.97 3.77
N VAL A 85 -12.01 1.04 2.83
CA VAL A 85 -10.92 0.06 2.86
C VAL A 85 -10.40 -0.22 1.45
N VAL A 86 -9.11 -0.49 1.34
CA VAL A 86 -8.50 -0.78 0.05
C VAL A 86 -7.68 -2.06 0.14
N GLY A 87 -8.02 -3.04 -0.70
CA GLY A 87 -7.31 -4.30 -0.69
C GLY A 87 -6.07 -4.30 -1.56
N VAL A 88 -4.90 -4.36 -0.93
CA VAL A 88 -3.63 -4.36 -1.65
C VAL A 88 -2.83 -5.60 -1.29
N ARG A 89 -2.57 -6.46 -2.27
CA ARG A 89 -1.80 -7.67 -2.03
C ARG A 89 -0.41 -7.57 -2.63
N ASN A 90 0.60 -7.54 -1.78
CA ASN A 90 1.99 -7.44 -2.23
C ASN A 90 2.41 -8.68 -3.01
N ASN A 91 3.06 -8.47 -4.14
CA ASN A 91 3.54 -9.55 -4.98
C ASN A 91 5.06 -9.52 -5.05
N ASN A 92 5.63 -10.55 -5.64
CA ASN A 92 7.07 -10.65 -5.78
C ASN A 92 7.73 -10.62 -4.40
N PHE A 93 6.93 -10.90 -3.37
CA PHE A 93 7.40 -10.92 -2.00
C PHE A 93 8.62 -11.82 -1.83
N ALA A 94 9.80 -11.22 -1.84
CA ALA A 94 11.04 -11.97 -1.68
C ALA A 94 11.50 -12.00 -0.22
N PRO A 95 11.56 -10.83 0.46
CA PRO A 95 11.99 -10.76 1.86
C PRO A 95 10.91 -11.24 2.82
N PRO B 1 -23.20 -0.06 0.79
CA PRO B 1 -22.76 1.01 1.73
C PRO B 1 -21.28 0.87 2.12
N PRO B 2 -20.84 -0.31 2.63
CA PRO B 2 -19.45 -0.51 3.02
C PRO B 2 -18.53 -0.66 1.81
N PRO B 3 -17.22 -0.42 1.99
CA PRO B 3 -16.24 -0.53 0.92
C PRO B 3 -15.96 -1.98 0.53
N GLU B 4 -15.10 -2.64 1.31
CA GLU B 4 -14.75 -4.04 1.05
C GLU B 4 -14.09 -4.19 -0.31
N PRO B 5 -12.86 -4.71 -0.36
CA PRO B 5 -12.14 -4.91 -1.61
C PRO B 5 -12.53 -6.22 -2.27
N ASP B 6 -13.39 -6.14 -3.28
CA ASP B 6 -13.86 -7.32 -3.99
C ASP B 6 -12.81 -7.80 -5.01
N TRP B 7 -11.75 -7.02 -5.18
CA TRP B 7 -10.70 -7.37 -6.13
C TRP B 7 -11.28 -7.56 -7.53
N SER B 8 -12.49 -7.04 -7.74
CA SER B 8 -13.15 -7.14 -9.03
C SER B 8 -12.17 -6.94 -10.18
N ASN B 9 -11.42 -5.85 -10.11
CA ASN B 9 -10.43 -5.55 -11.13
C ASN B 9 -9.08 -5.28 -10.49
N THR B 10 -8.44 -6.34 -10.00
CA THR B 10 -7.14 -6.21 -9.35
C THR B 10 -6.17 -5.40 -10.21
N VAL B 11 -6.11 -4.10 -9.92
CA VAL B 11 -5.22 -3.20 -10.64
C VAL B 11 -3.88 -3.15 -9.92
N PRO B 12 -2.83 -2.65 -10.59
CA PRO B 12 -1.49 -2.55 -9.99
C PRO B 12 -1.38 -1.36 -9.05
N VAL B 13 -0.15 -0.98 -8.73
CA VAL B 13 0.10 0.15 -7.84
C VAL B 13 1.27 1.00 -8.34
N ASN B 14 2.25 0.33 -8.96
CA ASN B 14 3.42 1.02 -9.48
C ASN B 14 3.25 1.32 -10.97
N LYS B 15 2.97 2.59 -11.27
CA LYS B 15 2.78 3.01 -12.66
C LYS B 15 4.07 3.57 -13.24
N THR B 16 4.83 4.28 -12.42
CA THR B 16 6.10 4.86 -12.86
C THR B 16 7.21 4.56 -11.86
N ILE B 17 8.13 3.69 -12.26
CA ILE B 17 9.26 3.32 -11.40
C ILE B 17 10.15 4.54 -11.14
N PRO B 18 10.45 4.84 -9.85
CA PRO B 18 11.29 5.97 -9.48
C PRO B 18 12.63 5.96 -10.23
N VAL B 19 12.72 6.80 -11.25
CA VAL B 19 13.93 6.90 -12.04
C VAL B 19 14.83 8.03 -11.54
N ASP B 20 15.73 7.69 -10.63
CA ASP B 20 16.67 8.64 -10.04
C ASP B 20 15.96 9.94 -9.65
N THR B 21 14.68 9.84 -9.34
CA THR B 21 13.90 11.01 -8.95
C THR B 21 14.29 11.50 -7.56
N GLN B 22 14.54 12.80 -7.45
CA GLN B 22 14.93 13.39 -6.16
C GLN B 22 13.71 13.94 -5.44
N ALA A 1 22.95 -2.24 -10.76
CA ALA A 1 22.85 -1.10 -9.81
C ALA A 1 21.58 -1.22 -8.96
N GLY A 2 20.54 -1.81 -9.54
CA GLY A 2 19.29 -1.97 -8.82
C GLY A 2 18.75 -3.38 -8.91
N ALA A 3 18.07 -3.82 -7.85
CA ALA A 3 17.50 -5.16 -7.81
C ALA A 3 16.23 -5.19 -6.96
N LYS A 4 15.65 -4.01 -6.74
CA LYS A 4 14.44 -3.90 -5.93
C LYS A 4 13.21 -4.29 -6.75
N ASN A 5 12.27 -4.97 -6.10
CA ASN A 5 11.04 -5.40 -6.78
C ASN A 5 9.82 -5.04 -5.94
N TYR A 6 9.00 -4.13 -6.47
CA TYR A 6 7.80 -3.71 -5.79
C TYR A 6 6.57 -4.10 -6.59
N GLN A 7 5.99 -5.25 -6.25
CA GLN A 7 4.80 -5.74 -6.93
C GLN A 7 3.58 -5.59 -6.02
N TYR A 8 2.73 -4.61 -6.33
CA TYR A 8 1.53 -4.36 -5.53
C TYR A 8 0.29 -4.28 -6.41
N VAL A 9 -0.80 -4.85 -5.92
CA VAL A 9 -2.06 -4.83 -6.65
C VAL A 9 -3.21 -4.44 -5.72
N MET A 10 -4.00 -3.47 -6.15
CA MET A 10 -5.13 -3.00 -5.34
C MET A 10 -6.45 -3.18 -6.07
N SER A 11 -7.50 -3.47 -5.30
CA SER A 11 -8.83 -3.67 -5.87
C SER A 11 -9.26 -2.48 -6.73
N GLU A 12 -9.66 -2.75 -7.96
CA GLU A 12 -10.08 -1.67 -8.86
C GLU A 12 -11.52 -1.23 -8.53
N GLN A 13 -11.65 -0.32 -7.59
CA GLN A 13 -12.96 0.19 -7.18
C GLN A 13 -12.95 1.72 -7.10
N PRO A 14 -13.72 2.40 -7.97
CA PRO A 14 -13.80 3.87 -7.99
C PRO A 14 -14.37 4.43 -6.69
N GLU A 15 -14.96 3.55 -5.88
CA GLU A 15 -15.56 3.96 -4.62
C GLU A 15 -14.50 4.02 -3.52
N MET A 16 -13.30 3.53 -3.83
CA MET A 16 -12.21 3.51 -2.86
C MET A 16 -11.12 4.51 -3.24
N ARG A 17 -11.31 5.18 -4.38
CA ARG A 17 -10.32 6.16 -4.86
C ARG A 17 -10.11 7.27 -3.83
N SER A 18 -11.13 7.52 -3.01
CA SER A 18 -11.05 8.55 -1.98
C SER A 18 -9.76 8.45 -1.17
N ILE A 19 -9.49 7.26 -0.65
CA ILE A 19 -8.29 7.03 0.16
C ILE A 19 -7.34 6.06 -0.53
N GLN A 20 -7.60 5.80 -1.81
CA GLN A 20 -6.76 4.88 -2.58
C GLN A 20 -5.32 5.39 -2.65
N PRO A 21 -4.33 4.50 -2.42
CA PRO A 21 -2.91 4.88 -2.46
C PRO A 21 -2.43 5.16 -3.88
N VAL A 22 -1.73 6.28 -4.06
CA VAL A 22 -1.20 6.65 -5.36
C VAL A 22 -0.30 5.55 -5.91
N HIS A 23 0.83 5.33 -5.23
CA HIS A 23 1.78 4.30 -5.62
C HIS A 23 2.42 3.67 -4.39
N VAL A 24 2.92 2.45 -4.55
CA VAL A 24 3.56 1.74 -3.44
C VAL A 24 4.78 0.95 -3.92
N TRP A 25 5.84 1.00 -3.12
CA TRP A 25 7.08 0.27 -3.44
C TRP A 25 7.78 -0.17 -2.18
N ASP A 26 8.31 -1.40 -2.19
CA ASP A 26 9.01 -1.95 -1.03
C ASP A 26 10.48 -2.15 -1.32
N ASN A 27 11.23 -2.51 -0.28
CA ASN A 27 12.66 -2.74 -0.41
C ASN A 27 13.10 -3.84 0.56
N TYR A 28 14.22 -4.48 0.24
CA TYR A 28 14.75 -5.55 1.09
C TYR A 28 14.88 -5.08 2.54
N ARG A 29 14.98 -3.77 2.73
CA ARG A 29 15.11 -3.20 4.06
C ARG A 29 13.74 -2.84 4.63
N PHE A 30 13.10 -1.83 4.06
CA PHE A 30 11.78 -1.39 4.52
C PHE A 30 10.85 -1.09 3.36
N THR A 31 9.58 -0.88 3.67
CA THR A 31 8.57 -0.57 2.65
C THR A 31 8.00 0.82 2.86
N ARG A 32 7.56 1.45 1.76
CA ARG A 32 6.99 2.79 1.84
C ARG A 32 5.75 2.92 0.96
N PHE A 33 4.82 3.78 1.39
CA PHE A 33 3.57 4.00 0.65
C PHE A 33 3.41 5.48 0.33
N GLU A 34 3.07 5.78 -0.92
CA GLU A 34 2.89 7.17 -1.34
C GLU A 34 1.41 7.50 -1.49
N PHE A 35 0.93 8.43 -0.65
CA PHE A 35 -0.47 8.85 -0.68
C PHE A 35 -0.58 10.32 -1.11
N PRO A 36 -1.78 10.74 -1.57
CA PRO A 36 -2.02 12.13 -2.01
C PRO A 36 -1.82 13.12 -0.86
N ALA A 37 -1.65 14.39 -1.21
CA ALA A 37 -1.45 15.43 -0.21
C ALA A 37 -2.78 16.04 0.22
N ASN A 38 -3.78 15.95 -0.64
CA ASN A 38 -5.10 16.49 -0.35
C ASN A 38 -5.96 15.48 0.42
N ALA A 39 -5.51 14.24 0.39
CA ALA A 39 -6.22 13.15 1.08
C ALA A 39 -5.58 12.82 2.42
N GLU A 40 -6.38 12.32 3.34
CA GLU A 40 -5.90 11.96 4.66
C GLU A 40 -5.09 10.66 4.61
N LEU A 41 -4.19 10.50 5.58
CA LEU A 41 -3.35 9.31 5.63
C LEU A 41 -4.00 8.20 6.47
N PRO A 42 -4.31 7.05 5.83
CA PRO A 42 -4.93 5.92 6.51
C PRO A 42 -3.94 5.08 7.29
N GLN A 43 -4.38 3.89 7.72
CA GLN A 43 -3.53 2.98 8.46
C GLN A 43 -3.41 1.65 7.73
N VAL A 44 -2.21 1.36 7.23
CA VAL A 44 -1.96 0.13 6.49
C VAL A 44 -1.70 -1.04 7.43
N TYR A 45 -2.62 -1.99 7.45
CA TYR A 45 -2.49 -3.18 8.30
C TYR A 45 -1.78 -4.30 7.55
N MET A 46 -1.55 -5.41 8.25
CA MET A 46 -0.88 -6.55 7.65
C MET A 46 -1.42 -7.86 8.24
N ILE A 47 -1.19 -8.96 7.54
CA ILE A 47 -1.66 -10.27 7.99
C ILE A 47 -0.51 -11.13 8.48
N SER A 48 -0.57 -11.52 9.76
CA SER A 48 0.46 -12.35 10.36
C SER A 48 -0.01 -13.79 10.51
N ALA A 49 0.84 -14.64 11.07
CA ALA A 49 0.50 -16.04 11.27
C ALA A 49 -0.52 -16.20 12.38
N SER A 50 -1.80 -16.08 12.02
CA SER A 50 -2.89 -16.22 13.00
C SER A 50 -4.25 -16.19 12.29
N GLY A 51 -4.53 -15.10 11.61
CA GLY A 51 -5.79 -14.97 10.91
C GLY A 51 -6.48 -13.65 11.19
N LYS A 52 -5.73 -12.69 11.73
CA LYS A 52 -6.28 -11.38 12.05
C LYS A 52 -5.39 -10.27 11.51
N GLU A 53 -5.91 -9.05 11.49
CA GLU A 53 -5.16 -7.90 10.99
C GLU A 53 -4.40 -7.22 12.12
N THR A 54 -3.19 -6.77 11.81
CA THR A 54 -2.35 -6.09 12.78
C THR A 54 -1.69 -4.86 12.16
N LEU A 55 -1.69 -3.75 12.88
CA LEU A 55 -1.09 -2.52 12.38
C LEU A 55 0.41 -2.49 12.70
N PRO A 56 1.26 -2.61 11.67
CA PRO A 56 2.72 -2.59 11.84
C PRO A 56 3.25 -1.18 12.08
N ASN A 57 4.48 -1.11 12.58
CA ASN A 57 5.11 0.17 12.87
C ASN A 57 5.11 1.07 11.62
N SER A 58 4.24 2.07 11.64
CA SER A 58 4.13 2.99 10.51
C SER A 58 4.71 4.36 10.85
N HIS A 59 4.93 5.16 9.82
CA HIS A 59 5.49 6.50 9.98
C HIS A 59 4.99 7.43 8.87
N VAL A 60 5.21 8.73 9.05
CA VAL A 60 4.79 9.72 8.07
C VAL A 60 5.95 10.58 7.61
N VAL A 61 6.10 10.73 6.29
CA VAL A 61 7.16 11.54 5.71
C VAL A 61 6.69 12.28 4.47
N GLY A 62 7.62 12.98 3.81
CA GLY A 62 7.27 13.71 2.61
C GLY A 62 6.68 15.08 2.91
N GLU A 63 6.55 15.90 1.89
CA GLU A 63 6.00 17.25 2.05
C GLU A 63 4.54 17.19 2.51
N ASN A 64 4.19 18.07 3.44
CA ASN A 64 2.83 18.12 3.98
C ASN A 64 2.44 16.80 4.63
N ARG A 65 3.43 15.94 4.85
CA ARG A 65 3.19 14.63 5.46
C ARG A 65 2.08 13.89 4.72
N ASN A 66 2.43 13.30 3.59
CA ASN A 66 1.47 12.57 2.77
C ASN A 66 1.99 11.17 2.42
N ILE A 67 3.03 10.74 3.13
CA ILE A 67 3.61 9.42 2.90
C ILE A 67 3.48 8.54 4.13
N ILE A 68 3.36 7.23 3.92
CA ILE A 68 3.25 6.28 5.02
C ILE A 68 4.22 5.13 4.84
N GLU A 69 5.32 5.16 5.60
CA GLU A 69 6.32 4.10 5.52
C GLU A 69 6.12 3.08 6.63
N VAL A 70 6.21 1.80 6.27
CA VAL A 70 6.03 0.73 7.24
C VAL A 70 7.31 -0.08 7.40
N GLU A 71 7.70 -0.33 8.65
CA GLU A 71 8.91 -1.07 8.95
C GLU A 71 8.65 -2.58 8.92
N THR A 72 7.88 -3.03 7.94
CA THR A 72 7.57 -4.45 7.81
C THR A 72 7.18 -4.80 6.38
N VAL A 73 7.52 -6.03 5.96
CA VAL A 73 7.21 -6.50 4.62
C VAL A 73 6.35 -7.76 4.68
N ALA A 74 5.23 -7.74 3.96
CA ALA A 74 4.32 -8.88 3.94
C ALA A 74 3.78 -9.14 2.54
N LYS A 75 2.85 -10.07 2.42
CA LYS A 75 2.25 -10.42 1.13
C LYS A 75 0.84 -9.85 1.01
N GLU A 76 0.21 -9.59 2.15
CA GLU A 76 -1.14 -9.05 2.18
C GLU A 76 -1.20 -7.76 3.01
N TRP A 77 -1.67 -6.69 2.38
CA TRP A 77 -1.80 -5.40 3.04
C TRP A 77 -3.23 -4.89 2.93
N ARG A 78 -3.74 -4.33 4.02
CA ARG A 78 -5.11 -3.80 4.02
C ARG A 78 -5.17 -2.39 4.59
N ILE A 79 -5.43 -1.42 3.71
CA ILE A 79 -5.52 -0.03 4.11
C ILE A 79 -6.90 0.29 4.67
N ARG A 80 -6.96 0.62 5.96
CA ARG A 80 -8.22 0.93 6.62
C ARG A 80 -8.24 2.36 7.16
N LEU A 81 -9.35 3.06 6.93
CA LEU A 81 -9.50 4.43 7.41
C LEU A 81 -10.96 4.86 7.33
N GLY A 82 -11.50 5.34 8.45
CA GLY A 82 -12.88 5.77 8.47
C GLY A 82 -13.84 4.63 8.19
N ASP A 83 -14.56 4.73 7.08
CA ASP A 83 -15.52 3.70 6.69
C ASP A 83 -15.15 3.11 5.33
N LYS A 84 -13.90 3.31 4.92
CA LYS A 84 -13.42 2.79 3.65
C LYS A 84 -12.20 1.89 3.83
N VAL A 85 -12.05 0.92 2.92
CA VAL A 85 -10.91 0.00 2.96
C VAL A 85 -10.43 -0.31 1.55
N VAL A 86 -9.12 -0.50 1.41
CA VAL A 86 -8.54 -0.82 0.12
C VAL A 86 -7.64 -2.05 0.22
N GLY A 87 -8.01 -3.12 -0.49
CA GLY A 87 -7.23 -4.33 -0.44
C GLY A 87 -6.01 -4.30 -1.35
N VAL A 88 -4.83 -4.22 -0.74
CA VAL A 88 -3.58 -4.19 -1.50
C VAL A 88 -2.73 -5.40 -1.16
N ARG A 89 -2.48 -6.26 -2.15
CA ARG A 89 -1.68 -7.45 -1.93
C ARG A 89 -0.38 -7.40 -2.73
N ASN A 90 0.73 -7.69 -2.05
CA ASN A 90 2.04 -7.69 -2.69
C ASN A 90 2.36 -9.06 -3.27
N ASN A 91 2.67 -9.08 -4.57
CA ASN A 91 2.99 -10.31 -5.26
C ASN A 91 4.47 -10.36 -5.64
N ASN A 92 5.32 -10.72 -4.68
CA ASN A 92 6.75 -10.78 -4.91
C ASN A 92 7.49 -11.15 -3.64
N PHE A 93 7.07 -10.54 -2.54
CA PHE A 93 7.68 -10.79 -1.24
C PHE A 93 9.15 -10.38 -1.22
N ALA A 94 9.48 -9.42 -0.36
CA ALA A 94 10.85 -8.93 -0.25
C ALA A 94 11.46 -9.30 1.11
N PRO A 95 11.94 -10.55 1.25
CA PRO A 95 12.55 -11.03 2.50
C PRO A 95 13.73 -10.16 2.93
N PRO B 1 -22.31 1.31 5.60
CA PRO B 1 -21.83 1.00 4.22
C PRO B 1 -20.42 0.42 4.25
N PRO B 2 -20.30 -0.91 4.29
CA PRO B 2 -19.00 -1.60 4.32
C PRO B 2 -18.29 -1.55 2.96
N PRO B 3 -17.03 -1.05 2.94
CA PRO B 3 -16.26 -0.96 1.69
C PRO B 3 -15.91 -2.34 1.13
N GLU B 4 -14.94 -3.00 1.77
CA GLU B 4 -14.49 -4.33 1.36
C GLU B 4 -13.91 -4.29 -0.06
N PRO B 5 -12.67 -4.77 -0.24
CA PRO B 5 -12.01 -4.79 -1.55
C PRO B 5 -12.51 -5.95 -2.40
N ASP B 6 -13.24 -5.62 -3.46
CA ASP B 6 -13.81 -6.62 -4.35
C ASP B 6 -12.79 -7.09 -5.40
N TRP B 7 -11.65 -6.41 -5.46
CA TRP B 7 -10.61 -6.77 -6.43
C TRP B 7 -11.20 -6.85 -7.83
N SER B 8 -12.31 -6.13 -8.03
CA SER B 8 -13.01 -6.10 -9.31
C SER B 8 -12.12 -6.46 -10.49
N ASN B 9 -11.10 -5.63 -10.73
CA ASN B 9 -10.18 -5.89 -11.84
C ASN B 9 -8.74 -5.95 -11.37
N THR B 10 -8.55 -5.81 -10.07
CA THR B 10 -7.21 -5.85 -9.48
C THR B 10 -6.23 -5.00 -10.28
N VAL B 11 -6.15 -3.72 -9.95
CA VAL B 11 -5.25 -2.80 -10.64
C VAL B 11 -4.03 -2.48 -9.78
N PRO B 12 -2.82 -2.73 -10.30
CA PRO B 12 -1.56 -2.48 -9.60
C PRO B 12 -1.48 -1.09 -8.99
N VAL B 13 -0.47 -0.90 -8.17
CA VAL B 13 -0.24 0.37 -7.50
C VAL B 13 1.03 1.03 -8.04
N ASN B 14 1.79 0.29 -8.82
CA ASN B 14 3.02 0.79 -9.40
C ASN B 14 3.10 0.50 -10.90
N LYS B 15 2.75 1.50 -11.70
CA LYS B 15 2.78 1.36 -13.16
C LYS B 15 3.86 2.26 -13.77
N THR B 16 4.23 3.30 -13.04
CA THR B 16 5.25 4.23 -13.51
C THR B 16 6.65 3.67 -13.26
N ILE B 17 6.88 3.19 -12.05
CA ILE B 17 8.17 2.62 -11.68
C ILE B 17 9.29 3.68 -11.74
N PRO B 18 9.96 3.95 -10.61
CA PRO B 18 11.04 4.93 -10.55
C PRO B 18 12.35 4.38 -11.08
N VAL B 19 12.64 4.69 -12.34
CA VAL B 19 13.87 4.22 -12.98
C VAL B 19 14.72 5.39 -13.47
N ASP B 20 14.12 6.28 -14.24
CA ASP B 20 14.81 7.43 -14.78
C ASP B 20 15.99 6.99 -15.64
N THR B 21 15.74 6.82 -16.93
CA THR B 21 16.78 6.40 -17.87
C THR B 21 17.92 7.40 -17.90
N GLN B 22 17.64 8.61 -18.39
CA GLN B 22 18.64 9.66 -18.47
C GLN B 22 18.31 10.81 -17.54
N ALA A 1 20.50 -4.48 -5.34
CA ALA A 1 21.76 -4.02 -5.96
C ALA A 1 21.49 -3.25 -7.25
N GLY A 2 20.78 -3.90 -8.18
CA GLY A 2 20.47 -3.25 -9.44
C GLY A 2 19.10 -2.59 -9.43
N ALA A 3 18.17 -3.13 -10.22
CA ALA A 3 16.83 -2.57 -10.30
C ALA A 3 15.90 -3.27 -9.31
N LYS A 4 15.06 -2.48 -8.64
CA LYS A 4 14.11 -3.01 -7.67
C LYS A 4 12.77 -3.29 -8.31
N ASN A 5 12.05 -4.27 -7.77
CA ASN A 5 10.74 -4.64 -8.28
C ASN A 5 9.71 -4.70 -7.16
N TYR A 6 8.75 -3.77 -7.20
CA TYR A 6 7.72 -3.73 -6.19
C TYR A 6 6.40 -4.25 -6.76
N GLN A 7 6.14 -5.53 -6.53
CA GLN A 7 4.92 -6.16 -7.01
C GLN A 7 3.73 -5.81 -6.11
N TYR A 8 2.98 -4.79 -6.52
CA TYR A 8 1.82 -4.35 -5.75
C TYR A 8 0.58 -4.24 -6.61
N VAL A 9 -0.56 -4.58 -6.02
CA VAL A 9 -1.85 -4.52 -6.70
C VAL A 9 -2.96 -4.17 -5.71
N MET A 10 -3.71 -3.11 -6.01
CA MET A 10 -4.79 -2.66 -5.14
C MET A 10 -6.15 -3.07 -5.71
N SER A 11 -7.15 -3.18 -4.83
CA SER A 11 -8.49 -3.55 -5.24
C SER A 11 -9.16 -2.38 -5.95
N GLU A 12 -9.43 -2.55 -7.25
CA GLU A 12 -10.04 -1.51 -8.04
C GLU A 12 -11.53 -1.38 -7.74
N GLN A 13 -11.88 -0.40 -6.91
CA GLN A 13 -13.28 -0.16 -6.54
C GLN A 13 -13.56 1.34 -6.49
N PRO A 14 -14.46 1.84 -7.37
CA PRO A 14 -14.81 3.26 -7.43
C PRO A 14 -15.38 3.78 -6.11
N GLU A 15 -15.75 2.86 -5.22
CA GLU A 15 -16.32 3.22 -3.93
C GLU A 15 -15.24 3.55 -2.91
N MET A 16 -14.02 3.07 -3.13
CA MET A 16 -12.92 3.31 -2.20
C MET A 16 -11.80 4.12 -2.83
N ARG A 17 -12.14 4.89 -3.87
CA ARG A 17 -11.14 5.71 -4.54
C ARG A 17 -10.72 6.90 -3.67
N SER A 18 -11.62 7.32 -2.78
CA SER A 18 -11.36 8.44 -1.89
C SER A 18 -10.00 8.30 -1.20
N ILE A 19 -9.73 7.11 -0.67
CA ILE A 19 -8.46 6.85 0.01
C ILE A 19 -7.55 5.97 -0.83
N GLN A 20 -7.83 5.90 -2.12
CA GLN A 20 -7.04 5.09 -3.04
C GLN A 20 -5.55 5.47 -2.96
N PRO A 21 -4.66 4.48 -2.76
CA PRO A 21 -3.23 4.74 -2.67
C PRO A 21 -2.60 5.02 -4.03
N VAL A 22 -1.91 6.15 -4.15
CA VAL A 22 -1.27 6.52 -5.40
C VAL A 22 -0.37 5.40 -5.88
N HIS A 23 0.76 5.22 -5.20
CA HIS A 23 1.71 4.17 -5.54
C HIS A 23 2.31 3.56 -4.27
N VAL A 24 2.80 2.33 -4.38
CA VAL A 24 3.39 1.65 -3.24
C VAL A 24 4.58 0.79 -3.67
N TRP A 25 5.71 0.97 -2.99
CA TRP A 25 6.92 0.22 -3.29
C TRP A 25 7.54 -0.33 -2.01
N ASP A 26 8.28 -1.43 -2.13
CA ASP A 26 8.92 -2.04 -0.98
C ASP A 26 10.44 -1.92 -1.06
N ASN A 27 11.11 -2.34 0.01
CA ASN A 27 12.57 -2.28 0.07
C ASN A 27 13.09 -3.32 1.06
N TYR A 28 14.32 -3.78 0.83
CA TYR A 28 14.95 -4.77 1.69
C TYR A 28 14.96 -4.32 3.15
N ARG A 29 14.89 -3.01 3.35
CA ARG A 29 14.90 -2.44 4.69
C ARG A 29 13.49 -2.27 5.23
N PHE A 30 12.74 -1.34 4.65
CA PHE A 30 11.36 -1.07 5.08
C PHE A 30 10.46 -0.81 3.88
N THR A 31 9.15 -0.91 4.11
CA THR A 31 8.17 -0.68 3.05
C THR A 31 7.71 0.79 3.05
N ARG A 32 7.32 1.29 1.88
CA ARG A 32 6.86 2.67 1.78
C ARG A 32 5.57 2.79 0.98
N PHE A 33 4.71 3.72 1.39
CA PHE A 33 3.43 3.96 0.73
C PHE A 33 3.28 5.43 0.35
N GLU A 34 2.91 5.68 -0.89
CA GLU A 34 2.73 7.06 -1.35
C GLU A 34 1.25 7.41 -1.51
N PHE A 35 0.81 8.40 -0.75
CA PHE A 35 -0.59 8.84 -0.79
C PHE A 35 -0.68 10.30 -1.24
N PRO A 36 -1.87 10.73 -1.70
CA PRO A 36 -2.09 12.11 -2.16
C PRO A 36 -1.82 13.13 -1.05
N ALA A 37 -1.91 14.41 -1.40
CA ALA A 37 -1.69 15.48 -0.44
C ALA A 37 -3.00 16.05 0.07
N ASN A 38 -4.04 15.97 -0.75
CA ASN A 38 -5.36 16.48 -0.38
C ASN A 38 -6.16 15.45 0.40
N ALA A 39 -5.69 14.21 0.33
CA ALA A 39 -6.35 13.11 1.02
C ALA A 39 -5.70 12.82 2.37
N GLU A 40 -6.50 12.37 3.32
CA GLU A 40 -6.01 12.06 4.66
C GLU A 40 -5.16 10.79 4.64
N LEU A 41 -4.19 10.70 5.53
CA LEU A 41 -3.32 9.54 5.61
C LEU A 41 -3.95 8.43 6.46
N PRO A 42 -4.21 7.27 5.85
CA PRO A 42 -4.82 6.13 6.53
C PRO A 42 -3.80 5.28 7.29
N GLN A 43 -4.27 4.17 7.85
CA GLN A 43 -3.41 3.25 8.58
C GLN A 43 -3.33 1.91 7.87
N VAL A 44 -2.14 1.59 7.36
CA VAL A 44 -1.95 0.34 6.63
C VAL A 44 -1.73 -0.84 7.58
N TYR A 45 -2.56 -1.85 7.44
CA TYR A 45 -2.48 -3.04 8.28
C TYR A 45 -1.75 -4.16 7.54
N MET A 46 -1.58 -5.28 8.21
CA MET A 46 -0.91 -6.45 7.64
C MET A 46 -1.53 -7.72 8.19
N ILE A 47 -1.71 -8.71 7.31
CA ILE A 47 -2.31 -9.97 7.71
C ILE A 47 -1.30 -10.88 8.40
N SER A 48 -1.35 -10.90 9.72
CA SER A 48 -0.46 -11.73 10.52
C SER A 48 -0.86 -13.20 10.44
N ALA A 49 -0.32 -14.01 11.34
CA ALA A 49 -0.63 -15.43 11.36
C ALA A 49 -2.13 -15.66 11.60
N SER A 50 -2.53 -16.93 11.59
CA SER A 50 -3.93 -17.30 11.81
C SER A 50 -4.82 -16.76 10.69
N GLY A 51 -5.21 -15.49 10.80
CA GLY A 51 -6.05 -14.88 9.79
C GLY A 51 -6.73 -13.62 10.27
N LYS A 52 -5.93 -12.69 10.81
CA LYS A 52 -6.47 -11.43 11.32
C LYS A 52 -5.56 -10.27 10.92
N GLU A 53 -6.11 -9.06 10.95
CA GLU A 53 -5.35 -7.87 10.59
C GLU A 53 -4.60 -7.31 11.80
N THR A 54 -3.41 -6.78 11.54
CA THR A 54 -2.58 -6.21 12.58
C THR A 54 -1.90 -4.93 12.07
N LEU A 55 -1.88 -3.90 12.90
CA LEU A 55 -1.27 -2.63 12.51
C LEU A 55 0.18 -2.56 12.94
N PRO A 56 1.12 -2.65 11.98
CA PRO A 56 2.56 -2.59 12.25
C PRO A 56 3.04 -1.17 12.53
N ASN A 57 4.22 -1.05 13.12
CA ASN A 57 4.80 0.26 13.43
C ASN A 57 4.99 1.07 12.16
N SER A 58 4.03 1.95 11.87
CA SER A 58 4.09 2.77 10.67
C SER A 58 4.69 4.15 10.98
N HIS A 59 4.99 4.90 9.93
CA HIS A 59 5.57 6.23 10.08
C HIS A 59 5.12 7.14 8.93
N VAL A 60 5.36 8.44 9.08
CA VAL A 60 4.98 9.40 8.06
C VAL A 60 6.18 10.24 7.62
N VAL A 61 6.33 10.41 6.30
CA VAL A 61 7.43 11.19 5.75
C VAL A 61 6.97 12.02 4.55
N GLY A 62 7.85 12.88 4.06
CA GLY A 62 7.52 13.72 2.92
C GLY A 62 7.50 15.19 3.28
N GLU A 63 7.76 16.04 2.29
CA GLU A 63 7.77 17.49 2.51
C GLU A 63 6.39 17.98 2.92
N ASN A 64 5.36 17.47 2.26
CA ASN A 64 3.99 17.86 2.56
C ASN A 64 3.31 16.82 3.44
N ARG A 65 4.09 15.88 3.96
CA ARG A 65 3.57 14.82 4.81
C ARG A 65 2.41 14.10 4.12
N ASN A 66 2.76 13.20 3.19
CA ASN A 66 1.77 12.45 2.45
C ASN A 66 2.24 11.03 2.19
N ILE A 67 3.27 10.61 2.91
CA ILE A 67 3.84 9.28 2.74
C ILE A 67 3.76 8.48 4.04
N ILE A 68 3.59 7.17 3.91
CA ILE A 68 3.50 6.29 5.07
C ILE A 68 4.42 5.09 4.91
N GLU A 69 5.47 5.03 5.74
CA GLU A 69 6.42 3.93 5.66
C GLU A 69 6.16 2.93 6.79
N VAL A 70 6.11 1.65 6.44
CA VAL A 70 5.87 0.60 7.42
C VAL A 70 7.14 -0.19 7.70
N GLU A 71 7.43 -0.40 8.98
CA GLU A 71 8.63 -1.13 9.39
C GLU A 71 8.39 -2.64 9.34
N THR A 72 7.75 -3.10 8.27
CA THR A 72 7.47 -4.53 8.11
C THR A 72 7.22 -4.88 6.65
N VAL A 73 7.57 -6.12 6.28
CA VAL A 73 7.39 -6.59 4.91
C VAL A 73 6.55 -7.86 4.90
N ALA A 74 5.46 -7.84 4.15
CA ALA A 74 4.58 -9.00 4.06
C ALA A 74 4.09 -9.22 2.64
N LYS A 75 3.17 -10.18 2.46
CA LYS A 75 2.62 -10.49 1.15
C LYS A 75 1.21 -9.93 0.99
N GLU A 76 0.58 -9.59 2.12
CA GLU A 76 -0.77 -9.05 2.10
C GLU A 76 -0.87 -7.78 2.95
N TRP A 77 -1.32 -6.71 2.32
CA TRP A 77 -1.45 -5.42 3.00
C TRP A 77 -2.88 -4.88 2.88
N ARG A 78 -3.22 -3.95 3.75
CA ARG A 78 -4.55 -3.34 3.74
C ARG A 78 -4.50 -1.89 4.17
N ILE A 79 -5.41 -1.08 3.62
CA ILE A 79 -5.48 0.33 3.96
C ILE A 79 -6.84 0.66 4.53
N ARG A 80 -6.88 1.04 5.80
CA ARG A 80 -8.14 1.37 6.46
C ARG A 80 -8.16 2.79 7.01
N LEU A 81 -9.28 3.46 6.82
CA LEU A 81 -9.46 4.83 7.29
C LEU A 81 -10.92 5.24 7.18
N GLY A 82 -11.51 5.62 8.32
CA GLY A 82 -12.89 6.02 8.32
C GLY A 82 -13.83 4.84 8.10
N ASP A 83 -14.55 4.88 6.98
CA ASP A 83 -15.48 3.81 6.65
C ASP A 83 -15.11 3.15 5.31
N LYS A 84 -13.84 3.26 4.93
CA LYS A 84 -13.38 2.68 3.67
C LYS A 84 -12.16 1.80 3.87
N VAL A 85 -12.04 0.77 3.02
CA VAL A 85 -10.91 -0.15 3.07
C VAL A 85 -10.39 -0.45 1.68
N VAL A 86 -9.08 -0.65 1.56
CA VAL A 86 -8.48 -0.95 0.27
C VAL A 86 -7.63 -2.21 0.35
N GLY A 87 -7.91 -3.18 -0.51
CA GLY A 87 -7.16 -4.42 -0.51
C GLY A 87 -5.94 -4.38 -1.40
N VAL A 88 -4.76 -4.34 -0.79
CA VAL A 88 -3.50 -4.30 -1.53
C VAL A 88 -2.65 -5.51 -1.19
N ARG A 89 -2.40 -6.36 -2.18
CA ARG A 89 -1.60 -7.57 -1.96
C ARG A 89 -0.25 -7.46 -2.66
N ASN A 90 0.82 -7.69 -1.89
CA ASN A 90 2.17 -7.62 -2.43
C ASN A 90 2.67 -9.02 -2.79
N ASN A 91 2.85 -9.27 -4.09
CA ASN A 91 3.32 -10.56 -4.55
C ASN A 91 4.81 -10.51 -4.86
N ASN A 92 5.63 -10.62 -3.81
CA ASN A 92 7.08 -10.58 -3.94
C ASN A 92 7.74 -10.59 -2.57
N PHE A 93 8.76 -11.43 -2.41
CA PHE A 93 9.47 -11.52 -1.14
C PHE A 93 10.96 -11.76 -1.37
N ALA A 94 11.74 -10.70 -1.28
CA ALA A 94 13.18 -10.78 -1.46
C ALA A 94 13.93 -10.36 -0.20
N PRO A 95 14.07 -11.28 0.77
CA PRO A 95 14.77 -11.00 2.02
C PRO A 95 16.24 -10.62 1.80
N PRO B 1 -19.67 -3.95 6.09
CA PRO B 1 -18.50 -3.25 5.51
C PRO B 1 -18.84 -2.61 4.17
N PRO B 2 -19.22 -1.31 4.17
CA PRO B 2 -19.58 -0.58 2.94
C PRO B 2 -18.55 -0.75 1.82
N PRO B 3 -17.24 -0.57 2.12
CA PRO B 3 -16.19 -0.71 1.10
C PRO B 3 -15.93 -2.16 0.72
N GLU B 4 -15.10 -2.84 1.51
CA GLU B 4 -14.77 -4.24 1.28
C GLU B 4 -14.10 -4.42 -0.09
N PRO B 5 -12.85 -4.93 -0.11
CA PRO B 5 -12.12 -5.14 -1.34
C PRO B 5 -12.48 -6.48 -1.98
N ASP B 6 -13.36 -6.43 -2.97
CA ASP B 6 -13.81 -7.64 -3.66
C ASP B 6 -12.76 -8.14 -4.64
N TRP B 7 -11.72 -7.34 -4.85
CA TRP B 7 -10.65 -7.70 -5.79
C TRP B 7 -11.20 -7.93 -7.19
N SER B 8 -12.44 -7.49 -7.40
CA SER B 8 -13.09 -7.63 -8.70
C SER B 8 -12.12 -7.35 -9.83
N ASN B 9 -11.43 -6.22 -9.74
CA ASN B 9 -10.44 -5.84 -10.74
C ASN B 9 -9.10 -5.54 -10.09
N THR B 10 -8.39 -6.59 -9.69
CA THR B 10 -7.09 -6.44 -9.05
C THR B 10 -6.15 -5.61 -9.92
N VAL B 11 -6.14 -4.31 -9.70
CA VAL B 11 -5.28 -3.41 -10.44
C VAL B 11 -3.95 -3.28 -9.73
N PRO B 12 -2.91 -2.78 -10.42
CA PRO B 12 -1.57 -2.61 -9.81
C PRO B 12 -1.52 -1.42 -8.87
N VAL B 13 -0.32 -0.94 -8.57
CA VAL B 13 -0.16 0.20 -7.68
C VAL B 13 0.92 1.15 -8.19
N ASN B 14 1.96 0.58 -8.80
CA ASN B 14 3.05 1.38 -9.34
C ASN B 14 2.88 1.63 -10.83
N LYS B 15 3.26 2.81 -11.28
CA LYS B 15 3.14 3.18 -12.69
C LYS B 15 4.49 3.60 -13.25
N THR B 16 5.34 4.17 -12.40
CA THR B 16 6.65 4.63 -12.82
C THR B 16 7.58 3.46 -13.11
N ILE B 17 7.87 2.67 -12.08
CA ILE B 17 8.74 1.51 -12.21
C ILE B 17 10.14 1.92 -12.68
N PRO B 18 11.13 1.93 -11.77
CA PRO B 18 12.51 2.30 -12.10
C PRO B 18 13.04 1.54 -13.30
N VAL B 19 13.07 2.22 -14.45
CA VAL B 19 13.56 1.61 -15.68
C VAL B 19 14.80 2.34 -16.20
N ASP B 20 14.63 3.61 -16.56
CA ASP B 20 15.72 4.42 -17.07
C ASP B 20 15.24 5.83 -17.40
N THR B 21 16.13 6.63 -17.97
CA THR B 21 15.80 8.00 -18.34
C THR B 21 16.43 8.38 -19.68
N GLN B 22 17.66 7.95 -19.89
CA GLN B 22 18.37 8.25 -21.13
C GLN B 22 18.24 7.10 -22.13
N ALA A 1 23.37 -6.59 -9.11
CA ALA A 1 24.11 -5.88 -8.04
C ALA A 1 23.23 -4.86 -7.35
N GLY A 2 21.97 -4.78 -7.78
CA GLY A 2 21.04 -3.84 -7.19
C GLY A 2 19.78 -3.66 -8.02
N ALA A 3 18.87 -4.63 -7.92
CA ALA A 3 17.62 -4.58 -8.66
C ALA A 3 16.46 -5.08 -7.83
N LYS A 4 15.39 -4.30 -7.76
CA LYS A 4 14.21 -4.66 -6.99
C LYS A 4 12.93 -4.26 -7.72
N ASN A 5 11.91 -5.11 -7.63
CA ASN A 5 10.63 -4.84 -8.28
C ASN A 5 9.48 -4.85 -7.29
N TYR A 6 8.88 -3.68 -7.09
CA TYR A 6 7.77 -3.55 -6.17
C TYR A 6 6.48 -4.01 -6.83
N GLN A 7 6.11 -5.27 -6.60
CA GLN A 7 4.90 -5.83 -7.18
C GLN A 7 3.72 -5.63 -6.23
N TYR A 8 2.83 -4.71 -6.59
CA TYR A 8 1.65 -4.42 -5.76
C TYR A 8 0.40 -4.29 -6.61
N VAL A 9 -0.74 -4.67 -6.03
CA VAL A 9 -2.03 -4.59 -6.71
C VAL A 9 -3.13 -4.24 -5.72
N MET A 10 -3.86 -3.17 -6.01
CA MET A 10 -4.96 -2.74 -5.14
C MET A 10 -6.31 -3.06 -5.75
N SER A 11 -7.29 -3.34 -4.89
CA SER A 11 -8.64 -3.64 -5.34
C SER A 11 -9.21 -2.46 -6.12
N GLU A 12 -9.63 -2.72 -7.35
CA GLU A 12 -10.16 -1.66 -8.20
C GLU A 12 -11.66 -1.44 -7.99
N GLN A 13 -11.99 -0.34 -7.32
CA GLN A 13 -13.38 0.02 -7.05
C GLN A 13 -13.55 1.53 -7.06
N PRO A 14 -14.40 2.07 -7.95
CA PRO A 14 -14.63 3.52 -8.05
C PRO A 14 -15.08 4.14 -6.73
N GLU A 15 -15.65 3.32 -5.85
CA GLU A 15 -16.13 3.80 -4.56
C GLU A 15 -14.99 3.86 -3.54
N MET A 16 -13.90 3.15 -3.80
CA MET A 16 -12.76 3.12 -2.89
C MET A 16 -11.61 3.98 -3.42
N ARG A 17 -11.89 4.79 -4.44
CA ARG A 17 -10.87 5.65 -5.04
C ARG A 17 -10.50 6.81 -4.11
N SER A 18 -11.44 7.20 -3.25
CA SER A 18 -11.23 8.30 -2.32
C SER A 18 -9.92 8.13 -1.54
N ILE A 19 -9.76 6.97 -0.91
CA ILE A 19 -8.56 6.68 -0.13
C ILE A 19 -7.61 5.75 -0.88
N GLN A 20 -7.81 5.64 -2.19
CA GLN A 20 -6.98 4.79 -3.03
C GLN A 20 -5.51 5.22 -2.95
N PRO A 21 -4.59 4.28 -2.64
CA PRO A 21 -3.17 4.58 -2.54
C PRO A 21 -2.54 4.84 -3.90
N VAL A 22 -1.86 5.98 -4.03
CA VAL A 22 -1.21 6.34 -5.29
C VAL A 22 -0.29 5.22 -5.75
N HIS A 23 0.82 5.04 -5.04
CA HIS A 23 1.79 4.00 -5.37
C HIS A 23 2.36 3.38 -4.09
N VAL A 24 2.92 2.19 -4.21
CA VAL A 24 3.51 1.51 -3.07
C VAL A 24 4.75 0.71 -3.46
N TRP A 25 5.83 0.93 -2.73
CA TRP A 25 7.09 0.23 -2.98
C TRP A 25 7.72 -0.24 -1.68
N ASP A 26 8.41 -1.37 -1.72
CA ASP A 26 9.05 -1.91 -0.52
C ASP A 26 10.54 -2.14 -0.73
N ASN A 27 11.26 -2.32 0.36
CA ASN A 27 12.70 -2.55 0.30
C ASN A 27 13.09 -3.71 1.22
N TYR A 28 14.38 -4.03 1.26
CA TYR A 28 14.87 -5.11 2.09
C TYR A 28 14.81 -4.73 3.57
N ARG A 29 14.81 -3.44 3.85
CA ARG A 29 14.77 -2.95 5.23
C ARG A 29 13.38 -2.46 5.61
N PHE A 30 12.95 -1.35 5.00
CA PHE A 30 11.65 -0.76 5.29
C PHE A 30 10.78 -0.66 4.03
N THR A 31 9.51 -0.32 4.23
CA THR A 31 8.57 -0.17 3.13
C THR A 31 7.88 1.19 3.20
N ARG A 32 7.62 1.78 2.05
CA ARG A 32 6.97 3.10 2.01
C ARG A 32 5.72 3.09 1.15
N PHE A 33 4.74 3.90 1.55
CA PHE A 33 3.47 4.03 0.83
C PHE A 33 3.22 5.47 0.43
N GLU A 34 3.01 5.72 -0.85
CA GLU A 34 2.77 7.07 -1.34
C GLU A 34 1.27 7.36 -1.47
N PHE A 35 0.83 8.42 -0.78
CA PHE A 35 -0.58 8.82 -0.81
C PHE A 35 -0.71 10.26 -1.28
N PRO A 36 -1.92 10.66 -1.74
CA PRO A 36 -2.18 12.02 -2.19
C PRO A 36 -1.88 13.06 -1.12
N ALA A 37 -1.73 14.32 -1.54
CA ALA A 37 -1.44 15.40 -0.60
C ALA A 37 -2.72 15.83 0.13
N ASN A 38 -3.86 15.66 -0.52
CA ASN A 38 -5.14 16.04 0.07
C ASN A 38 -5.69 14.92 0.93
N ALA A 39 -5.12 13.74 0.77
CA ALA A 39 -5.55 12.57 1.52
C ALA A 39 -5.20 12.70 3.00
N GLU A 40 -5.99 12.04 3.85
CA GLU A 40 -5.76 12.08 5.29
C GLU A 40 -4.82 10.96 5.72
N LEU A 41 -4.37 10.18 4.74
CA LEU A 41 -3.45 9.06 5.00
C LEU A 41 -4.10 8.01 5.91
N PRO A 42 -4.51 6.87 5.32
CA PRO A 42 -5.13 5.78 6.07
C PRO A 42 -4.11 4.88 6.77
N GLN A 43 -4.59 4.09 7.72
CA GLN A 43 -3.73 3.19 8.47
C GLN A 43 -3.59 1.85 7.73
N VAL A 44 -2.35 1.50 7.38
CA VAL A 44 -2.09 0.26 6.66
C VAL A 44 -1.81 -0.90 7.61
N TYR A 45 -2.71 -1.88 7.61
CA TYR A 45 -2.54 -3.06 8.46
C TYR A 45 -1.80 -4.16 7.71
N MET A 46 -1.54 -5.26 8.40
CA MET A 46 -0.84 -6.38 7.78
C MET A 46 -1.41 -7.71 8.27
N ILE A 47 -1.34 -8.72 7.41
CA ILE A 47 -1.86 -10.04 7.74
C ILE A 47 -0.76 -10.95 8.28
N SER A 48 -1.02 -11.56 9.43
CA SER A 48 -0.06 -12.47 10.05
C SER A 48 -0.77 -13.63 10.73
N ALA A 49 0.03 -14.52 11.34
CA ALA A 49 -0.51 -15.69 12.03
C ALA A 49 -1.26 -16.61 11.07
N SER A 50 -2.52 -16.29 10.81
CA SER A 50 -3.35 -17.09 9.92
C SER A 50 -4.35 -16.22 9.17
N GLY A 51 -4.51 -14.99 9.63
CA GLY A 51 -5.44 -14.06 9.00
C GLY A 51 -5.85 -12.94 9.93
N LYS A 52 -4.91 -12.45 10.72
CA LYS A 52 -5.19 -11.36 11.65
C LYS A 52 -4.63 -10.04 11.14
N GLU A 53 -5.39 -8.97 11.31
CA GLU A 53 -4.98 -7.64 10.86
C GLU A 53 -4.45 -6.81 12.02
N THR A 54 -3.16 -6.51 12.00
CA THR A 54 -2.54 -5.70 13.04
C THR A 54 -1.78 -4.53 12.43
N LEU A 55 -1.91 -3.36 13.05
CA LEU A 55 -1.24 -2.17 12.54
C LEU A 55 0.23 -2.13 12.99
N PRO A 56 1.16 -2.31 12.03
CA PRO A 56 2.59 -2.30 12.34
C PRO A 56 3.13 -0.89 12.57
N ASN A 57 4.30 -0.79 13.21
CA ASN A 57 4.91 0.49 13.50
C ASN A 57 5.28 1.22 12.20
N SER A 58 4.51 2.25 11.87
CA SER A 58 4.75 3.03 10.67
C SER A 58 5.12 4.47 11.01
N HIS A 59 5.49 5.24 9.98
CA HIS A 59 5.86 6.63 10.16
C HIS A 59 5.38 7.48 8.99
N VAL A 60 5.43 8.80 9.16
CA VAL A 60 5.00 9.71 8.10
C VAL A 60 6.17 10.54 7.57
N VAL A 61 6.30 10.59 6.24
CA VAL A 61 7.37 11.34 5.61
C VAL A 61 6.88 12.04 4.35
N GLY A 62 7.79 12.75 3.68
CA GLY A 62 7.43 13.45 2.46
C GLY A 62 7.44 14.96 2.64
N GLU A 63 7.41 15.68 1.53
CA GLU A 63 7.41 17.14 1.56
C GLU A 63 6.14 17.67 2.19
N ASN A 64 5.08 16.87 2.14
CA ASN A 64 3.79 17.26 2.71
C ASN A 64 3.29 16.20 3.68
N ARG A 65 4.18 15.30 4.09
CA ARG A 65 3.83 14.24 5.03
C ARG A 65 2.69 13.38 4.48
N ASN A 66 2.68 13.19 3.16
CA ASN A 66 1.65 12.39 2.52
C ASN A 66 2.13 10.96 2.26
N ILE A 67 3.18 10.55 2.98
CA ILE A 67 3.72 9.22 2.82
C ILE A 67 3.59 8.41 4.11
N ILE A 68 3.61 7.08 3.99
CA ILE A 68 3.50 6.21 5.14
C ILE A 68 4.50 5.06 5.05
N GLU A 69 5.59 5.14 5.80
CA GLU A 69 6.62 4.11 5.80
C GLU A 69 6.41 3.13 6.94
N VAL A 70 6.05 1.90 6.59
CA VAL A 70 5.84 0.85 7.59
C VAL A 70 7.12 0.08 7.86
N GLU A 71 7.41 -0.15 9.13
CA GLU A 71 8.62 -0.86 9.52
C GLU A 71 8.42 -2.37 9.44
N THR A 72 7.71 -2.82 8.41
CA THR A 72 7.46 -4.25 8.21
C THR A 72 7.12 -4.55 6.76
N VAL A 73 7.38 -5.80 6.35
CA VAL A 73 7.10 -6.23 4.99
C VAL A 73 6.17 -7.44 4.99
N ALA A 74 5.09 -7.34 4.23
CA ALA A 74 4.11 -8.43 4.15
C ALA A 74 3.61 -8.62 2.72
N LYS A 75 3.02 -9.79 2.46
CA LYS A 75 2.50 -10.09 1.14
C LYS A 75 1.05 -9.60 1.00
N GLU A 76 0.50 -9.07 2.09
CA GLU A 76 -0.86 -8.57 2.08
C GLU A 76 -0.99 -7.37 3.00
N TRP A 77 -1.47 -6.26 2.44
CA TRP A 77 -1.65 -5.02 3.20
C TRP A 77 -3.10 -4.56 3.15
N ARG A 78 -3.73 -4.47 4.31
CA ARG A 78 -5.12 -4.03 4.40
C ARG A 78 -5.21 -2.58 4.83
N ILE A 79 -5.49 -1.70 3.87
CA ILE A 79 -5.59 -0.27 4.16
C ILE A 79 -6.98 0.08 4.69
N ARG A 80 -7.05 0.52 5.94
CA ARG A 80 -8.31 0.87 6.56
C ARG A 80 -8.28 2.28 7.14
N LEU A 81 -9.38 3.00 7.01
CA LEU A 81 -9.49 4.36 7.53
C LEU A 81 -10.94 4.82 7.55
N GLY A 82 -11.41 5.24 8.71
CA GLY A 82 -12.78 5.70 8.84
C GLY A 82 -13.78 4.59 8.57
N ASP A 83 -14.55 4.74 7.49
CA ASP A 83 -15.56 3.74 7.12
C ASP A 83 -15.28 3.16 5.75
N LYS A 84 -14.04 3.29 5.29
CA LYS A 84 -13.66 2.77 3.97
C LYS A 84 -12.38 1.92 4.05
N VAL A 85 -12.32 0.88 3.23
CA VAL A 85 -11.17 -0.02 3.20
C VAL A 85 -10.73 -0.29 1.77
N VAL A 86 -9.44 -0.47 1.58
CA VAL A 86 -8.90 -0.76 0.27
C VAL A 86 -7.90 -1.91 0.35
N GLY A 87 -8.23 -3.04 -0.28
CA GLY A 87 -7.35 -4.19 -0.24
C GLY A 87 -6.14 -4.04 -1.13
N VAL A 88 -4.98 -4.41 -0.58
CA VAL A 88 -3.72 -4.34 -1.33
C VAL A 88 -2.91 -5.60 -1.11
N ARG A 89 -2.29 -6.09 -2.18
CA ARG A 89 -1.49 -7.31 -2.10
C ARG A 89 -0.13 -7.10 -2.77
N ASN A 90 0.82 -7.97 -2.44
CA ASN A 90 2.16 -7.89 -2.99
C ASN A 90 2.60 -9.24 -3.55
N ASN A 91 2.81 -9.30 -4.86
CA ASN A 91 3.24 -10.53 -5.51
C ASN A 91 4.73 -10.49 -5.82
N ASN A 92 5.54 -10.79 -4.83
CA ASN A 92 7.00 -10.79 -4.98
C ASN A 92 7.68 -11.16 -3.68
N PHE A 93 7.42 -10.38 -2.65
CA PHE A 93 7.99 -10.62 -1.33
C PHE A 93 9.52 -10.63 -1.39
N ALA A 94 10.14 -9.50 -1.05
CA ALA A 94 11.59 -9.38 -1.06
C ALA A 94 12.10 -8.79 0.25
N PRO A 95 12.22 -9.62 1.30
CA PRO A 95 12.71 -9.19 2.61
C PRO A 95 14.15 -8.69 2.55
N PRO B 1 -22.24 2.02 6.26
CA PRO B 1 -21.96 1.07 5.14
C PRO B 1 -20.51 0.62 5.15
N PRO B 2 -20.20 -0.52 5.80
CA PRO B 2 -18.84 -1.05 5.87
C PRO B 2 -18.25 -1.32 4.48
N PRO B 3 -16.94 -1.09 4.31
CA PRO B 3 -16.26 -1.31 3.04
C PRO B 3 -15.82 -2.76 2.86
N GLU B 4 -15.20 -3.05 1.72
CA GLU B 4 -14.72 -4.40 1.43
C GLU B 4 -14.07 -4.43 0.05
N PRO B 5 -12.80 -4.85 -0.04
CA PRO B 5 -12.09 -4.92 -1.31
C PRO B 5 -12.53 -6.14 -2.12
N ASP B 6 -13.33 -5.89 -3.15
CA ASP B 6 -13.86 -6.97 -3.98
C ASP B 6 -12.81 -7.47 -4.98
N TRP B 7 -11.72 -6.72 -5.13
CA TRP B 7 -10.67 -7.09 -6.07
C TRP B 7 -11.24 -7.28 -7.47
N SER B 8 -12.45 -6.78 -7.68
CA SER B 8 -13.14 -6.88 -8.97
C SER B 8 -12.14 -6.80 -10.12
N ASN B 9 -11.53 -5.64 -10.28
CA ASN B 9 -10.54 -5.45 -11.34
C ASN B 9 -9.16 -5.23 -10.74
N THR B 10 -8.72 -6.20 -9.93
CA THR B 10 -7.42 -6.13 -9.26
C THR B 10 -6.40 -5.36 -10.10
N VAL B 11 -6.29 -4.07 -9.81
CA VAL B 11 -5.35 -3.20 -10.50
C VAL B 11 -4.04 -3.16 -9.74
N PRO B 12 -2.95 -2.70 -10.37
CA PRO B 12 -1.64 -2.62 -9.71
C PRO B 12 -1.57 -1.44 -8.74
N VAL B 13 -0.35 -1.00 -8.42
CA VAL B 13 -0.16 0.11 -7.52
C VAL B 13 0.99 1.01 -7.97
N ASN B 14 2.04 0.38 -8.50
CA ASN B 14 3.21 1.11 -8.97
C ASN B 14 2.98 1.64 -10.38
N LYS B 15 1.96 1.11 -11.05
CA LYS B 15 1.63 1.53 -12.42
C LYS B 15 2.78 1.24 -13.38
N THR B 16 3.75 2.17 -13.42
CA THR B 16 4.90 2.01 -14.29
C THR B 16 6.02 1.26 -13.59
N ILE B 17 6.10 -0.05 -13.82
CA ILE B 17 7.14 -0.87 -13.20
C ILE B 17 8.50 -0.59 -13.82
N PRO B 18 9.50 -0.23 -12.99
CA PRO B 18 10.85 0.07 -13.47
C PRO B 18 11.67 -1.20 -13.70
N VAL B 19 11.75 -1.62 -14.96
CA VAL B 19 12.50 -2.81 -15.33
C VAL B 19 13.96 -2.48 -15.59
N ASP B 20 14.22 -1.23 -16.00
CA ASP B 20 15.57 -0.78 -16.30
C ASP B 20 16.19 -1.59 -17.43
N THR B 21 16.15 -1.04 -18.64
CA THR B 21 16.69 -1.72 -19.80
C THR B 21 17.92 -0.97 -20.34
N GLN B 22 18.06 0.29 -19.93
CA GLN B 22 19.18 1.11 -20.37
C GLN B 22 20.37 0.96 -19.42
#